data_5ZU6
# 
_entry.id   5ZU6 
# 
_audit_conform.dict_name       mmcif_pdbx.dic 
_audit_conform.dict_version    5.397 
_audit_conform.dict_location   http://mmcif.pdb.org/dictionaries/ascii/mmcif_pdbx.dic 
# 
loop_
_database_2.database_id 
_database_2.database_code 
_database_2.pdbx_database_accession 
_database_2.pdbx_DOI 
PDB   5ZU6         pdb_00005zu6 10.2210/pdb5zu6/pdb 
WWPDB D_1300007676 ?            ?                   
# 
loop_
_pdbx_audit_revision_history.ordinal 
_pdbx_audit_revision_history.data_content_type 
_pdbx_audit_revision_history.major_revision 
_pdbx_audit_revision_history.minor_revision 
_pdbx_audit_revision_history.revision_date 
1 'Structure model' 1 0 2018-06-20 
2 'Structure model' 1 1 2018-06-27 
3 'Structure model' 1 2 2023-11-22 
4 'Structure model' 1 3 2024-10-30 
# 
_pdbx_audit_revision_details.ordinal             1 
_pdbx_audit_revision_details.revision_ordinal    1 
_pdbx_audit_revision_details.data_content_type   'Structure model' 
_pdbx_audit_revision_details.provider            repository 
_pdbx_audit_revision_details.type                'Initial release' 
_pdbx_audit_revision_details.description         ? 
_pdbx_audit_revision_details.details             ? 
# 
loop_
_pdbx_audit_revision_group.ordinal 
_pdbx_audit_revision_group.revision_ordinal 
_pdbx_audit_revision_group.data_content_type 
_pdbx_audit_revision_group.group 
1 2 'Structure model' 'Data collection'        
2 2 'Structure model' 'Database references'    
3 3 'Structure model' 'Data collection'        
4 3 'Structure model' 'Database references'    
5 3 'Structure model' 'Refinement description' 
6 4 'Structure model' 'Structure summary'      
# 
loop_
_pdbx_audit_revision_category.ordinal 
_pdbx_audit_revision_category.revision_ordinal 
_pdbx_audit_revision_category.data_content_type 
_pdbx_audit_revision_category.category 
1 2 'Structure model' citation                      
2 3 'Structure model' chem_comp_atom                
3 3 'Structure model' chem_comp_bond                
4 3 'Structure model' database_2                    
5 3 'Structure model' pdbx_initial_refinement_model 
6 4 'Structure model' pdbx_entry_details            
7 4 'Structure model' pdbx_modification_feature     
# 
loop_
_pdbx_audit_revision_item.ordinal 
_pdbx_audit_revision_item.revision_ordinal 
_pdbx_audit_revision_item.data_content_type 
_pdbx_audit_revision_item.item 
1 2 'Structure model' '_citation.journal_volume'            
2 2 'Structure model' '_citation.page_first'                
3 2 'Structure model' '_citation.page_last'                 
4 3 'Structure model' '_database_2.pdbx_DOI'                
5 3 'Structure model' '_database_2.pdbx_database_accession' 
# 
_pdbx_database_status.status_code                     REL 
_pdbx_database_status.status_code_sf                  REL 
_pdbx_database_status.status_code_mr                  ? 
_pdbx_database_status.entry_id                        5ZU6 
_pdbx_database_status.recvd_initial_deposition_date   2018-05-07 
_pdbx_database_status.SG_entry                        N 
_pdbx_database_status.deposit_site                    PDBJ 
_pdbx_database_status.process_site                    PDBJ 
_pdbx_database_status.status_code_cs                  ? 
_pdbx_database_status.methods_development_category    ? 
_pdbx_database_status.pdb_format_compatible           Y 
_pdbx_database_status.status_code_nmr_data            ? 
# 
loop_
_audit_author.name 
_audit_author.pdbx_ordinal 
_audit_author.identifier_ORCID 
'Liu, W.'   1 ? 
'Lyu, Q.'   2 ? 
'Zhang, K.' 3 ? 
# 
_citation.abstract                  ? 
_citation.abstract_id_CAS           ? 
_citation.book_id_ISBN              ? 
_citation.book_publisher            ? 
_citation.book_publisher_city       ? 
_citation.book_title                ? 
_citation.coordinate_linkage        ? 
_citation.country                   NE 
_citation.database_id_Medline       ? 
_citation.details                   ? 
_citation.id                        primary 
_citation.journal_abbrev            'Biochim. Biophys. Acta' 
_citation.journal_id_ASTM           BBACAQ 
_citation.journal_id_CSD            0113 
_citation.journal_id_ISSN           0006-3002 
_citation.journal_full              ? 
_citation.journal_issue             ? 
_citation.journal_volume            1862 
_citation.language                  ? 
_citation.page_first                1862 
_citation.page_last                 1869 
_citation.title                     
'Structural and biochemical characterization of a multidomain alginate lyase reveals a novel role of CBM32 in CAZymes' 
_citation.year                      2018 
_citation.database_id_CSD           ? 
_citation.pdbx_database_id_DOI      10.1016/j.bbagen.2018.05.024 
_citation.pdbx_database_id_PubMed   29864445 
_citation.unpublished_flag          ? 
# 
loop_
_citation_author.citation_id 
_citation_author.name 
_citation_author.ordinal 
_citation_author.identifier_ORCID 
primary 'Lyu, Q.'    1  ? 
primary 'Zhang, K.'  2  ? 
primary 'Zhu, Q.'    3  ? 
primary 'Li, Z.'     4  ? 
primary 'Liu, Y.'    5  ? 
primary 'Fitzek, E.' 6  ? 
primary 'Yohe, T.'   7  ? 
primary 'Zhao, L.'   8  ? 
primary 'Li, W.'     9  ? 
primary 'Liu, T.'    10 ? 
primary 'Yin, Y.'    11 ? 
primary 'Liu, W.'    12 ? 
# 
loop_
_entity.id 
_entity.type 
_entity.src_method 
_entity.pdbx_description 
_entity.formula_weight 
_entity.pdbx_number_of_molecules 
_entity.pdbx_ec 
_entity.pdbx_mutation 
_entity.pdbx_fragment 
_entity.details 
1 polymer     man 'CBM32 domain' 18346.881 1   ? ? ? ? 
2 non-polymer syn 'SODIUM ION'   22.990    1   ? ? ? ? 
3 water       nat water          18.015    214 ? ? ? ? 
# 
_entity_poly.entity_id                      1 
_entity_poly.type                           'polypeptide(L)' 
_entity_poly.nstd_linkage                   no 
_entity_poly.nstd_monomer                   no 
_entity_poly.pdbx_seq_one_letter_code       
;GPPDLGTDDDDKAMADIASDFPNNKETGEALLTPVDATASSHDGNGPDRLIDQDLTTRWSSAGDGEWAMLDYGSVQEFDA
VQASFSKGNERQSKFDIQVSVDGETWTTVLENQLSSGKAIGLERFQFEPAVKARYVRYVGHGNTKNGWNSVTGLAAVNCS
INACPASQIIT
;
_entity_poly.pdbx_seq_one_letter_code_can   
;GPPDLGTDDDDKAMADIASDFPNNKETGEALLTPVDATASSHDGNGPDRLIDQDLTTRWSSAGDGEWAMLDYGSVQEFDA
VQASFSKGNERQSKFDIQVSVDGETWTTVLENQLSSGKAIGLERFQFEPAVKARYVRYVGHGNTKNGWNSVTGLAAVNCS
INACPASQIIT
;
_entity_poly.pdbx_strand_id                 A 
_entity_poly.pdbx_target_identifier         ? 
# 
loop_
_pdbx_entity_nonpoly.entity_id 
_pdbx_entity_nonpoly.name 
_pdbx_entity_nonpoly.comp_id 
2 'SODIUM ION' NA  
3 water        HOH 
# 
loop_
_entity_poly_seq.entity_id 
_entity_poly_seq.num 
_entity_poly_seq.mon_id 
_entity_poly_seq.hetero 
1 1   GLY n 
1 2   PRO n 
1 3   PRO n 
1 4   ASP n 
1 5   LEU n 
1 6   GLY n 
1 7   THR n 
1 8   ASP n 
1 9   ASP n 
1 10  ASP n 
1 11  ASP n 
1 12  LYS n 
1 13  ALA n 
1 14  MET n 
1 15  ALA n 
1 16  ASP n 
1 17  ILE n 
1 18  ALA n 
1 19  SER n 
1 20  ASP n 
1 21  PHE n 
1 22  PRO n 
1 23  ASN n 
1 24  ASN n 
1 25  LYS n 
1 26  GLU n 
1 27  THR n 
1 28  GLY n 
1 29  GLU n 
1 30  ALA n 
1 31  LEU n 
1 32  LEU n 
1 33  THR n 
1 34  PRO n 
1 35  VAL n 
1 36  ASP n 
1 37  ALA n 
1 38  THR n 
1 39  ALA n 
1 40  SER n 
1 41  SER n 
1 42  HIS n 
1 43  ASP n 
1 44  GLY n 
1 45  ASN n 
1 46  GLY n 
1 47  PRO n 
1 48  ASP n 
1 49  ARG n 
1 50  LEU n 
1 51  ILE n 
1 52  ASP n 
1 53  GLN n 
1 54  ASP n 
1 55  LEU n 
1 56  THR n 
1 57  THR n 
1 58  ARG n 
1 59  TRP n 
1 60  SER n 
1 61  SER n 
1 62  ALA n 
1 63  GLY n 
1 64  ASP n 
1 65  GLY n 
1 66  GLU n 
1 67  TRP n 
1 68  ALA n 
1 69  MET n 
1 70  LEU n 
1 71  ASP n 
1 72  TYR n 
1 73  GLY n 
1 74  SER n 
1 75  VAL n 
1 76  GLN n 
1 77  GLU n 
1 78  PHE n 
1 79  ASP n 
1 80  ALA n 
1 81  VAL n 
1 82  GLN n 
1 83  ALA n 
1 84  SER n 
1 85  PHE n 
1 86  SER n 
1 87  LYS n 
1 88  GLY n 
1 89  ASN n 
1 90  GLU n 
1 91  ARG n 
1 92  GLN n 
1 93  SER n 
1 94  LYS n 
1 95  PHE n 
1 96  ASP n 
1 97  ILE n 
1 98  GLN n 
1 99  VAL n 
1 100 SER n 
1 101 VAL n 
1 102 ASP n 
1 103 GLY n 
1 104 GLU n 
1 105 THR n 
1 106 TRP n 
1 107 THR n 
1 108 THR n 
1 109 VAL n 
1 110 LEU n 
1 111 GLU n 
1 112 ASN n 
1 113 GLN n 
1 114 LEU n 
1 115 SER n 
1 116 SER n 
1 117 GLY n 
1 118 LYS n 
1 119 ALA n 
1 120 ILE n 
1 121 GLY n 
1 122 LEU n 
1 123 GLU n 
1 124 ARG n 
1 125 PHE n 
1 126 GLN n 
1 127 PHE n 
1 128 GLU n 
1 129 PRO n 
1 130 ALA n 
1 131 VAL n 
1 132 LYS n 
1 133 ALA n 
1 134 ARG n 
1 135 TYR n 
1 136 VAL n 
1 137 ARG n 
1 138 TYR n 
1 139 VAL n 
1 140 GLY n 
1 141 HIS n 
1 142 GLY n 
1 143 ASN n 
1 144 THR n 
1 145 LYS n 
1 146 ASN n 
1 147 GLY n 
1 148 TRP n 
1 149 ASN n 
1 150 SER n 
1 151 VAL n 
1 152 THR n 
1 153 GLY n 
1 154 LEU n 
1 155 ALA n 
1 156 ALA n 
1 157 VAL n 
1 158 ASN n 
1 159 CYS n 
1 160 SER n 
1 161 ILE n 
1 162 ASN n 
1 163 ALA n 
1 164 CYS n 
1 165 PRO n 
1 166 ALA n 
1 167 SER n 
1 168 GLN n 
1 169 ILE n 
1 170 ILE n 
1 171 THR n 
# 
_entity_src_gen.entity_id                          1 
_entity_src_gen.pdbx_src_id                        1 
_entity_src_gen.pdbx_alt_source_flag               sample 
_entity_src_gen.pdbx_seq_type                      'Biological sequence' 
_entity_src_gen.pdbx_beg_seq_num                   1 
_entity_src_gen.pdbx_end_seq_num                   171 
_entity_src_gen.gene_src_common_name               ? 
_entity_src_gen.gene_src_genus                     ? 
_entity_src_gen.pdbx_gene_src_gene                 ? 
_entity_src_gen.gene_src_species                   ? 
_entity_src_gen.gene_src_strain                    ? 
_entity_src_gen.gene_src_tissue                    ? 
_entity_src_gen.gene_src_tissue_fraction           ? 
_entity_src_gen.gene_src_details                   ? 
_entity_src_gen.pdbx_gene_src_fragment             ? 
_entity_src_gen.pdbx_gene_src_scientific_name      Vibrio 
_entity_src_gen.pdbx_gene_src_ncbi_taxonomy_id     662 
_entity_src_gen.pdbx_gene_src_variant              ? 
_entity_src_gen.pdbx_gene_src_cell_line            ? 
_entity_src_gen.pdbx_gene_src_atcc                 ? 
_entity_src_gen.pdbx_gene_src_organ                ? 
_entity_src_gen.pdbx_gene_src_organelle            ? 
_entity_src_gen.pdbx_gene_src_cell                 ? 
_entity_src_gen.pdbx_gene_src_cellular_location    ? 
_entity_src_gen.host_org_common_name               ? 
_entity_src_gen.pdbx_host_org_scientific_name      'Escherichia coli' 
_entity_src_gen.pdbx_host_org_ncbi_taxonomy_id     562 
_entity_src_gen.host_org_genus                     ? 
_entity_src_gen.pdbx_host_org_gene                 ? 
_entity_src_gen.pdbx_host_org_organ                ? 
_entity_src_gen.host_org_species                   ? 
_entity_src_gen.pdbx_host_org_tissue               ? 
_entity_src_gen.pdbx_host_org_tissue_fraction      ? 
_entity_src_gen.pdbx_host_org_strain               ? 
_entity_src_gen.pdbx_host_org_variant              ? 
_entity_src_gen.pdbx_host_org_cell_line            ? 
_entity_src_gen.pdbx_host_org_atcc                 ? 
_entity_src_gen.pdbx_host_org_culture_collection   ? 
_entity_src_gen.pdbx_host_org_cell                 ? 
_entity_src_gen.pdbx_host_org_organelle            ? 
_entity_src_gen.pdbx_host_org_cellular_location    ? 
_entity_src_gen.pdbx_host_org_vector_type          ? 
_entity_src_gen.pdbx_host_org_vector               ? 
_entity_src_gen.host_org_details                   ? 
_entity_src_gen.expression_system_id               ? 
_entity_src_gen.plasmid_name                       ? 
_entity_src_gen.plasmid_details                    ? 
_entity_src_gen.pdbx_description                   ? 
# 
loop_
_chem_comp.id 
_chem_comp.type 
_chem_comp.mon_nstd_flag 
_chem_comp.name 
_chem_comp.pdbx_synonyms 
_chem_comp.formula 
_chem_comp.formula_weight 
ALA 'L-peptide linking' y ALANINE         ? 'C3 H7 N O2'     89.093  
ARG 'L-peptide linking' y ARGININE        ? 'C6 H15 N4 O2 1' 175.209 
ASN 'L-peptide linking' y ASPARAGINE      ? 'C4 H8 N2 O3'    132.118 
ASP 'L-peptide linking' y 'ASPARTIC ACID' ? 'C4 H7 N O4'     133.103 
CYS 'L-peptide linking' y CYSTEINE        ? 'C3 H7 N O2 S'   121.158 
GLN 'L-peptide linking' y GLUTAMINE       ? 'C5 H10 N2 O3'   146.144 
GLU 'L-peptide linking' y 'GLUTAMIC ACID' ? 'C5 H9 N O4'     147.129 
GLY 'peptide linking'   y GLYCINE         ? 'C2 H5 N O2'     75.067  
HIS 'L-peptide linking' y HISTIDINE       ? 'C6 H10 N3 O2 1' 156.162 
HOH non-polymer         . WATER           ? 'H2 O'           18.015  
ILE 'L-peptide linking' y ISOLEUCINE      ? 'C6 H13 N O2'    131.173 
LEU 'L-peptide linking' y LEUCINE         ? 'C6 H13 N O2'    131.173 
LYS 'L-peptide linking' y LYSINE          ? 'C6 H15 N2 O2 1' 147.195 
MET 'L-peptide linking' y METHIONINE      ? 'C5 H11 N O2 S'  149.211 
NA  non-polymer         . 'SODIUM ION'    ? 'Na 1'           22.990  
PHE 'L-peptide linking' y PHENYLALANINE   ? 'C9 H11 N O2'    165.189 
PRO 'L-peptide linking' y PROLINE         ? 'C5 H9 N O2'     115.130 
SER 'L-peptide linking' y SERINE          ? 'C3 H7 N O3'     105.093 
THR 'L-peptide linking' y THREONINE       ? 'C4 H9 N O3'     119.119 
TRP 'L-peptide linking' y TRYPTOPHAN      ? 'C11 H12 N2 O2'  204.225 
TYR 'L-peptide linking' y TYROSINE        ? 'C9 H11 N O3'    181.189 
VAL 'L-peptide linking' y VALINE          ? 'C5 H11 N O2'    117.146 
# 
loop_
_pdbx_poly_seq_scheme.asym_id 
_pdbx_poly_seq_scheme.entity_id 
_pdbx_poly_seq_scheme.seq_id 
_pdbx_poly_seq_scheme.mon_id 
_pdbx_poly_seq_scheme.ndb_seq_num 
_pdbx_poly_seq_scheme.pdb_seq_num 
_pdbx_poly_seq_scheme.auth_seq_num 
_pdbx_poly_seq_scheme.pdb_mon_id 
_pdbx_poly_seq_scheme.auth_mon_id 
_pdbx_poly_seq_scheme.pdb_strand_id 
_pdbx_poly_seq_scheme.pdb_ins_code 
_pdbx_poly_seq_scheme.hetero 
A 1 1   GLY 1   -18 ?   ?   ?   A . n 
A 1 2   PRO 2   -17 ?   ?   ?   A . n 
A 1 3   PRO 3   -16 ?   ?   ?   A . n 
A 1 4   ASP 4   -15 ?   ?   ?   A . n 
A 1 5   LEU 5   -14 ?   ?   ?   A . n 
A 1 6   GLY 6   -13 ?   ?   ?   A . n 
A 1 7   THR 7   -12 ?   ?   ?   A . n 
A 1 8   ASP 8   -11 ?   ?   ?   A . n 
A 1 9   ASP 9   -10 ?   ?   ?   A . n 
A 1 10  ASP 10  -9  ?   ?   ?   A . n 
A 1 11  ASP 11  -8  ?   ?   ?   A . n 
A 1 12  LYS 12  -7  ?   ?   ?   A . n 
A 1 13  ALA 13  -6  ?   ?   ?   A . n 
A 1 14  MET 14  -5  ?   ?   ?   A . n 
A 1 15  ALA 15  -4  ?   ?   ?   A . n 
A 1 16  ASP 16  -3  ?   ?   ?   A . n 
A 1 17  ILE 17  -2  ?   ?   ?   A . n 
A 1 18  ALA 18  -1  ?   ?   ?   A . n 
A 1 19  SER 19  0   ?   ?   ?   A . n 
A 1 20  ASP 20  1   1   ASP ASP A . n 
A 1 21  PHE 21  2   2   PHE PHE A . n 
A 1 22  PRO 22  3   3   PRO PRO A . n 
A 1 23  ASN 23  4   4   ASN ASN A . n 
A 1 24  ASN 24  5   5   ASN ASN A . n 
A 1 25  LYS 25  6   6   LYS LYS A . n 
A 1 26  GLU 26  7   7   GLU GLU A . n 
A 1 27  THR 27  8   8   THR THR A . n 
A 1 28  GLY 28  9   9   GLY GLY A . n 
A 1 29  GLU 29  10  10  GLU GLU A . n 
A 1 30  ALA 30  11  11  ALA ALA A . n 
A 1 31  LEU 31  12  12  LEU LEU A . n 
A 1 32  LEU 32  13  13  LEU LEU A . n 
A 1 33  THR 33  14  14  THR THR A . n 
A 1 34  PRO 34  15  15  PRO PRO A . n 
A 1 35  VAL 35  16  16  VAL VAL A . n 
A 1 36  ASP 36  17  17  ASP ASP A . n 
A 1 37  ALA 37  18  18  ALA ALA A . n 
A 1 38  THR 38  19  19  THR THR A . n 
A 1 39  ALA 39  20  20  ALA ALA A . n 
A 1 40  SER 40  21  21  SER SER A . n 
A 1 41  SER 41  22  22  SER SER A . n 
A 1 42  HIS 42  23  23  HIS HIS A . n 
A 1 43  ASP 43  24  24  ASP ASP A . n 
A 1 44  GLY 44  25  25  GLY GLY A . n 
A 1 45  ASN 45  26  26  ASN ASN A . n 
A 1 46  GLY 46  27  27  GLY GLY A . n 
A 1 47  PRO 47  28  28  PRO PRO A . n 
A 1 48  ASP 48  29  29  ASP ASP A . n 
A 1 49  ARG 49  30  30  ARG ARG A . n 
A 1 50  LEU 50  31  31  LEU LEU A . n 
A 1 51  ILE 51  32  32  ILE ILE A . n 
A 1 52  ASP 52  33  33  ASP ASP A . n 
A 1 53  GLN 53  34  34  GLN GLN A . n 
A 1 54  ASP 54  35  35  ASP ASP A . n 
A 1 55  LEU 55  36  36  LEU LEU A . n 
A 1 56  THR 56  37  37  THR THR A . n 
A 1 57  THR 57  38  38  THR THR A . n 
A 1 58  ARG 58  39  39  ARG ARG A . n 
A 1 59  TRP 59  40  40  TRP TRP A . n 
A 1 60  SER 60  41  41  SER SER A . n 
A 1 61  SER 61  42  42  SER SER A . n 
A 1 62  ALA 62  43  43  ALA ALA A . n 
A 1 63  GLY 63  44  44  GLY GLY A . n 
A 1 64  ASP 64  45  45  ASP ASP A . n 
A 1 65  GLY 65  46  46  GLY GLY A . n 
A 1 66  GLU 66  47  47  GLU GLU A . n 
A 1 67  TRP 67  48  48  TRP TRP A . n 
A 1 68  ALA 68  49  49  ALA ALA A . n 
A 1 69  MET 69  50  50  MET MET A . n 
A 1 70  LEU 70  51  51  LEU LEU A . n 
A 1 71  ASP 71  52  52  ASP ASP A . n 
A 1 72  TYR 72  53  53  TYR TYR A . n 
A 1 73  GLY 73  54  54  GLY GLY A . n 
A 1 74  SER 74  55  55  SER SER A . n 
A 1 75  VAL 75  56  56  VAL VAL A . n 
A 1 76  GLN 76  57  57  GLN GLN A . n 
A 1 77  GLU 77  58  58  GLU GLU A . n 
A 1 78  PHE 78  59  59  PHE PHE A . n 
A 1 79  ASP 79  60  60  ASP ASP A . n 
A 1 80  ALA 80  61  61  ALA ALA A . n 
A 1 81  VAL 81  62  62  VAL VAL A . n 
A 1 82  GLN 82  63  63  GLN GLN A . n 
A 1 83  ALA 83  64  64  ALA ALA A . n 
A 1 84  SER 84  65  65  SER SER A . n 
A 1 85  PHE 85  66  66  PHE PHE A . n 
A 1 86  SER 86  67  67  SER SER A . n 
A 1 87  LYS 87  68  68  LYS LYS A . n 
A 1 88  GLY 88  69  69  GLY GLY A . n 
A 1 89  ASN 89  70  70  ASN ASN A . n 
A 1 90  GLU 90  71  71  GLU GLU A . n 
A 1 91  ARG 91  72  72  ARG ARG A . n 
A 1 92  GLN 92  73  73  GLN GLN A . n 
A 1 93  SER 93  74  74  SER SER A . n 
A 1 94  LYS 94  75  75  LYS LYS A . n 
A 1 95  PHE 95  76  76  PHE PHE A . n 
A 1 96  ASP 96  77  77  ASP ASP A . n 
A 1 97  ILE 97  78  78  ILE ILE A . n 
A 1 98  GLN 98  79  79  GLN GLN A . n 
A 1 99  VAL 99  80  80  VAL VAL A . n 
A 1 100 SER 100 81  81  SER SER A . n 
A 1 101 VAL 101 82  82  VAL VAL A . n 
A 1 102 ASP 102 83  83  ASP ASP A . n 
A 1 103 GLY 103 84  84  GLY GLY A . n 
A 1 104 GLU 104 85  85  GLU GLU A . n 
A 1 105 THR 105 86  86  THR THR A . n 
A 1 106 TRP 106 87  87  TRP TRP A . n 
A 1 107 THR 107 88  88  THR THR A . n 
A 1 108 THR 108 89  89  THR THR A . n 
A 1 109 VAL 109 90  90  VAL VAL A . n 
A 1 110 LEU 110 91  91  LEU LEU A . n 
A 1 111 GLU 111 92  92  GLU GLU A . n 
A 1 112 ASN 112 93  93  ASN ASN A . n 
A 1 113 GLN 113 94  94  GLN GLN A . n 
A 1 114 LEU 114 95  95  LEU LEU A . n 
A 1 115 SER 115 96  96  SER SER A . n 
A 1 116 SER 116 97  97  SER SER A . n 
A 1 117 GLY 117 98  98  GLY GLY A . n 
A 1 118 LYS 118 99  99  LYS LYS A . n 
A 1 119 ALA 119 100 100 ALA ALA A . n 
A 1 120 ILE 120 101 101 ILE ILE A . n 
A 1 121 GLY 121 102 102 GLY GLY A . n 
A 1 122 LEU 122 103 103 LEU LEU A . n 
A 1 123 GLU 123 104 104 GLU GLU A . n 
A 1 124 ARG 124 105 105 ARG ARG A . n 
A 1 125 PHE 125 106 106 PHE PHE A . n 
A 1 126 GLN 126 107 107 GLN GLN A . n 
A 1 127 PHE 127 108 108 PHE PHE A . n 
A 1 128 GLU 128 109 109 GLU GLU A . n 
A 1 129 PRO 129 110 110 PRO PRO A . n 
A 1 130 ALA 130 111 111 ALA ALA A . n 
A 1 131 VAL 131 112 112 VAL VAL A . n 
A 1 132 LYS 132 113 113 LYS LYS A . n 
A 1 133 ALA 133 114 114 ALA ALA A . n 
A 1 134 ARG 134 115 115 ARG ARG A . n 
A 1 135 TYR 135 116 116 TYR TYR A . n 
A 1 136 VAL 136 117 117 VAL VAL A . n 
A 1 137 ARG 137 118 118 ARG ARG A . n 
A 1 138 TYR 138 119 119 TYR TYR A . n 
A 1 139 VAL 139 120 120 VAL VAL A . n 
A 1 140 GLY 140 121 121 GLY GLY A . n 
A 1 141 HIS 141 122 122 HIS HIS A . n 
A 1 142 GLY 142 123 123 GLY GLY A . n 
A 1 143 ASN 143 124 124 ASN ASN A . n 
A 1 144 THR 144 125 125 THR THR A . n 
A 1 145 LYS 145 126 126 LYS LYS A . n 
A 1 146 ASN 146 127 127 ASN ASN A . n 
A 1 147 GLY 147 128 128 GLY GLY A . n 
A 1 148 TRP 148 129 129 TRP TRP A . n 
A 1 149 ASN 149 130 130 ASN ASN A . n 
A 1 150 SER 150 131 131 SER SER A . n 
A 1 151 VAL 151 132 132 VAL VAL A . n 
A 1 152 THR 152 133 133 THR THR A . n 
A 1 153 GLY 153 134 134 GLY GLY A . n 
A 1 154 LEU 154 135 135 LEU LEU A . n 
A 1 155 ALA 155 136 136 ALA ALA A . n 
A 1 156 ALA 156 137 137 ALA ALA A . n 
A 1 157 VAL 157 138 138 VAL VAL A . n 
A 1 158 ASN 158 139 139 ASN ASN A . n 
A 1 159 CYS 159 140 140 CYS CYS A . n 
A 1 160 SER 160 141 141 SER SER A . n 
A 1 161 ILE 161 142 142 ILE ILE A . n 
A 1 162 ASN 162 143 143 ASN ASN A . n 
A 1 163 ALA 163 144 144 ALA ALA A . n 
A 1 164 CYS 164 145 145 CYS CYS A . n 
A 1 165 PRO 165 146 146 PRO PRO A . n 
A 1 166 ALA 166 147 147 ALA ALA A . n 
A 1 167 SER 167 148 148 SER SER A . n 
A 1 168 GLN 168 149 149 GLN GLN A . n 
A 1 169 ILE 169 150 150 ILE ILE A . n 
A 1 170 ILE 170 151 151 ILE ILE A . n 
A 1 171 THR 171 152 152 THR ALA A . n 
# 
loop_
_pdbx_nonpoly_scheme.asym_id 
_pdbx_nonpoly_scheme.entity_id 
_pdbx_nonpoly_scheme.mon_id 
_pdbx_nonpoly_scheme.ndb_seq_num 
_pdbx_nonpoly_scheme.pdb_seq_num 
_pdbx_nonpoly_scheme.auth_seq_num 
_pdbx_nonpoly_scheme.pdb_mon_id 
_pdbx_nonpoly_scheme.auth_mon_id 
_pdbx_nonpoly_scheme.pdb_strand_id 
_pdbx_nonpoly_scheme.pdb_ins_code 
B 2 NA  1   201 1   NA  NA  A . 
C 3 HOH 1   301 120 HOH HOH A . 
C 3 HOH 2   302 190 HOH HOH A . 
C 3 HOH 3   303 131 HOH HOH A . 
C 3 HOH 4   304 140 HOH HOH A . 
C 3 HOH 5   305 168 HOH HOH A . 
C 3 HOH 6   306 68  HOH HOH A . 
C 3 HOH 7   307 157 HOH HOH A . 
C 3 HOH 8   308 142 HOH HOH A . 
C 3 HOH 9   309 119 HOH HOH A . 
C 3 HOH 10  310 89  HOH HOH A . 
C 3 HOH 11  311 173 HOH HOH A . 
C 3 HOH 12  312 145 HOH HOH A . 
C 3 HOH 13  313 15  HOH HOH A . 
C 3 HOH 14  314 12  HOH HOH A . 
C 3 HOH 15  315 188 HOH HOH A . 
C 3 HOH 16  316 146 HOH HOH A . 
C 3 HOH 17  317 33  HOH HOH A . 
C 3 HOH 18  318 222 HOH HOH A . 
C 3 HOH 19  319 38  HOH HOH A . 
C 3 HOH 20  320 164 HOH HOH A . 
C 3 HOH 21  321 19  HOH HOH A . 
C 3 HOH 22  322 196 HOH HOH A . 
C 3 HOH 23  323 3   HOH HOH A . 
C 3 HOH 24  324 54  HOH HOH A . 
C 3 HOH 25  325 151 HOH HOH A . 
C 3 HOH 26  326 97  HOH HOH A . 
C 3 HOH 27  327 99  HOH HOH A . 
C 3 HOH 28  328 246 HOH HOH A . 
C 3 HOH 29  329 14  HOH HOH A . 
C 3 HOH 30  330 148 HOH HOH A . 
C 3 HOH 31  331 94  HOH HOH A . 
C 3 HOH 32  332 63  HOH HOH A . 
C 3 HOH 33  333 191 HOH HOH A . 
C 3 HOH 34  334 40  HOH HOH A . 
C 3 HOH 35  335 175 HOH HOH A . 
C 3 HOH 36  336 69  HOH HOH A . 
C 3 HOH 37  337 249 HOH HOH A . 
C 3 HOH 38  338 134 HOH HOH A . 
C 3 HOH 39  339 30  HOH HOH A . 
C 3 HOH 40  340 202 HOH HOH A . 
C 3 HOH 41  341 125 HOH HOH A . 
C 3 HOH 42  342 50  HOH HOH A . 
C 3 HOH 43  343 100 HOH HOH A . 
C 3 HOH 44  344 53  HOH HOH A . 
C 3 HOH 45  345 8   HOH HOH A . 
C 3 HOH 46  346 9   HOH HOH A . 
C 3 HOH 47  347 35  HOH HOH A . 
C 3 HOH 48  348 11  HOH HOH A . 
C 3 HOH 49  349 41  HOH HOH A . 
C 3 HOH 50  350 124 HOH HOH A . 
C 3 HOH 51  351 49  HOH HOH A . 
C 3 HOH 52  352 240 HOH HOH A . 
C 3 HOH 53  353 223 HOH HOH A . 
C 3 HOH 54  354 193 HOH HOH A . 
C 3 HOH 55  355 248 HOH HOH A . 
C 3 HOH 56  356 84  HOH HOH A . 
C 3 HOH 57  357 237 HOH HOH A . 
C 3 HOH 58  358 44  HOH HOH A . 
C 3 HOH 59  359 251 HOH HOH A . 
C 3 HOH 60  360 1   HOH HOH A . 
C 3 HOH 61  361 227 HOH HOH A . 
C 3 HOH 62  362 20  HOH HOH A . 
C 3 HOH 63  363 7   HOH HOH A . 
C 3 HOH 64  364 45  HOH HOH A . 
C 3 HOH 65  365 64  HOH HOH A . 
C 3 HOH 66  366 47  HOH HOH A . 
C 3 HOH 67  367 103 HOH HOH A . 
C 3 HOH 68  368 25  HOH HOH A . 
C 3 HOH 69  369 13  HOH HOH A . 
C 3 HOH 70  370 132 HOH HOH A . 
C 3 HOH 71  371 10  HOH HOH A . 
C 3 HOH 72  372 95  HOH HOH A . 
C 3 HOH 73  373 247 HOH HOH A . 
C 3 HOH 74  374 177 HOH HOH A . 
C 3 HOH 75  375 46  HOH HOH A . 
C 3 HOH 76  376 228 HOH HOH A . 
C 3 HOH 77  377 232 HOH HOH A . 
C 3 HOH 78  378 29  HOH HOH A . 
C 3 HOH 79  379 179 HOH HOH A . 
C 3 HOH 80  380 72  HOH HOH A . 
C 3 HOH 81  381 56  HOH HOH A . 
C 3 HOH 82  382 59  HOH HOH A . 
C 3 HOH 83  383 135 HOH HOH A . 
C 3 HOH 84  384 39  HOH HOH A . 
C 3 HOH 85  385 67  HOH HOH A . 
C 3 HOH 86  386 122 HOH HOH A . 
C 3 HOH 87  387 21  HOH HOH A . 
C 3 HOH 88  388 96  HOH HOH A . 
C 3 HOH 89  389 2   HOH HOH A . 
C 3 HOH 90  390 78  HOH HOH A . 
C 3 HOH 91  391 34  HOH HOH A . 
C 3 HOH 92  392 66  HOH HOH A . 
C 3 HOH 93  393 153 HOH HOH A . 
C 3 HOH 94  394 88  HOH HOH A . 
C 3 HOH 95  395 87  HOH HOH A . 
C 3 HOH 96  396 93  HOH HOH A . 
C 3 HOH 97  397 85  HOH HOH A . 
C 3 HOH 98  398 106 HOH HOH A . 
C 3 HOH 99  399 24  HOH HOH A . 
C 3 HOH 100 400 235 HOH HOH A . 
C 3 HOH 101 401 152 HOH HOH A . 
C 3 HOH 102 402 70  HOH HOH A . 
C 3 HOH 103 403 143 HOH HOH A . 
C 3 HOH 104 404 28  HOH HOH A . 
C 3 HOH 105 405 6   HOH HOH A . 
C 3 HOH 106 406 144 HOH HOH A . 
C 3 HOH 107 407 76  HOH HOH A . 
C 3 HOH 108 408 219 HOH HOH A . 
C 3 HOH 109 409 127 HOH HOH A . 
C 3 HOH 110 410 58  HOH HOH A . 
C 3 HOH 111 411 213 HOH HOH A . 
C 3 HOH 112 412 165 HOH HOH A . 
C 3 HOH 113 413 194 HOH HOH A . 
C 3 HOH 114 414 73  HOH HOH A . 
C 3 HOH 115 415 98  HOH HOH A . 
C 3 HOH 116 416 180 HOH HOH A . 
C 3 HOH 117 417 102 HOH HOH A . 
C 3 HOH 118 418 71  HOH HOH A . 
C 3 HOH 119 419 55  HOH HOH A . 
C 3 HOH 120 420 43  HOH HOH A . 
C 3 HOH 121 421 90  HOH HOH A . 
C 3 HOH 122 422 112 HOH HOH A . 
C 3 HOH 123 423 48  HOH HOH A . 
C 3 HOH 124 424 32  HOH HOH A . 
C 3 HOH 125 425 74  HOH HOH A . 
C 3 HOH 126 426 42  HOH HOH A . 
C 3 HOH 127 427 92  HOH HOH A . 
C 3 HOH 128 428 23  HOH HOH A . 
C 3 HOH 129 429 155 HOH HOH A . 
C 3 HOH 130 430 163 HOH HOH A . 
C 3 HOH 131 431 221 HOH HOH A . 
C 3 HOH 132 432 57  HOH HOH A . 
C 3 HOH 133 433 129 HOH HOH A . 
C 3 HOH 134 434 83  HOH HOH A . 
C 3 HOH 135 435 181 HOH HOH A . 
C 3 HOH 136 436 82  HOH HOH A . 
C 3 HOH 137 437 52  HOH HOH A . 
C 3 HOH 138 438 218 HOH HOH A . 
C 3 HOH 139 439 18  HOH HOH A . 
C 3 HOH 140 440 166 HOH HOH A . 
C 3 HOH 141 441 211 HOH HOH A . 
C 3 HOH 142 442 101 HOH HOH A . 
C 3 HOH 143 443 254 HOH HOH A . 
C 3 HOH 144 444 234 HOH HOH A . 
C 3 HOH 145 445 200 HOH HOH A . 
C 3 HOH 146 446 137 HOH HOH A . 
C 3 HOH 147 447 77  HOH HOH A . 
C 3 HOH 148 448 60  HOH HOH A . 
C 3 HOH 149 449 150 HOH HOH A . 
C 3 HOH 150 450 160 HOH HOH A . 
C 3 HOH 151 451 37  HOH HOH A . 
C 3 HOH 152 452 36  HOH HOH A . 
C 3 HOH 153 453 117 HOH HOH A . 
C 3 HOH 154 454 204 HOH HOH A . 
C 3 HOH 155 455 174 HOH HOH A . 
C 3 HOH 156 456 4   HOH HOH A . 
C 3 HOH 157 457 130 HOH HOH A . 
C 3 HOH 158 458 147 HOH HOH A . 
C 3 HOH 159 459 192 HOH HOH A . 
C 3 HOH 160 460 86  HOH HOH A . 
C 3 HOH 161 461 162 HOH HOH A . 
C 3 HOH 162 462 220 HOH HOH A . 
C 3 HOH 163 463 31  HOH HOH A . 
C 3 HOH 164 464 156 HOH HOH A . 
C 3 HOH 165 465 138 HOH HOH A . 
C 3 HOH 166 466 111 HOH HOH A . 
C 3 HOH 167 467 214 HOH HOH A . 
C 3 HOH 168 468 186 HOH HOH A . 
C 3 HOH 169 469 187 HOH HOH A . 
C 3 HOH 170 470 91  HOH HOH A . 
C 3 HOH 171 471 80  HOH HOH A . 
C 3 HOH 172 472 172 HOH HOH A . 
C 3 HOH 173 473 110 HOH HOH A . 
C 3 HOH 174 474 230 HOH HOH A . 
C 3 HOH 175 475 255 HOH HOH A . 
C 3 HOH 176 476 207 HOH HOH A . 
C 3 HOH 177 477 239 HOH HOH A . 
C 3 HOH 178 478 210 HOH HOH A . 
C 3 HOH 179 479 205 HOH HOH A . 
C 3 HOH 180 480 105 HOH HOH A . 
C 3 HOH 181 481 245 HOH HOH A . 
C 3 HOH 182 482 215 HOH HOH A . 
C 3 HOH 183 483 154 HOH HOH A . 
C 3 HOH 184 484 113 HOH HOH A . 
C 3 HOH 185 485 136 HOH HOH A . 
C 3 HOH 186 486 199 HOH HOH A . 
C 3 HOH 187 487 198 HOH HOH A . 
C 3 HOH 188 488 209 HOH HOH A . 
C 3 HOH 189 489 109 HOH HOH A . 
C 3 HOH 190 490 170 HOH HOH A . 
C 3 HOH 191 491 121 HOH HOH A . 
C 3 HOH 192 492 201 HOH HOH A . 
C 3 HOH 193 493 169 HOH HOH A . 
C 3 HOH 194 494 149 HOH HOH A . 
C 3 HOH 195 495 104 HOH HOH A . 
C 3 HOH 196 496 216 HOH HOH A . 
C 3 HOH 197 497 184 HOH HOH A . 
C 3 HOH 198 498 203 HOH HOH A . 
C 3 HOH 199 499 171 HOH HOH A . 
C 3 HOH 200 500 118 HOH HOH A . 
C 3 HOH 201 501 139 HOH HOH A . 
C 3 HOH 202 502 183 HOH HOH A . 
C 3 HOH 203 503 236 HOH HOH A . 
C 3 HOH 204 504 195 HOH HOH A . 
C 3 HOH 205 505 158 HOH HOH A . 
C 3 HOH 206 506 226 HOH HOH A . 
C 3 HOH 207 507 231 HOH HOH A . 
C 3 HOH 208 508 116 HOH HOH A . 
C 3 HOH 209 509 197 HOH HOH A . 
C 3 HOH 210 510 107 HOH HOH A . 
C 3 HOH 211 511 225 HOH HOH A . 
C 3 HOH 212 512 208 HOH HOH A . 
C 3 HOH 213 513 229 HOH HOH A . 
C 3 HOH 214 514 212 HOH HOH A . 
# 
loop_
_pdbx_unobs_or_zero_occ_atoms.id 
_pdbx_unobs_or_zero_occ_atoms.PDB_model_num 
_pdbx_unobs_or_zero_occ_atoms.polymer_flag 
_pdbx_unobs_or_zero_occ_atoms.occupancy_flag 
_pdbx_unobs_or_zero_occ_atoms.auth_asym_id 
_pdbx_unobs_or_zero_occ_atoms.auth_comp_id 
_pdbx_unobs_or_zero_occ_atoms.auth_seq_id 
_pdbx_unobs_or_zero_occ_atoms.PDB_ins_code 
_pdbx_unobs_or_zero_occ_atoms.auth_atom_id 
_pdbx_unobs_or_zero_occ_atoms.label_alt_id 
_pdbx_unobs_or_zero_occ_atoms.label_asym_id 
_pdbx_unobs_or_zero_occ_atoms.label_comp_id 
_pdbx_unobs_or_zero_occ_atoms.label_seq_id 
_pdbx_unobs_or_zero_occ_atoms.label_atom_id 
1 1 Y 1 A THR 152 ? OG1 ? A THR 171 OG1 
2 1 Y 1 A THR 152 ? CG2 ? A THR 171 CG2 
# 
loop_
_software.citation_id 
_software.classification 
_software.compiler_name 
_software.compiler_version 
_software.contact_author 
_software.contact_author_email 
_software.date 
_software.description 
_software.dependencies 
_software.hardware 
_software.language 
_software.location 
_software.mods 
_software.name 
_software.os 
_software.os_version 
_software.type 
_software.version 
_software.pdbx_ordinal 
? refinement       ? ? ? ? ? ? ? ? ? ? ? REFMAC   ? ? ? 5.8.0049 1 
? 'data reduction' ? ? ? ? ? ? ? ? ? ? ? HKL-2000 ? ? ? .        2 
? 'data scaling'   ? ? ? ? ? ? ? ? ? ? ? HKL-2000 ? ? ? .        3 
? phasing          ? ? ? ? ? ? ? ? ? ? ? PHASER   ? ? ? .        4 
# 
_cell.angle_alpha                  90.00 
_cell.angle_alpha_esd              ? 
_cell.angle_beta                   90.00 
_cell.angle_beta_esd               ? 
_cell.angle_gamma                  90.00 
_cell.angle_gamma_esd              ? 
_cell.entry_id                     5ZU6 
_cell.details                      ? 
_cell.formula_units_Z              ? 
_cell.length_a                     43.849 
_cell.length_a_esd                 ? 
_cell.length_b                     60.679 
_cell.length_b_esd                 ? 
_cell.length_c                     66.894 
_cell.length_c_esd                 ? 
_cell.volume                       ? 
_cell.volume_esd                   ? 
_cell.Z_PDB                        4 
_cell.reciprocal_angle_alpha       ? 
_cell.reciprocal_angle_beta        ? 
_cell.reciprocal_angle_gamma       ? 
_cell.reciprocal_angle_alpha_esd   ? 
_cell.reciprocal_angle_beta_esd    ? 
_cell.reciprocal_angle_gamma_esd   ? 
_cell.reciprocal_length_a          ? 
_cell.reciprocal_length_b          ? 
_cell.reciprocal_length_c          ? 
_cell.reciprocal_length_a_esd      ? 
_cell.reciprocal_length_b_esd      ? 
_cell.reciprocal_length_c_esd      ? 
_cell.pdbx_unique_axis             ? 
# 
_symmetry.entry_id                         5ZU6 
_symmetry.cell_setting                     ? 
_symmetry.Int_Tables_number                19 
_symmetry.space_group_name_Hall            ? 
_symmetry.space_group_name_H-M             'P 21 21 21' 
_symmetry.pdbx_full_space_group_name_H-M   ? 
# 
_exptl.absorpt_coefficient_mu     ? 
_exptl.absorpt_correction_T_max   ? 
_exptl.absorpt_correction_T_min   ? 
_exptl.absorpt_correction_type    ? 
_exptl.absorpt_process_details    ? 
_exptl.entry_id                   5ZU6 
_exptl.crystals_number            1 
_exptl.details                    ? 
_exptl.method                     'X-RAY DIFFRACTION' 
_exptl.method_details             ? 
# 
_exptl_crystal.colour                      ? 
_exptl_crystal.density_diffrn              ? 
_exptl_crystal.density_Matthews            2.43 
_exptl_crystal.density_method              ? 
_exptl_crystal.density_percent_sol         49.28 
_exptl_crystal.description                 ? 
_exptl_crystal.F_000                       ? 
_exptl_crystal.id                          1 
_exptl_crystal.preparation                 ? 
_exptl_crystal.size_max                    ? 
_exptl_crystal.size_mid                    ? 
_exptl_crystal.size_min                    ? 
_exptl_crystal.size_rad                    ? 
_exptl_crystal.colour_lustre               ? 
_exptl_crystal.colour_modifier             ? 
_exptl_crystal.colour_primary              ? 
_exptl_crystal.density_meas                ? 
_exptl_crystal.density_meas_esd            ? 
_exptl_crystal.density_meas_gt             ? 
_exptl_crystal.density_meas_lt             ? 
_exptl_crystal.density_meas_temp           ? 
_exptl_crystal.density_meas_temp_esd       ? 
_exptl_crystal.density_meas_temp_gt        ? 
_exptl_crystal.density_meas_temp_lt        ? 
_exptl_crystal.pdbx_crystal_image_url      ? 
_exptl_crystal.pdbx_crystal_image_format   ? 
_exptl_crystal.pdbx_mosaicity              ? 
_exptl_crystal.pdbx_mosaicity_esd          ? 
# 
_exptl_crystal_grow.apparatus       ? 
_exptl_crystal_grow.atmosphere      ? 
_exptl_crystal_grow.crystal_id      1 
_exptl_crystal_grow.details         ? 
_exptl_crystal_grow.method          'VAPOR DIFFUSION, HANGING DROP' 
_exptl_crystal_grow.method_ref      ? 
_exptl_crystal_grow.pH              6.5 
_exptl_crystal_grow.pressure        ? 
_exptl_crystal_grow.pressure_esd    ? 
_exptl_crystal_grow.seeding         ? 
_exptl_crystal_grow.seeding_ref     ? 
_exptl_crystal_grow.temp            288 
_exptl_crystal_grow.temp_details    ? 
_exptl_crystal_grow.temp_esd        ? 
_exptl_crystal_grow.time            ? 
_exptl_crystal_grow.pdbx_details    '1.6M sodium citrate tribasic dihydrate pH 6.5' 
_exptl_crystal_grow.pdbx_pH_range   ? 
# 
_diffrn.ambient_environment    ? 
_diffrn.ambient_temp           100 
_diffrn.ambient_temp_details   ? 
_diffrn.ambient_temp_esd       ? 
_diffrn.crystal_id             1 
_diffrn.crystal_support        ? 
_diffrn.crystal_treatment      ? 
_diffrn.details                ? 
_diffrn.id                     1 
_diffrn.ambient_pressure       ? 
_diffrn.ambient_pressure_esd   ? 
_diffrn.ambient_pressure_gt    ? 
_diffrn.ambient_pressure_lt    ? 
_diffrn.ambient_temp_gt        ? 
_diffrn.ambient_temp_lt        ? 
# 
_diffrn_detector.details                      ? 
_diffrn_detector.detector                     CMOS 
_diffrn_detector.diffrn_id                    1 
_diffrn_detector.type                         'RDI CMOS_8M' 
_diffrn_detector.area_resol_mean              ? 
_diffrn_detector.dtime                        ? 
_diffrn_detector.pdbx_frames_total            ? 
_diffrn_detector.pdbx_collection_time_total   ? 
_diffrn_detector.pdbx_collection_date         2017-11-25 
# 
_diffrn_radiation.collimation                      ? 
_diffrn_radiation.diffrn_id                        1 
_diffrn_radiation.filter_edge                      ? 
_diffrn_radiation.inhomogeneity                    ? 
_diffrn_radiation.monochromator                    ? 
_diffrn_radiation.polarisn_norm                    ? 
_diffrn_radiation.polarisn_ratio                   ? 
_diffrn_radiation.probe                            ? 
_diffrn_radiation.type                             ? 
_diffrn_radiation.xray_symbol                      ? 
_diffrn_radiation.wavelength_id                    1 
_diffrn_radiation.pdbx_monochromatic_or_laue_m_l   M 
_diffrn_radiation.pdbx_wavelength_list             ? 
_diffrn_radiation.pdbx_wavelength                  ? 
_diffrn_radiation.pdbx_diffrn_protocol             'SINGLE WAVELENGTH' 
_diffrn_radiation.pdbx_analyzer                    ? 
_diffrn_radiation.pdbx_scattering_type             x-ray 
# 
_diffrn_radiation_wavelength.id           1 
_diffrn_radiation_wavelength.wavelength   1 
_diffrn_radiation_wavelength.wt           1.0 
# 
_diffrn_source.current                     ? 
_diffrn_source.details                     ? 
_diffrn_source.diffrn_id                   1 
_diffrn_source.power                       ? 
_diffrn_source.size                        ? 
_diffrn_source.source                      SYNCHROTRON 
_diffrn_source.target                      ? 
_diffrn_source.type                        'SSRF BEAMLINE BL19U1' 
_diffrn_source.voltage                     ? 
_diffrn_source.take-off_angle              ? 
_diffrn_source.pdbx_wavelength_list        1 
_diffrn_source.pdbx_wavelength             ? 
_diffrn_source.pdbx_synchrotron_beamline   BL19U1 
_diffrn_source.pdbx_synchrotron_site       SSRF 
# 
_reflns.B_iso_Wilson_estimate            ? 
_reflns.entry_id                         5ZU6 
_reflns.data_reduction_details           ? 
_reflns.data_reduction_method            ? 
_reflns.d_resolution_high                1.4 
_reflns.d_resolution_low                 50 
_reflns.details                          ? 
_reflns.limit_h_max                      ? 
_reflns.limit_h_min                      ? 
_reflns.limit_k_max                      ? 
_reflns.limit_k_min                      ? 
_reflns.limit_l_max                      ? 
_reflns.limit_l_min                      ? 
_reflns.number_all                       ? 
_reflns.number_obs                       35712 
_reflns.observed_criterion               ? 
_reflns.observed_criterion_F_max         ? 
_reflns.observed_criterion_F_min         ? 
_reflns.observed_criterion_I_max         ? 
_reflns.observed_criterion_I_min         ? 
_reflns.observed_criterion_sigma_F       ? 
_reflns.observed_criterion_sigma_I       ? 
_reflns.percent_possible_obs             100 
_reflns.R_free_details                   ? 
_reflns.Rmerge_F_all                     ? 
_reflns.Rmerge_F_obs                     ? 
_reflns.Friedel_coverage                 ? 
_reflns.number_gt                        ? 
_reflns.threshold_expression             ? 
_reflns.pdbx_redundancy                  12.5 
_reflns.pdbx_Rmerge_I_obs                0.12 
_reflns.pdbx_Rmerge_I_all                ? 
_reflns.pdbx_Rsym_value                  ? 
_reflns.pdbx_netI_over_av_sigmaI         ? 
_reflns.pdbx_netI_over_sigmaI            21.7 
_reflns.pdbx_res_netI_over_av_sigmaI_2   ? 
_reflns.pdbx_res_netI_over_sigmaI_2      ? 
_reflns.pdbx_chi_squared                 ? 
_reflns.pdbx_scaling_rejects             ? 
_reflns.pdbx_d_res_high_opt              ? 
_reflns.pdbx_d_res_low_opt               ? 
_reflns.pdbx_d_res_opt_method            ? 
_reflns.phase_calculation_details        ? 
_reflns.pdbx_Rrim_I_all                  ? 
_reflns.pdbx_Rpim_I_all                  ? 
_reflns.pdbx_d_opt                       ? 
_reflns.pdbx_number_measured_all         ? 
_reflns.pdbx_diffrn_id                   1 
_reflns.pdbx_ordinal                     1 
_reflns.pdbx_CC_half                     ? 
_reflns.pdbx_R_split                     ? 
# 
_reflns_shell.d_res_high                  1.40 
_reflns_shell.d_res_low                   1.45 
_reflns_shell.meanI_over_sigI_all         ? 
_reflns_shell.meanI_over_sigI_obs         ? 
_reflns_shell.number_measured_all         ? 
_reflns_shell.number_measured_obs         ? 
_reflns_shell.number_possible             ? 
_reflns_shell.number_unique_all           ? 
_reflns_shell.number_unique_obs           3517 
_reflns_shell.percent_possible_all        ? 
_reflns_shell.percent_possible_obs        ? 
_reflns_shell.Rmerge_F_all                ? 
_reflns_shell.Rmerge_F_obs                ? 
_reflns_shell.Rmerge_I_all                ? 
_reflns_shell.Rmerge_I_obs                0.47 
_reflns_shell.meanI_over_sigI_gt          ? 
_reflns_shell.meanI_over_uI_all           ? 
_reflns_shell.meanI_over_uI_gt            ? 
_reflns_shell.number_measured_gt          ? 
_reflns_shell.number_unique_gt            ? 
_reflns_shell.percent_possible_gt         ? 
_reflns_shell.Rmerge_F_gt                 ? 
_reflns_shell.Rmerge_I_gt                 ? 
_reflns_shell.pdbx_redundancy             ? 
_reflns_shell.pdbx_Rsym_value             ? 
_reflns_shell.pdbx_chi_squared            ? 
_reflns_shell.pdbx_netI_over_sigmaI_all   ? 
_reflns_shell.pdbx_netI_over_sigmaI_obs   ? 
_reflns_shell.pdbx_Rrim_I_all             ? 
_reflns_shell.pdbx_Rpim_I_all             ? 
_reflns_shell.pdbx_rejects                ? 
_reflns_shell.pdbx_ordinal                1 
_reflns_shell.pdbx_diffrn_id              1 
_reflns_shell.pdbx_CC_half                ? 
_reflns_shell.pdbx_R_split                ? 
# 
_refine.aniso_B[1][1]                            -0.02 
_refine.aniso_B[1][2]                            0.00 
_refine.aniso_B[1][3]                            -0.00 
_refine.aniso_B[2][2]                            -0.01 
_refine.aniso_B[2][3]                            0.00 
_refine.aniso_B[3][3]                            0.03 
_refine.B_iso_max                                ? 
_refine.B_iso_mean                               14.996 
_refine.B_iso_min                                ? 
_refine.correlation_coeff_Fo_to_Fc               0.957 
_refine.correlation_coeff_Fo_to_Fc_free          0.950 
_refine.details                                  'HYDROGENS HAVE BEEN ADDED IN THE RIDING POSITIONS' 
_refine.diff_density_max                         ? 
_refine.diff_density_max_esd                     ? 
_refine.diff_density_min                         ? 
_refine.diff_density_min_esd                     ? 
_refine.diff_density_rms                         ? 
_refine.diff_density_rms_esd                     ? 
_refine.entry_id                                 5ZU6 
_refine.pdbx_refine_id                           'X-RAY DIFFRACTION' 
_refine.ls_abs_structure_details                 ? 
_refine.ls_abs_structure_Flack                   ? 
_refine.ls_abs_structure_Flack_esd               ? 
_refine.ls_abs_structure_Rogers                  ? 
_refine.ls_abs_structure_Rogers_esd              ? 
_refine.ls_d_res_high                            1.40 
_refine.ls_d_res_low                             44.94 
_refine.ls_extinction_coef                       ? 
_refine.ls_extinction_coef_esd                   ? 
_refine.ls_extinction_expression                 ? 
_refine.ls_extinction_method                     ? 
_refine.ls_goodness_of_fit_all                   ? 
_refine.ls_goodness_of_fit_all_esd               ? 
_refine.ls_goodness_of_fit_obs                   ? 
_refine.ls_goodness_of_fit_obs_esd               ? 
_refine.ls_hydrogen_treatment                    ? 
_refine.ls_matrix_type                           ? 
_refine.ls_number_constraints                    ? 
_refine.ls_number_parameters                     ? 
_refine.ls_number_reflns_all                     ? 
_refine.ls_number_reflns_obs                     33822 
_refine.ls_number_reflns_R_free                  1786 
_refine.ls_number_reflns_R_work                  ? 
_refine.ls_number_restraints                     ? 
_refine.ls_percent_reflns_obs                    99.28 
_refine.ls_percent_reflns_R_free                 5.0 
_refine.ls_R_factor_all                          ? 
_refine.ls_R_factor_obs                          0.19023 
_refine.ls_R_factor_R_free                       0.21161 
_refine.ls_R_factor_R_free_error                 ? 
_refine.ls_R_factor_R_free_error_details         ? 
_refine.ls_R_factor_R_work                       0.18910 
_refine.ls_R_Fsqd_factor_obs                     ? 
_refine.ls_R_I_factor_obs                        ? 
_refine.ls_redundancy_reflns_all                 ? 
_refine.ls_redundancy_reflns_obs                 ? 
_refine.ls_restrained_S_all                      ? 
_refine.ls_restrained_S_obs                      ? 
_refine.ls_shift_over_esd_max                    ? 
_refine.ls_shift_over_esd_mean                   ? 
_refine.ls_structure_factor_coef                 ? 
_refine.ls_weighting_details                     ? 
_refine.ls_weighting_scheme                      ? 
_refine.ls_wR_factor_all                         ? 
_refine.ls_wR_factor_obs                         ? 
_refine.ls_wR_factor_R_free                      ? 
_refine.ls_wR_factor_R_work                      ? 
_refine.occupancy_max                            ? 
_refine.occupancy_min                            ? 
_refine.solvent_model_details                    MASK 
_refine.solvent_model_param_bsol                 ? 
_refine.solvent_model_param_ksol                 ? 
_refine.ls_R_factor_gt                           ? 
_refine.ls_goodness_of_fit_gt                    ? 
_refine.ls_goodness_of_fit_ref                   ? 
_refine.ls_shift_over_su_max                     ? 
_refine.ls_shift_over_su_max_lt                  ? 
_refine.ls_shift_over_su_mean                    ? 
_refine.ls_shift_over_su_mean_lt                 ? 
_refine.pdbx_ls_sigma_I                          ? 
_refine.pdbx_ls_sigma_F                          ? 
_refine.pdbx_ls_sigma_Fsqd                       ? 
_refine.pdbx_data_cutoff_high_absF               ? 
_refine.pdbx_data_cutoff_high_rms_absF           ? 
_refine.pdbx_data_cutoff_low_absF                ? 
_refine.pdbx_isotropic_thermal_model             ? 
_refine.pdbx_ls_cross_valid_method               THROUGHOUT 
_refine.pdbx_method_to_determine_struct          'MOLECULAR REPLACEMENT' 
_refine.pdbx_starting_model                      5ZU5 
_refine.pdbx_stereochemistry_target_values       'MAXIMUM LIKELIHOOD' 
_refine.pdbx_R_Free_selection_details            RANDOM 
_refine.pdbx_stereochem_target_val_spec_case     ? 
_refine.pdbx_overall_ESU_R                       0.060 
_refine.pdbx_overall_ESU_R_Free                  0.062 
_refine.pdbx_solvent_vdw_probe_radii             1.20 
_refine.pdbx_solvent_ion_probe_radii             0.80 
_refine.pdbx_solvent_shrinkage_radii             0.80 
_refine.pdbx_real_space_R                        ? 
_refine.pdbx_density_correlation                 ? 
_refine.pdbx_pd_number_of_powder_patterns        ? 
_refine.pdbx_pd_number_of_points                 ? 
_refine.pdbx_pd_meas_number_of_points            ? 
_refine.pdbx_pd_proc_ls_prof_R_factor            ? 
_refine.pdbx_pd_proc_ls_prof_wR_factor           ? 
_refine.pdbx_pd_Marquardt_correlation_coeff      ? 
_refine.pdbx_pd_Fsqrd_R_factor                   ? 
_refine.pdbx_pd_ls_matrix_band_width             ? 
_refine.pdbx_overall_phase_error                 ? 
_refine.pdbx_overall_SU_R_free_Cruickshank_DPI   ? 
_refine.pdbx_overall_SU_R_free_Blow_DPI          ? 
_refine.pdbx_overall_SU_R_Blow_DPI               ? 
_refine.pdbx_TLS_residual_ADP_flag               ? 
_refine.pdbx_diffrn_id                           1 
_refine.overall_SU_B                             0.913 
_refine.overall_SU_ML                            0.037 
_refine.overall_SU_R_Cruickshank_DPI             ? 
_refine.overall_SU_R_free                        ? 
_refine.overall_FOM_free_R_set                   ? 
_refine.overall_FOM_work_R_set                   ? 
_refine.pdbx_average_fsc_overall                 ? 
_refine.pdbx_average_fsc_work                    ? 
_refine.pdbx_average_fsc_free                    ? 
# 
_refine_hist.pdbx_refine_id                   'X-RAY DIFFRACTION' 
_refine_hist.cycle_id                         1 
_refine_hist.pdbx_number_atoms_protein        1156 
_refine_hist.pdbx_number_atoms_nucleic_acid   0 
_refine_hist.pdbx_number_atoms_ligand         1 
_refine_hist.number_atoms_solvent             214 
_refine_hist.number_atoms_total               1371 
_refine_hist.d_res_high                       1.40 
_refine_hist.d_res_low                        44.94 
# 
loop_
_refine_ls_restr.pdbx_refine_id 
_refine_ls_restr.criterion 
_refine_ls_restr.dev_ideal 
_refine_ls_restr.dev_ideal_target 
_refine_ls_restr.number 
_refine_ls_restr.rejects 
_refine_ls_restr.type 
_refine_ls_restr.weight 
_refine_ls_restr.pdbx_restraint_function 
'X-RAY DIFFRACTION' ? 0.019  0.019  1216 ? r_bond_refined_d             ? ? 
'X-RAY DIFFRACTION' ? 0.004  0.020  1090 ? r_bond_other_d               ? ? 
'X-RAY DIFFRACTION' ? 1.876  1.922  1659 ? r_angle_refined_deg          ? ? 
'X-RAY DIFFRACTION' ? 0.899  3.000  2514 ? r_angle_other_deg            ? ? 
'X-RAY DIFFRACTION' ? 7.235  5.000  161  ? r_dihedral_angle_1_deg       ? ? 
'X-RAY DIFFRACTION' ? 36.267 25.424 59   ? r_dihedral_angle_2_deg       ? ? 
'X-RAY DIFFRACTION' ? 11.211 15.000 189  ? r_dihedral_angle_3_deg       ? ? 
'X-RAY DIFFRACTION' ? 9.317  15.000 6    ? r_dihedral_angle_4_deg       ? ? 
'X-RAY DIFFRACTION' ? 0.138  0.200  178  ? r_chiral_restr               ? ? 
'X-RAY DIFFRACTION' ? 0.010  0.020  1468 ? r_gen_planes_refined         ? ? 
'X-RAY DIFFRACTION' ? 0.002  0.020  290  ? r_gen_planes_other           ? ? 
'X-RAY DIFFRACTION' ? ?      ?      ?    ? r_nbd_refined                ? ? 
'X-RAY DIFFRACTION' ? ?      ?      ?    ? r_nbd_other                  ? ? 
'X-RAY DIFFRACTION' ? ?      ?      ?    ? r_nbtor_refined              ? ? 
'X-RAY DIFFRACTION' ? ?      ?      ?    ? r_nbtor_other                ? ? 
'X-RAY DIFFRACTION' ? ?      ?      ?    ? r_xyhbond_nbd_refined        ? ? 
'X-RAY DIFFRACTION' ? ?      ?      ?    ? r_xyhbond_nbd_other          ? ? 
'X-RAY DIFFRACTION' ? ?      ?      ?    ? r_metal_ion_refined          ? ? 
'X-RAY DIFFRACTION' ? ?      ?      ?    ? r_metal_ion_other            ? ? 
'X-RAY DIFFRACTION' ? ?      ?      ?    ? r_symmetry_vdw_refined       ? ? 
'X-RAY DIFFRACTION' ? ?      ?      ?    ? r_symmetry_vdw_other         ? ? 
'X-RAY DIFFRACTION' ? ?      ?      ?    ? r_symmetry_hbond_refined     ? ? 
'X-RAY DIFFRACTION' ? ?      ?      ?    ? r_symmetry_hbond_other       ? ? 
'X-RAY DIFFRACTION' ? ?      ?      ?    ? r_symmetry_metal_ion_refined ? ? 
'X-RAY DIFFRACTION' ? ?      ?      ?    ? r_symmetry_metal_ion_other   ? ? 
'X-RAY DIFFRACTION' ? 1.282  1.237  632  ? r_mcbond_it                  ? ? 
'X-RAY DIFFRACTION' ? 1.284  1.233  631  ? r_mcbond_other               ? ? 
'X-RAY DIFFRACTION' ? 1.980  1.849  797  ? r_mcangle_it                 ? ? 
'X-RAY DIFFRACTION' ? 1.979  1.854  798  ? r_mcangle_other              ? ? 
'X-RAY DIFFRACTION' ? 2.293  1.489  584  ? r_scbond_it                  ? ? 
'X-RAY DIFFRACTION' ? 2.291  1.493  585  ? r_scbond_other               ? ? 
'X-RAY DIFFRACTION' ? ?      ?      ?    ? r_scangle_it                 ? ? 
'X-RAY DIFFRACTION' ? 3.392  2.148  863  ? r_scangle_other              ? ? 
'X-RAY DIFFRACTION' ? 5.632  12.215 1570 ? r_long_range_B_refined       ? ? 
'X-RAY DIFFRACTION' ? 5.390  11.123 1444 ? r_long_range_B_other         ? ? 
'X-RAY DIFFRACTION' ? ?      ?      ?    ? r_rigid_bond_restr           ? ? 
'X-RAY DIFFRACTION' ? ?      ?      ?    ? r_sphericity_free            ? ? 
'X-RAY DIFFRACTION' ? ?      ?      ?    ? r_sphericity_bonded          ? ? 
# 
_refine_ls_shell.pdbx_refine_id                   'X-RAY DIFFRACTION' 
_refine_ls_shell.d_res_high                       1.400 
_refine_ls_shell.d_res_low                        1.436 
_refine_ls_shell.number_reflns_all                ? 
_refine_ls_shell.number_reflns_obs                ? 
_refine_ls_shell.number_reflns_R_free             139 
_refine_ls_shell.number_reflns_R_work             2228 
_refine_ls_shell.percent_reflns_obs               90.86 
_refine_ls_shell.percent_reflns_R_free            ? 
_refine_ls_shell.R_factor_all                     ? 
_refine_ls_shell.R_factor_obs                     ? 
_refine_ls_shell.R_factor_R_free                  0.250 
_refine_ls_shell.R_factor_R_free_error            ? 
_refine_ls_shell.R_factor_R_work                  0.240 
_refine_ls_shell.redundancy_reflns_all            ? 
_refine_ls_shell.redundancy_reflns_obs            ? 
_refine_ls_shell.wR_factor_all                    ? 
_refine_ls_shell.wR_factor_obs                    ? 
_refine_ls_shell.wR_factor_R_free                 ? 
_refine_ls_shell.wR_factor_R_work                 ? 
_refine_ls_shell.pdbx_total_number_of_bins_used   20 
_refine_ls_shell.pdbx_phase_error                 ? 
_refine_ls_shell.pdbx_fsc_work                    ? 
_refine_ls_shell.pdbx_fsc_free                    ? 
# 
_struct.entry_id                     5ZU6 
_struct.title                        'A CBM32 derived from alginate lyase B (AlyB-OU02)' 
_struct.pdbx_model_details           ? 
_struct.pdbx_formula_weight          ? 
_struct.pdbx_formula_weight_method   ? 
_struct.pdbx_model_type_details      ? 
_struct.pdbx_CASP_flag               N 
# 
_struct_keywords.entry_id        5ZU6 
_struct_keywords.text            'CBM32, alginate lyase, LYASE' 
_struct_keywords.pdbx_keywords   LYASE 
# 
loop_
_struct_asym.id 
_struct_asym.pdbx_blank_PDB_chainid_flag 
_struct_asym.pdbx_modified 
_struct_asym.entity_id 
_struct_asym.details 
A N N 1 ? 
B N N 2 ? 
C N N 3 ? 
# 
_struct_ref.id                         1 
_struct_ref.db_name                    PDB 
_struct_ref.db_code                    5ZU6 
_struct_ref.pdbx_db_accession          5ZU6 
_struct_ref.pdbx_db_isoform            ? 
_struct_ref.entity_id                  1 
_struct_ref.pdbx_seq_one_letter_code   ? 
_struct_ref.pdbx_align_begin           1 
# 
_struct_ref_seq.align_id                      1 
_struct_ref_seq.ref_id                        1 
_struct_ref_seq.pdbx_PDB_id_code              5ZU6 
_struct_ref_seq.pdbx_strand_id                A 
_struct_ref_seq.seq_align_beg                 1 
_struct_ref_seq.pdbx_seq_align_beg_ins_code   ? 
_struct_ref_seq.seq_align_end                 171 
_struct_ref_seq.pdbx_seq_align_end_ins_code   ? 
_struct_ref_seq.pdbx_db_accession             5ZU6 
_struct_ref_seq.db_align_beg                  -18 
_struct_ref_seq.pdbx_db_align_beg_ins_code    ? 
_struct_ref_seq.db_align_end                  152 
_struct_ref_seq.pdbx_db_align_end_ins_code    ? 
_struct_ref_seq.pdbx_auth_seq_align_beg       -18 
_struct_ref_seq.pdbx_auth_seq_align_end       152 
# 
_pdbx_struct_assembly.id                   1 
_pdbx_struct_assembly.details              author_defined_assembly 
_pdbx_struct_assembly.method_details       ? 
_pdbx_struct_assembly.oligomeric_details   monomeric 
_pdbx_struct_assembly.oligomeric_count     1 
# 
loop_
_pdbx_struct_assembly_prop.biol_id 
_pdbx_struct_assembly_prop.type 
_pdbx_struct_assembly_prop.value 
_pdbx_struct_assembly_prop.details 
1 'ABSA (A^2)' 0    ? 
1 MORE         0    ? 
1 'SSA (A^2)'  7600 ? 
# 
_pdbx_struct_assembly_gen.assembly_id       1 
_pdbx_struct_assembly_gen.oper_expression   1 
_pdbx_struct_assembly_gen.asym_id_list      A,B,C 
# 
_pdbx_struct_assembly_auth_evidence.id                     1 
_pdbx_struct_assembly_auth_evidence.assembly_id            1 
_pdbx_struct_assembly_auth_evidence.experimental_support   'gel filtration' 
_pdbx_struct_assembly_auth_evidence.details                ? 
# 
_pdbx_struct_oper_list.id                   1 
_pdbx_struct_oper_list.type                 'identity operation' 
_pdbx_struct_oper_list.name                 1_555 
_pdbx_struct_oper_list.symmetry_operation   x,y,z 
_pdbx_struct_oper_list.matrix[1][1]         1.0000000000 
_pdbx_struct_oper_list.matrix[1][2]         0.0000000000 
_pdbx_struct_oper_list.matrix[1][3]         0.0000000000 
_pdbx_struct_oper_list.vector[1]            0.0000000000 
_pdbx_struct_oper_list.matrix[2][1]         0.0000000000 
_pdbx_struct_oper_list.matrix[2][2]         1.0000000000 
_pdbx_struct_oper_list.matrix[2][3]         0.0000000000 
_pdbx_struct_oper_list.vector[2]            0.0000000000 
_pdbx_struct_oper_list.matrix[3][1]         0.0000000000 
_pdbx_struct_oper_list.matrix[3][2]         0.0000000000 
_pdbx_struct_oper_list.matrix[3][3]         1.0000000000 
_pdbx_struct_oper_list.vector[3]            0.0000000000 
# 
loop_
_struct_conf.conf_type_id 
_struct_conf.id 
_struct_conf.pdbx_PDB_helix_id 
_struct_conf.beg_label_comp_id 
_struct_conf.beg_label_asym_id 
_struct_conf.beg_label_seq_id 
_struct_conf.pdbx_beg_PDB_ins_code 
_struct_conf.end_label_comp_id 
_struct_conf.end_label_asym_id 
_struct_conf.end_label_seq_id 
_struct_conf.pdbx_end_PDB_ins_code 
_struct_conf.beg_auth_comp_id 
_struct_conf.beg_auth_asym_id 
_struct_conf.beg_auth_seq_id 
_struct_conf.end_auth_comp_id 
_struct_conf.end_auth_asym_id 
_struct_conf.end_auth_seq_id 
_struct_conf.pdbx_PDB_helix_class 
_struct_conf.details 
_struct_conf.pdbx_PDB_helix_length 
HELX_P HELX_P1 AA1 GLY A 46  ? ILE A 51  ? GLY A 27  ILE A 32  5 ? 6 
HELX_P HELX_P2 AA2 PRO A 165 ? ILE A 169 ? PRO A 146 ILE A 150 5 ? 5 
# 
_struct_conf_type.id          HELX_P 
_struct_conf_type.criteria    ? 
_struct_conf_type.reference   ? 
# 
loop_
_struct_conn.id 
_struct_conn.conn_type_id 
_struct_conn.pdbx_leaving_atom_flag 
_struct_conn.pdbx_PDB_id 
_struct_conn.ptnr1_label_asym_id 
_struct_conn.ptnr1_label_comp_id 
_struct_conn.ptnr1_label_seq_id 
_struct_conn.ptnr1_label_atom_id 
_struct_conn.pdbx_ptnr1_label_alt_id 
_struct_conn.pdbx_ptnr1_PDB_ins_code 
_struct_conn.pdbx_ptnr1_standard_comp_id 
_struct_conn.ptnr1_symmetry 
_struct_conn.ptnr2_label_asym_id 
_struct_conn.ptnr2_label_comp_id 
_struct_conn.ptnr2_label_seq_id 
_struct_conn.ptnr2_label_atom_id 
_struct_conn.pdbx_ptnr2_label_alt_id 
_struct_conn.pdbx_ptnr2_PDB_ins_code 
_struct_conn.ptnr1_auth_asym_id 
_struct_conn.ptnr1_auth_comp_id 
_struct_conn.ptnr1_auth_seq_id 
_struct_conn.ptnr2_auth_asym_id 
_struct_conn.ptnr2_auth_comp_id 
_struct_conn.ptnr2_auth_seq_id 
_struct_conn.ptnr2_symmetry 
_struct_conn.pdbx_ptnr3_label_atom_id 
_struct_conn.pdbx_ptnr3_label_seq_id 
_struct_conn.pdbx_ptnr3_label_comp_id 
_struct_conn.pdbx_ptnr3_label_asym_id 
_struct_conn.pdbx_ptnr3_label_alt_id 
_struct_conn.pdbx_ptnr3_PDB_ins_code 
_struct_conn.details 
_struct_conn.pdbx_dist_value 
_struct_conn.pdbx_value_order 
_struct_conn.pdbx_role 
disulf1 disulf ? ? A CYS 159 SG  ? ? ? 1_555 A CYS 164 SG ? ? A CYS 140 A CYS 145 1_555 ? ? ? ? ? ? ? 2.041 ? ? 
metalc1 metalc ? ? A ARG 49  O   ? ? ? 1_555 B NA  .   NA ? ? A ARG 30  A NA  201 1_555 ? ? ? ? ? ? ? 2.273 ? ? 
metalc2 metalc ? ? A ASP 52  OD1 ? ? ? 1_555 B NA  .   NA ? ? A ASP 33  A NA  201 1_555 ? ? ? ? ? ? ? 2.549 ? ? 
metalc3 metalc ? ? A ASP 54  O   ? ? ? 1_555 B NA  .   NA ? ? A ASP 35  A NA  201 1_555 ? ? ? ? ? ? ? 2.311 ? ? 
metalc4 metalc ? ? A THR 57  O   ? ? ? 1_555 B NA  .   NA ? ? A THR 38  A NA  201 1_555 ? ? ? ? ? ? ? 2.475 ? ? 
metalc5 metalc ? ? A THR 57  OG1 ? ? ? 1_555 B NA  .   NA ? ? A THR 38  A NA  201 1_555 ? ? ? ? ? ? ? 2.268 ? ? 
metalc6 metalc ? ? A THR 152 O   ? ? ? 1_555 B NA  .   NA ? ? A THR 133 A NA  201 1_555 ? ? ? ? ? ? ? 2.382 ? ? 
# 
loop_
_struct_conn_type.id 
_struct_conn_type.criteria 
_struct_conn_type.reference 
disulf ? ? 
metalc ? ? 
# 
loop_
_pdbx_struct_conn_angle.id 
_pdbx_struct_conn_angle.ptnr1_label_atom_id 
_pdbx_struct_conn_angle.ptnr1_label_alt_id 
_pdbx_struct_conn_angle.ptnr1_label_asym_id 
_pdbx_struct_conn_angle.ptnr1_label_comp_id 
_pdbx_struct_conn_angle.ptnr1_label_seq_id 
_pdbx_struct_conn_angle.ptnr1_auth_atom_id 
_pdbx_struct_conn_angle.ptnr1_auth_asym_id 
_pdbx_struct_conn_angle.ptnr1_auth_comp_id 
_pdbx_struct_conn_angle.ptnr1_auth_seq_id 
_pdbx_struct_conn_angle.ptnr1_PDB_ins_code 
_pdbx_struct_conn_angle.ptnr1_symmetry 
_pdbx_struct_conn_angle.ptnr2_label_atom_id 
_pdbx_struct_conn_angle.ptnr2_label_alt_id 
_pdbx_struct_conn_angle.ptnr2_label_asym_id 
_pdbx_struct_conn_angle.ptnr2_label_comp_id 
_pdbx_struct_conn_angle.ptnr2_label_seq_id 
_pdbx_struct_conn_angle.ptnr2_auth_atom_id 
_pdbx_struct_conn_angle.ptnr2_auth_asym_id 
_pdbx_struct_conn_angle.ptnr2_auth_comp_id 
_pdbx_struct_conn_angle.ptnr2_auth_seq_id 
_pdbx_struct_conn_angle.ptnr2_PDB_ins_code 
_pdbx_struct_conn_angle.ptnr2_symmetry 
_pdbx_struct_conn_angle.ptnr3_label_atom_id 
_pdbx_struct_conn_angle.ptnr3_label_alt_id 
_pdbx_struct_conn_angle.ptnr3_label_asym_id 
_pdbx_struct_conn_angle.ptnr3_label_comp_id 
_pdbx_struct_conn_angle.ptnr3_label_seq_id 
_pdbx_struct_conn_angle.ptnr3_auth_atom_id 
_pdbx_struct_conn_angle.ptnr3_auth_asym_id 
_pdbx_struct_conn_angle.ptnr3_auth_comp_id 
_pdbx_struct_conn_angle.ptnr3_auth_seq_id 
_pdbx_struct_conn_angle.ptnr3_PDB_ins_code 
_pdbx_struct_conn_angle.ptnr3_symmetry 
_pdbx_struct_conn_angle.value 
_pdbx_struct_conn_angle.value_esd 
1  O   ? A ARG 49 ? A ARG 30 ? 1_555 NA ? B NA . ? A NA 201 ? 1_555 OD1 ? A ASP 52  ? A ASP 33  ? 1_555 79.9  ? 
2  O   ? A ARG 49 ? A ARG 30 ? 1_555 NA ? B NA . ? A NA 201 ? 1_555 O   ? A ASP 54  ? A ASP 35  ? 1_555 167.4 ? 
3  OD1 ? A ASP 52 ? A ASP 33 ? 1_555 NA ? B NA . ? A NA 201 ? 1_555 O   ? A ASP 54  ? A ASP 35  ? 1_555 94.7  ? 
4  O   ? A ARG 49 ? A ARG 30 ? 1_555 NA ? B NA . ? A NA 201 ? 1_555 O   ? A THR 57  ? A THR 38  ? 1_555 102.5 ? 
5  OD1 ? A ASP 52 ? A ASP 33 ? 1_555 NA ? B NA . ? A NA 201 ? 1_555 O   ? A THR 57  ? A THR 38  ? 1_555 153.8 ? 
6  O   ? A ASP 54 ? A ASP 35 ? 1_555 NA ? B NA . ? A NA 201 ? 1_555 O   ? A THR 57  ? A THR 38  ? 1_555 87.4  ? 
7  O   ? A ARG 49 ? A ARG 30 ? 1_555 NA ? B NA . ? A NA 201 ? 1_555 OG1 ? A THR 57  ? A THR 38  ? 1_555 99.8  ? 
8  OD1 ? A ASP 52 ? A ASP 33 ? 1_555 NA ? B NA . ? A NA 201 ? 1_555 OG1 ? A THR 57  ? A THR 38  ? 1_555 77.2  ? 
9  O   ? A ASP 54 ? A ASP 35 ? 1_555 NA ? B NA . ? A NA 201 ? 1_555 OG1 ? A THR 57  ? A THR 38  ? 1_555 90.0  ? 
10 O   ? A THR 57 ? A THR 38 ? 1_555 NA ? B NA . ? A NA 201 ? 1_555 OG1 ? A THR 57  ? A THR 38  ? 1_555 76.7  ? 
11 O   ? A ARG 49 ? A ARG 30 ? 1_555 NA ? B NA . ? A NA 201 ? 1_555 O   ? A THR 152 ? A THR 133 ? 1_555 81.7  ? 
12 OD1 ? A ASP 52 ? A ASP 33 ? 1_555 NA ? B NA . ? A NA 201 ? 1_555 O   ? A THR 152 ? A THR 133 ? 1_555 118.0 ? 
13 O   ? A ASP 54 ? A ASP 35 ? 1_555 NA ? B NA . ? A NA 201 ? 1_555 O   ? A THR 152 ? A THR 133 ? 1_555 91.1  ? 
14 O   ? A THR 57 ? A THR 38 ? 1_555 NA ? B NA . ? A NA 201 ? 1_555 O   ? A THR 152 ? A THR 133 ? 1_555 88.0  ? 
15 OG1 ? A THR 57 ? A THR 38 ? 1_555 NA ? B NA . ? A NA 201 ? 1_555 O   ? A THR 152 ? A THR 133 ? 1_555 164.6 ? 
# 
_pdbx_modification_feature.ordinal                            1 
_pdbx_modification_feature.label_comp_id                      CYS 
_pdbx_modification_feature.label_asym_id                      A 
_pdbx_modification_feature.label_seq_id                       159 
_pdbx_modification_feature.label_alt_id                       ? 
_pdbx_modification_feature.modified_residue_label_comp_id     CYS 
_pdbx_modification_feature.modified_residue_label_asym_id     A 
_pdbx_modification_feature.modified_residue_label_seq_id      164 
_pdbx_modification_feature.modified_residue_label_alt_id      ? 
_pdbx_modification_feature.auth_comp_id                       CYS 
_pdbx_modification_feature.auth_asym_id                       A 
_pdbx_modification_feature.auth_seq_id                        140 
_pdbx_modification_feature.PDB_ins_code                       ? 
_pdbx_modification_feature.symmetry                           1_555 
_pdbx_modification_feature.modified_residue_auth_comp_id      CYS 
_pdbx_modification_feature.modified_residue_auth_asym_id      A 
_pdbx_modification_feature.modified_residue_auth_seq_id       145 
_pdbx_modification_feature.modified_residue_PDB_ins_code      ? 
_pdbx_modification_feature.modified_residue_symmetry          1_555 
_pdbx_modification_feature.comp_id_linking_atom               SG 
_pdbx_modification_feature.modified_residue_id_linking_atom   SG 
_pdbx_modification_feature.modified_residue_id                . 
_pdbx_modification_feature.ref_pcm_id                         . 
_pdbx_modification_feature.ref_comp_id                        . 
_pdbx_modification_feature.type                               None 
_pdbx_modification_feature.category                           'Disulfide bridge' 
# 
_struct_mon_prot_cis.pdbx_id                1 
_struct_mon_prot_cis.label_comp_id          GLU 
_struct_mon_prot_cis.label_seq_id           128 
_struct_mon_prot_cis.label_asym_id          A 
_struct_mon_prot_cis.label_alt_id           . 
_struct_mon_prot_cis.pdbx_PDB_ins_code      ? 
_struct_mon_prot_cis.auth_comp_id           GLU 
_struct_mon_prot_cis.auth_seq_id            109 
_struct_mon_prot_cis.auth_asym_id           A 
_struct_mon_prot_cis.pdbx_label_comp_id_2   PRO 
_struct_mon_prot_cis.pdbx_label_seq_id_2    129 
_struct_mon_prot_cis.pdbx_label_asym_id_2   A 
_struct_mon_prot_cis.pdbx_PDB_ins_code_2    ? 
_struct_mon_prot_cis.pdbx_auth_comp_id_2    PRO 
_struct_mon_prot_cis.pdbx_auth_seq_id_2     110 
_struct_mon_prot_cis.pdbx_auth_asym_id_2    A 
_struct_mon_prot_cis.pdbx_PDB_model_num     1 
_struct_mon_prot_cis.pdbx_omega_angle       -5.59 
# 
loop_
_struct_sheet.id 
_struct_sheet.type 
_struct_sheet.number_strands 
_struct_sheet.details 
AA1 ? 4 ? 
AA2 ? 5 ? 
# 
loop_
_struct_sheet_order.sheet_id 
_struct_sheet_order.range_id_1 
_struct_sheet_order.range_id_2 
_struct_sheet_order.offset 
_struct_sheet_order.sense 
AA1 1 2 ? anti-parallel 
AA1 2 3 ? anti-parallel 
AA1 3 4 ? anti-parallel 
AA2 1 2 ? anti-parallel 
AA2 2 3 ? anti-parallel 
AA2 3 4 ? anti-parallel 
AA2 4 5 ? anti-parallel 
# 
loop_
_struct_sheet_range.sheet_id 
_struct_sheet_range.id 
_struct_sheet_range.beg_label_comp_id 
_struct_sheet_range.beg_label_asym_id 
_struct_sheet_range.beg_label_seq_id 
_struct_sheet_range.pdbx_beg_PDB_ins_code 
_struct_sheet_range.end_label_comp_id 
_struct_sheet_range.end_label_asym_id 
_struct_sheet_range.end_label_seq_id 
_struct_sheet_range.pdbx_end_PDB_ins_code 
_struct_sheet_range.beg_auth_comp_id 
_struct_sheet_range.beg_auth_asym_id 
_struct_sheet_range.beg_auth_seq_id 
_struct_sheet_range.end_auth_comp_id 
_struct_sheet_range.end_auth_asym_id 
_struct_sheet_range.end_auth_seq_id 
AA1 1 ASP A 36  ? ALA A 39  ? ASP A 17  ALA A 20  
AA1 2 TRP A 67  ? PHE A 85  ? TRP A 48  PHE A 66  
AA1 3 TRP A 148 ? VAL A 157 ? TRP A 129 VAL A 138 
AA1 4 TRP A 59  ? ALA A 62  ? TRP A 40  ALA A 43  
AA2 1 ASP A 36  ? ALA A 39  ? ASP A 17  ALA A 20  
AA2 2 TRP A 67  ? PHE A 85  ? TRP A 48  PHE A 66  
AA2 3 GLU A 123 ? ASN A 143 ? GLU A 104 ASN A 124 
AA2 4 SER A 93  ? SER A 100 ? SER A 74  SER A 81  
AA2 5 THR A 107 ? LEU A 114 ? THR A 88  LEU A 95  
# 
loop_
_pdbx_struct_sheet_hbond.sheet_id 
_pdbx_struct_sheet_hbond.range_id_1 
_pdbx_struct_sheet_hbond.range_id_2 
_pdbx_struct_sheet_hbond.range_1_label_atom_id 
_pdbx_struct_sheet_hbond.range_1_label_comp_id 
_pdbx_struct_sheet_hbond.range_1_label_asym_id 
_pdbx_struct_sheet_hbond.range_1_label_seq_id 
_pdbx_struct_sheet_hbond.range_1_PDB_ins_code 
_pdbx_struct_sheet_hbond.range_1_auth_atom_id 
_pdbx_struct_sheet_hbond.range_1_auth_comp_id 
_pdbx_struct_sheet_hbond.range_1_auth_asym_id 
_pdbx_struct_sheet_hbond.range_1_auth_seq_id 
_pdbx_struct_sheet_hbond.range_2_label_atom_id 
_pdbx_struct_sheet_hbond.range_2_label_comp_id 
_pdbx_struct_sheet_hbond.range_2_label_asym_id 
_pdbx_struct_sheet_hbond.range_2_label_seq_id 
_pdbx_struct_sheet_hbond.range_2_PDB_ins_code 
_pdbx_struct_sheet_hbond.range_2_auth_atom_id 
_pdbx_struct_sheet_hbond.range_2_auth_comp_id 
_pdbx_struct_sheet_hbond.range_2_auth_asym_id 
_pdbx_struct_sheet_hbond.range_2_auth_seq_id 
AA1 1 2 N THR A 38  ? N THR A 19  O MET A 69  ? O MET A 50  
AA1 2 3 N ALA A 80  ? N ALA A 61  O VAL A 157 ? O VAL A 138 
AA1 3 4 O VAL A 151 ? O VAL A 132 N TRP A 59  ? N TRP A 40  
AA2 1 2 N THR A 38  ? N THR A 19  O MET A 69  ? O MET A 50  
AA2 2 3 N GLN A 76  ? N GLN A 57  O ALA A 133 ? O ALA A 114 
AA2 3 4 O ARG A 137 ? O ARG A 118 N GLN A 98  ? N GLN A 79  
AA2 4 5 N PHE A 95  ? N PHE A 76  O GLN A 113 ? O GLN A 94  
# 
_struct_site.id                   AC1 
_struct_site.pdbx_evidence_code   Software 
_struct_site.pdbx_auth_asym_id    A 
_struct_site.pdbx_auth_comp_id    NA 
_struct_site.pdbx_auth_seq_id     201 
_struct_site.pdbx_auth_ins_code   ? 
_struct_site.pdbx_num_residues    5 
_struct_site.details              'binding site for residue NA A 201' 
# 
loop_
_struct_site_gen.id 
_struct_site_gen.site_id 
_struct_site_gen.pdbx_num_res 
_struct_site_gen.label_comp_id 
_struct_site_gen.label_asym_id 
_struct_site_gen.label_seq_id 
_struct_site_gen.pdbx_auth_ins_code 
_struct_site_gen.auth_comp_id 
_struct_site_gen.auth_asym_id 
_struct_site_gen.auth_seq_id 
_struct_site_gen.label_atom_id 
_struct_site_gen.label_alt_id 
_struct_site_gen.symmetry 
_struct_site_gen.details 
1 AC1 5 ARG A 49  ? ARG A 30  . ? 1_555 ? 
2 AC1 5 ASP A 52  ? ASP A 33  . ? 1_555 ? 
3 AC1 5 ASP A 54  ? ASP A 35  . ? 1_555 ? 
4 AC1 5 THR A 57  ? THR A 38  . ? 1_555 ? 
5 AC1 5 THR A 152 ? THR A 133 . ? 1_555 ? 
# 
_pdbx_entry_details.entry_id                   5ZU6 
_pdbx_entry_details.compound_details           ? 
_pdbx_entry_details.source_details             ? 
_pdbx_entry_details.nonpolymer_details         ? 
_pdbx_entry_details.sequence_details           ? 
_pdbx_entry_details.has_ligand_of_interest     ? 
_pdbx_entry_details.has_protein_modification   Y 
# 
_pdbx_distant_solvent_atoms.id                                1 
_pdbx_distant_solvent_atoms.PDB_model_num                     1 
_pdbx_distant_solvent_atoms.auth_atom_id                      O 
_pdbx_distant_solvent_atoms.label_alt_id                      ? 
_pdbx_distant_solvent_atoms.auth_asym_id                      A 
_pdbx_distant_solvent_atoms.auth_comp_id                      HOH 
_pdbx_distant_solvent_atoms.auth_seq_id                       514 
_pdbx_distant_solvent_atoms.PDB_ins_code                      ? 
_pdbx_distant_solvent_atoms.neighbor_macromolecule_distance   5.89 
_pdbx_distant_solvent_atoms.neighbor_ligand_distance          . 
# 
loop_
_pdbx_unobs_or_zero_occ_residues.id 
_pdbx_unobs_or_zero_occ_residues.PDB_model_num 
_pdbx_unobs_or_zero_occ_residues.polymer_flag 
_pdbx_unobs_or_zero_occ_residues.occupancy_flag 
_pdbx_unobs_or_zero_occ_residues.auth_asym_id 
_pdbx_unobs_or_zero_occ_residues.auth_comp_id 
_pdbx_unobs_or_zero_occ_residues.auth_seq_id 
_pdbx_unobs_or_zero_occ_residues.PDB_ins_code 
_pdbx_unobs_or_zero_occ_residues.label_asym_id 
_pdbx_unobs_or_zero_occ_residues.label_comp_id 
_pdbx_unobs_or_zero_occ_residues.label_seq_id 
1  1 Y 1 A GLY -18 ? A GLY 1  
2  1 Y 1 A PRO -17 ? A PRO 2  
3  1 Y 1 A PRO -16 ? A PRO 3  
4  1 Y 1 A ASP -15 ? A ASP 4  
5  1 Y 1 A LEU -14 ? A LEU 5  
6  1 Y 1 A GLY -13 ? A GLY 6  
7  1 Y 1 A THR -12 ? A THR 7  
8  1 Y 1 A ASP -11 ? A ASP 8  
9  1 Y 1 A ASP -10 ? A ASP 9  
10 1 Y 1 A ASP -9  ? A ASP 10 
11 1 Y 1 A ASP -8  ? A ASP 11 
12 1 Y 1 A LYS -7  ? A LYS 12 
13 1 Y 1 A ALA -6  ? A ALA 13 
14 1 Y 1 A MET -5  ? A MET 14 
15 1 Y 1 A ALA -4  ? A ALA 15 
16 1 Y 1 A ASP -3  ? A ASP 16 
17 1 Y 1 A ILE -2  ? A ILE 17 
18 1 Y 1 A ALA -1  ? A ALA 18 
19 1 Y 1 A SER 0   ? A SER 19 
# 
loop_
_chem_comp_atom.comp_id 
_chem_comp_atom.atom_id 
_chem_comp_atom.type_symbol 
_chem_comp_atom.pdbx_aromatic_flag 
_chem_comp_atom.pdbx_stereo_config 
_chem_comp_atom.pdbx_ordinal 
ALA N    N  N N 1   
ALA CA   C  N S 2   
ALA C    C  N N 3   
ALA O    O  N N 4   
ALA CB   C  N N 5   
ALA OXT  O  N N 6   
ALA H    H  N N 7   
ALA H2   H  N N 8   
ALA HA   H  N N 9   
ALA HB1  H  N N 10  
ALA HB2  H  N N 11  
ALA HB3  H  N N 12  
ALA HXT  H  N N 13  
ARG N    N  N N 14  
ARG CA   C  N S 15  
ARG C    C  N N 16  
ARG O    O  N N 17  
ARG CB   C  N N 18  
ARG CG   C  N N 19  
ARG CD   C  N N 20  
ARG NE   N  N N 21  
ARG CZ   C  N N 22  
ARG NH1  N  N N 23  
ARG NH2  N  N N 24  
ARG OXT  O  N N 25  
ARG H    H  N N 26  
ARG H2   H  N N 27  
ARG HA   H  N N 28  
ARG HB2  H  N N 29  
ARG HB3  H  N N 30  
ARG HG2  H  N N 31  
ARG HG3  H  N N 32  
ARG HD2  H  N N 33  
ARG HD3  H  N N 34  
ARG HE   H  N N 35  
ARG HH11 H  N N 36  
ARG HH12 H  N N 37  
ARG HH21 H  N N 38  
ARG HH22 H  N N 39  
ARG HXT  H  N N 40  
ASN N    N  N N 41  
ASN CA   C  N S 42  
ASN C    C  N N 43  
ASN O    O  N N 44  
ASN CB   C  N N 45  
ASN CG   C  N N 46  
ASN OD1  O  N N 47  
ASN ND2  N  N N 48  
ASN OXT  O  N N 49  
ASN H    H  N N 50  
ASN H2   H  N N 51  
ASN HA   H  N N 52  
ASN HB2  H  N N 53  
ASN HB3  H  N N 54  
ASN HD21 H  N N 55  
ASN HD22 H  N N 56  
ASN HXT  H  N N 57  
ASP N    N  N N 58  
ASP CA   C  N S 59  
ASP C    C  N N 60  
ASP O    O  N N 61  
ASP CB   C  N N 62  
ASP CG   C  N N 63  
ASP OD1  O  N N 64  
ASP OD2  O  N N 65  
ASP OXT  O  N N 66  
ASP H    H  N N 67  
ASP H2   H  N N 68  
ASP HA   H  N N 69  
ASP HB2  H  N N 70  
ASP HB3  H  N N 71  
ASP HD2  H  N N 72  
ASP HXT  H  N N 73  
CYS N    N  N N 74  
CYS CA   C  N R 75  
CYS C    C  N N 76  
CYS O    O  N N 77  
CYS CB   C  N N 78  
CYS SG   S  N N 79  
CYS OXT  O  N N 80  
CYS H    H  N N 81  
CYS H2   H  N N 82  
CYS HA   H  N N 83  
CYS HB2  H  N N 84  
CYS HB3  H  N N 85  
CYS HG   H  N N 86  
CYS HXT  H  N N 87  
GLN N    N  N N 88  
GLN CA   C  N S 89  
GLN C    C  N N 90  
GLN O    O  N N 91  
GLN CB   C  N N 92  
GLN CG   C  N N 93  
GLN CD   C  N N 94  
GLN OE1  O  N N 95  
GLN NE2  N  N N 96  
GLN OXT  O  N N 97  
GLN H    H  N N 98  
GLN H2   H  N N 99  
GLN HA   H  N N 100 
GLN HB2  H  N N 101 
GLN HB3  H  N N 102 
GLN HG2  H  N N 103 
GLN HG3  H  N N 104 
GLN HE21 H  N N 105 
GLN HE22 H  N N 106 
GLN HXT  H  N N 107 
GLU N    N  N N 108 
GLU CA   C  N S 109 
GLU C    C  N N 110 
GLU O    O  N N 111 
GLU CB   C  N N 112 
GLU CG   C  N N 113 
GLU CD   C  N N 114 
GLU OE1  O  N N 115 
GLU OE2  O  N N 116 
GLU OXT  O  N N 117 
GLU H    H  N N 118 
GLU H2   H  N N 119 
GLU HA   H  N N 120 
GLU HB2  H  N N 121 
GLU HB3  H  N N 122 
GLU HG2  H  N N 123 
GLU HG3  H  N N 124 
GLU HE2  H  N N 125 
GLU HXT  H  N N 126 
GLY N    N  N N 127 
GLY CA   C  N N 128 
GLY C    C  N N 129 
GLY O    O  N N 130 
GLY OXT  O  N N 131 
GLY H    H  N N 132 
GLY H2   H  N N 133 
GLY HA2  H  N N 134 
GLY HA3  H  N N 135 
GLY HXT  H  N N 136 
HIS N    N  N N 137 
HIS CA   C  N S 138 
HIS C    C  N N 139 
HIS O    O  N N 140 
HIS CB   C  N N 141 
HIS CG   C  Y N 142 
HIS ND1  N  Y N 143 
HIS CD2  C  Y N 144 
HIS CE1  C  Y N 145 
HIS NE2  N  Y N 146 
HIS OXT  O  N N 147 
HIS H    H  N N 148 
HIS H2   H  N N 149 
HIS HA   H  N N 150 
HIS HB2  H  N N 151 
HIS HB3  H  N N 152 
HIS HD1  H  N N 153 
HIS HD2  H  N N 154 
HIS HE1  H  N N 155 
HIS HE2  H  N N 156 
HIS HXT  H  N N 157 
HOH O    O  N N 158 
HOH H1   H  N N 159 
HOH H2   H  N N 160 
ILE N    N  N N 161 
ILE CA   C  N S 162 
ILE C    C  N N 163 
ILE O    O  N N 164 
ILE CB   C  N S 165 
ILE CG1  C  N N 166 
ILE CG2  C  N N 167 
ILE CD1  C  N N 168 
ILE OXT  O  N N 169 
ILE H    H  N N 170 
ILE H2   H  N N 171 
ILE HA   H  N N 172 
ILE HB   H  N N 173 
ILE HG12 H  N N 174 
ILE HG13 H  N N 175 
ILE HG21 H  N N 176 
ILE HG22 H  N N 177 
ILE HG23 H  N N 178 
ILE HD11 H  N N 179 
ILE HD12 H  N N 180 
ILE HD13 H  N N 181 
ILE HXT  H  N N 182 
LEU N    N  N N 183 
LEU CA   C  N S 184 
LEU C    C  N N 185 
LEU O    O  N N 186 
LEU CB   C  N N 187 
LEU CG   C  N N 188 
LEU CD1  C  N N 189 
LEU CD2  C  N N 190 
LEU OXT  O  N N 191 
LEU H    H  N N 192 
LEU H2   H  N N 193 
LEU HA   H  N N 194 
LEU HB2  H  N N 195 
LEU HB3  H  N N 196 
LEU HG   H  N N 197 
LEU HD11 H  N N 198 
LEU HD12 H  N N 199 
LEU HD13 H  N N 200 
LEU HD21 H  N N 201 
LEU HD22 H  N N 202 
LEU HD23 H  N N 203 
LEU HXT  H  N N 204 
LYS N    N  N N 205 
LYS CA   C  N S 206 
LYS C    C  N N 207 
LYS O    O  N N 208 
LYS CB   C  N N 209 
LYS CG   C  N N 210 
LYS CD   C  N N 211 
LYS CE   C  N N 212 
LYS NZ   N  N N 213 
LYS OXT  O  N N 214 
LYS H    H  N N 215 
LYS H2   H  N N 216 
LYS HA   H  N N 217 
LYS HB2  H  N N 218 
LYS HB3  H  N N 219 
LYS HG2  H  N N 220 
LYS HG3  H  N N 221 
LYS HD2  H  N N 222 
LYS HD3  H  N N 223 
LYS HE2  H  N N 224 
LYS HE3  H  N N 225 
LYS HZ1  H  N N 226 
LYS HZ2  H  N N 227 
LYS HZ3  H  N N 228 
LYS HXT  H  N N 229 
MET N    N  N N 230 
MET CA   C  N S 231 
MET C    C  N N 232 
MET O    O  N N 233 
MET CB   C  N N 234 
MET CG   C  N N 235 
MET SD   S  N N 236 
MET CE   C  N N 237 
MET OXT  O  N N 238 
MET H    H  N N 239 
MET H2   H  N N 240 
MET HA   H  N N 241 
MET HB2  H  N N 242 
MET HB3  H  N N 243 
MET HG2  H  N N 244 
MET HG3  H  N N 245 
MET HE1  H  N N 246 
MET HE2  H  N N 247 
MET HE3  H  N N 248 
MET HXT  H  N N 249 
NA  NA   NA N N 250 
PHE N    N  N N 251 
PHE CA   C  N S 252 
PHE C    C  N N 253 
PHE O    O  N N 254 
PHE CB   C  N N 255 
PHE CG   C  Y N 256 
PHE CD1  C  Y N 257 
PHE CD2  C  Y N 258 
PHE CE1  C  Y N 259 
PHE CE2  C  Y N 260 
PHE CZ   C  Y N 261 
PHE OXT  O  N N 262 
PHE H    H  N N 263 
PHE H2   H  N N 264 
PHE HA   H  N N 265 
PHE HB2  H  N N 266 
PHE HB3  H  N N 267 
PHE HD1  H  N N 268 
PHE HD2  H  N N 269 
PHE HE1  H  N N 270 
PHE HE2  H  N N 271 
PHE HZ   H  N N 272 
PHE HXT  H  N N 273 
PRO N    N  N N 274 
PRO CA   C  N S 275 
PRO C    C  N N 276 
PRO O    O  N N 277 
PRO CB   C  N N 278 
PRO CG   C  N N 279 
PRO CD   C  N N 280 
PRO OXT  O  N N 281 
PRO H    H  N N 282 
PRO HA   H  N N 283 
PRO HB2  H  N N 284 
PRO HB3  H  N N 285 
PRO HG2  H  N N 286 
PRO HG3  H  N N 287 
PRO HD2  H  N N 288 
PRO HD3  H  N N 289 
PRO HXT  H  N N 290 
SER N    N  N N 291 
SER CA   C  N S 292 
SER C    C  N N 293 
SER O    O  N N 294 
SER CB   C  N N 295 
SER OG   O  N N 296 
SER OXT  O  N N 297 
SER H    H  N N 298 
SER H2   H  N N 299 
SER HA   H  N N 300 
SER HB2  H  N N 301 
SER HB3  H  N N 302 
SER HG   H  N N 303 
SER HXT  H  N N 304 
THR N    N  N N 305 
THR CA   C  N S 306 
THR C    C  N N 307 
THR O    O  N N 308 
THR CB   C  N R 309 
THR OG1  O  N N 310 
THR CG2  C  N N 311 
THR OXT  O  N N 312 
THR H    H  N N 313 
THR H2   H  N N 314 
THR HA   H  N N 315 
THR HB   H  N N 316 
THR HG1  H  N N 317 
THR HG21 H  N N 318 
THR HG22 H  N N 319 
THR HG23 H  N N 320 
THR HXT  H  N N 321 
TRP N    N  N N 322 
TRP CA   C  N S 323 
TRP C    C  N N 324 
TRP O    O  N N 325 
TRP CB   C  N N 326 
TRP CG   C  Y N 327 
TRP CD1  C  Y N 328 
TRP CD2  C  Y N 329 
TRP NE1  N  Y N 330 
TRP CE2  C  Y N 331 
TRP CE3  C  Y N 332 
TRP CZ2  C  Y N 333 
TRP CZ3  C  Y N 334 
TRP CH2  C  Y N 335 
TRP OXT  O  N N 336 
TRP H    H  N N 337 
TRP H2   H  N N 338 
TRP HA   H  N N 339 
TRP HB2  H  N N 340 
TRP HB3  H  N N 341 
TRP HD1  H  N N 342 
TRP HE1  H  N N 343 
TRP HE3  H  N N 344 
TRP HZ2  H  N N 345 
TRP HZ3  H  N N 346 
TRP HH2  H  N N 347 
TRP HXT  H  N N 348 
TYR N    N  N N 349 
TYR CA   C  N S 350 
TYR C    C  N N 351 
TYR O    O  N N 352 
TYR CB   C  N N 353 
TYR CG   C  Y N 354 
TYR CD1  C  Y N 355 
TYR CD2  C  Y N 356 
TYR CE1  C  Y N 357 
TYR CE2  C  Y N 358 
TYR CZ   C  Y N 359 
TYR OH   O  N N 360 
TYR OXT  O  N N 361 
TYR H    H  N N 362 
TYR H2   H  N N 363 
TYR HA   H  N N 364 
TYR HB2  H  N N 365 
TYR HB3  H  N N 366 
TYR HD1  H  N N 367 
TYR HD2  H  N N 368 
TYR HE1  H  N N 369 
TYR HE2  H  N N 370 
TYR HH   H  N N 371 
TYR HXT  H  N N 372 
VAL N    N  N N 373 
VAL CA   C  N S 374 
VAL C    C  N N 375 
VAL O    O  N N 376 
VAL CB   C  N N 377 
VAL CG1  C  N N 378 
VAL CG2  C  N N 379 
VAL OXT  O  N N 380 
VAL H    H  N N 381 
VAL H2   H  N N 382 
VAL HA   H  N N 383 
VAL HB   H  N N 384 
VAL HG11 H  N N 385 
VAL HG12 H  N N 386 
VAL HG13 H  N N 387 
VAL HG21 H  N N 388 
VAL HG22 H  N N 389 
VAL HG23 H  N N 390 
VAL HXT  H  N N 391 
# 
loop_
_chem_comp_bond.comp_id 
_chem_comp_bond.atom_id_1 
_chem_comp_bond.atom_id_2 
_chem_comp_bond.value_order 
_chem_comp_bond.pdbx_aromatic_flag 
_chem_comp_bond.pdbx_stereo_config 
_chem_comp_bond.pdbx_ordinal 
ALA N   CA   sing N N 1   
ALA N   H    sing N N 2   
ALA N   H2   sing N N 3   
ALA CA  C    sing N N 4   
ALA CA  CB   sing N N 5   
ALA CA  HA   sing N N 6   
ALA C   O    doub N N 7   
ALA C   OXT  sing N N 8   
ALA CB  HB1  sing N N 9   
ALA CB  HB2  sing N N 10  
ALA CB  HB3  sing N N 11  
ALA OXT HXT  sing N N 12  
ARG N   CA   sing N N 13  
ARG N   H    sing N N 14  
ARG N   H2   sing N N 15  
ARG CA  C    sing N N 16  
ARG CA  CB   sing N N 17  
ARG CA  HA   sing N N 18  
ARG C   O    doub N N 19  
ARG C   OXT  sing N N 20  
ARG CB  CG   sing N N 21  
ARG CB  HB2  sing N N 22  
ARG CB  HB3  sing N N 23  
ARG CG  CD   sing N N 24  
ARG CG  HG2  sing N N 25  
ARG CG  HG3  sing N N 26  
ARG CD  NE   sing N N 27  
ARG CD  HD2  sing N N 28  
ARG CD  HD3  sing N N 29  
ARG NE  CZ   sing N N 30  
ARG NE  HE   sing N N 31  
ARG CZ  NH1  sing N N 32  
ARG CZ  NH2  doub N N 33  
ARG NH1 HH11 sing N N 34  
ARG NH1 HH12 sing N N 35  
ARG NH2 HH21 sing N N 36  
ARG NH2 HH22 sing N N 37  
ARG OXT HXT  sing N N 38  
ASN N   CA   sing N N 39  
ASN N   H    sing N N 40  
ASN N   H2   sing N N 41  
ASN CA  C    sing N N 42  
ASN CA  CB   sing N N 43  
ASN CA  HA   sing N N 44  
ASN C   O    doub N N 45  
ASN C   OXT  sing N N 46  
ASN CB  CG   sing N N 47  
ASN CB  HB2  sing N N 48  
ASN CB  HB3  sing N N 49  
ASN CG  OD1  doub N N 50  
ASN CG  ND2  sing N N 51  
ASN ND2 HD21 sing N N 52  
ASN ND2 HD22 sing N N 53  
ASN OXT HXT  sing N N 54  
ASP N   CA   sing N N 55  
ASP N   H    sing N N 56  
ASP N   H2   sing N N 57  
ASP CA  C    sing N N 58  
ASP CA  CB   sing N N 59  
ASP CA  HA   sing N N 60  
ASP C   O    doub N N 61  
ASP C   OXT  sing N N 62  
ASP CB  CG   sing N N 63  
ASP CB  HB2  sing N N 64  
ASP CB  HB3  sing N N 65  
ASP CG  OD1  doub N N 66  
ASP CG  OD2  sing N N 67  
ASP OD2 HD2  sing N N 68  
ASP OXT HXT  sing N N 69  
CYS N   CA   sing N N 70  
CYS N   H    sing N N 71  
CYS N   H2   sing N N 72  
CYS CA  C    sing N N 73  
CYS CA  CB   sing N N 74  
CYS CA  HA   sing N N 75  
CYS C   O    doub N N 76  
CYS C   OXT  sing N N 77  
CYS CB  SG   sing N N 78  
CYS CB  HB2  sing N N 79  
CYS CB  HB3  sing N N 80  
CYS SG  HG   sing N N 81  
CYS OXT HXT  sing N N 82  
GLN N   CA   sing N N 83  
GLN N   H    sing N N 84  
GLN N   H2   sing N N 85  
GLN CA  C    sing N N 86  
GLN CA  CB   sing N N 87  
GLN CA  HA   sing N N 88  
GLN C   O    doub N N 89  
GLN C   OXT  sing N N 90  
GLN CB  CG   sing N N 91  
GLN CB  HB2  sing N N 92  
GLN CB  HB3  sing N N 93  
GLN CG  CD   sing N N 94  
GLN CG  HG2  sing N N 95  
GLN CG  HG3  sing N N 96  
GLN CD  OE1  doub N N 97  
GLN CD  NE2  sing N N 98  
GLN NE2 HE21 sing N N 99  
GLN NE2 HE22 sing N N 100 
GLN OXT HXT  sing N N 101 
GLU N   CA   sing N N 102 
GLU N   H    sing N N 103 
GLU N   H2   sing N N 104 
GLU CA  C    sing N N 105 
GLU CA  CB   sing N N 106 
GLU CA  HA   sing N N 107 
GLU C   O    doub N N 108 
GLU C   OXT  sing N N 109 
GLU CB  CG   sing N N 110 
GLU CB  HB2  sing N N 111 
GLU CB  HB3  sing N N 112 
GLU CG  CD   sing N N 113 
GLU CG  HG2  sing N N 114 
GLU CG  HG3  sing N N 115 
GLU CD  OE1  doub N N 116 
GLU CD  OE2  sing N N 117 
GLU OE2 HE2  sing N N 118 
GLU OXT HXT  sing N N 119 
GLY N   CA   sing N N 120 
GLY N   H    sing N N 121 
GLY N   H2   sing N N 122 
GLY CA  C    sing N N 123 
GLY CA  HA2  sing N N 124 
GLY CA  HA3  sing N N 125 
GLY C   O    doub N N 126 
GLY C   OXT  sing N N 127 
GLY OXT HXT  sing N N 128 
HIS N   CA   sing N N 129 
HIS N   H    sing N N 130 
HIS N   H2   sing N N 131 
HIS CA  C    sing N N 132 
HIS CA  CB   sing N N 133 
HIS CA  HA   sing N N 134 
HIS C   O    doub N N 135 
HIS C   OXT  sing N N 136 
HIS CB  CG   sing N N 137 
HIS CB  HB2  sing N N 138 
HIS CB  HB3  sing N N 139 
HIS CG  ND1  sing Y N 140 
HIS CG  CD2  doub Y N 141 
HIS ND1 CE1  doub Y N 142 
HIS ND1 HD1  sing N N 143 
HIS CD2 NE2  sing Y N 144 
HIS CD2 HD2  sing N N 145 
HIS CE1 NE2  sing Y N 146 
HIS CE1 HE1  sing N N 147 
HIS NE2 HE2  sing N N 148 
HIS OXT HXT  sing N N 149 
HOH O   H1   sing N N 150 
HOH O   H2   sing N N 151 
ILE N   CA   sing N N 152 
ILE N   H    sing N N 153 
ILE N   H2   sing N N 154 
ILE CA  C    sing N N 155 
ILE CA  CB   sing N N 156 
ILE CA  HA   sing N N 157 
ILE C   O    doub N N 158 
ILE C   OXT  sing N N 159 
ILE CB  CG1  sing N N 160 
ILE CB  CG2  sing N N 161 
ILE CB  HB   sing N N 162 
ILE CG1 CD1  sing N N 163 
ILE CG1 HG12 sing N N 164 
ILE CG1 HG13 sing N N 165 
ILE CG2 HG21 sing N N 166 
ILE CG2 HG22 sing N N 167 
ILE CG2 HG23 sing N N 168 
ILE CD1 HD11 sing N N 169 
ILE CD1 HD12 sing N N 170 
ILE CD1 HD13 sing N N 171 
ILE OXT HXT  sing N N 172 
LEU N   CA   sing N N 173 
LEU N   H    sing N N 174 
LEU N   H2   sing N N 175 
LEU CA  C    sing N N 176 
LEU CA  CB   sing N N 177 
LEU CA  HA   sing N N 178 
LEU C   O    doub N N 179 
LEU C   OXT  sing N N 180 
LEU CB  CG   sing N N 181 
LEU CB  HB2  sing N N 182 
LEU CB  HB3  sing N N 183 
LEU CG  CD1  sing N N 184 
LEU CG  CD2  sing N N 185 
LEU CG  HG   sing N N 186 
LEU CD1 HD11 sing N N 187 
LEU CD1 HD12 sing N N 188 
LEU CD1 HD13 sing N N 189 
LEU CD2 HD21 sing N N 190 
LEU CD2 HD22 sing N N 191 
LEU CD2 HD23 sing N N 192 
LEU OXT HXT  sing N N 193 
LYS N   CA   sing N N 194 
LYS N   H    sing N N 195 
LYS N   H2   sing N N 196 
LYS CA  C    sing N N 197 
LYS CA  CB   sing N N 198 
LYS CA  HA   sing N N 199 
LYS C   O    doub N N 200 
LYS C   OXT  sing N N 201 
LYS CB  CG   sing N N 202 
LYS CB  HB2  sing N N 203 
LYS CB  HB3  sing N N 204 
LYS CG  CD   sing N N 205 
LYS CG  HG2  sing N N 206 
LYS CG  HG3  sing N N 207 
LYS CD  CE   sing N N 208 
LYS CD  HD2  sing N N 209 
LYS CD  HD3  sing N N 210 
LYS CE  NZ   sing N N 211 
LYS CE  HE2  sing N N 212 
LYS CE  HE3  sing N N 213 
LYS NZ  HZ1  sing N N 214 
LYS NZ  HZ2  sing N N 215 
LYS NZ  HZ3  sing N N 216 
LYS OXT HXT  sing N N 217 
MET N   CA   sing N N 218 
MET N   H    sing N N 219 
MET N   H2   sing N N 220 
MET CA  C    sing N N 221 
MET CA  CB   sing N N 222 
MET CA  HA   sing N N 223 
MET C   O    doub N N 224 
MET C   OXT  sing N N 225 
MET CB  CG   sing N N 226 
MET CB  HB2  sing N N 227 
MET CB  HB3  sing N N 228 
MET CG  SD   sing N N 229 
MET CG  HG2  sing N N 230 
MET CG  HG3  sing N N 231 
MET SD  CE   sing N N 232 
MET CE  HE1  sing N N 233 
MET CE  HE2  sing N N 234 
MET CE  HE3  sing N N 235 
MET OXT HXT  sing N N 236 
PHE N   CA   sing N N 237 
PHE N   H    sing N N 238 
PHE N   H2   sing N N 239 
PHE CA  C    sing N N 240 
PHE CA  CB   sing N N 241 
PHE CA  HA   sing N N 242 
PHE C   O    doub N N 243 
PHE C   OXT  sing N N 244 
PHE CB  CG   sing N N 245 
PHE CB  HB2  sing N N 246 
PHE CB  HB3  sing N N 247 
PHE CG  CD1  doub Y N 248 
PHE CG  CD2  sing Y N 249 
PHE CD1 CE1  sing Y N 250 
PHE CD1 HD1  sing N N 251 
PHE CD2 CE2  doub Y N 252 
PHE CD2 HD2  sing N N 253 
PHE CE1 CZ   doub Y N 254 
PHE CE1 HE1  sing N N 255 
PHE CE2 CZ   sing Y N 256 
PHE CE2 HE2  sing N N 257 
PHE CZ  HZ   sing N N 258 
PHE OXT HXT  sing N N 259 
PRO N   CA   sing N N 260 
PRO N   CD   sing N N 261 
PRO N   H    sing N N 262 
PRO CA  C    sing N N 263 
PRO CA  CB   sing N N 264 
PRO CA  HA   sing N N 265 
PRO C   O    doub N N 266 
PRO C   OXT  sing N N 267 
PRO CB  CG   sing N N 268 
PRO CB  HB2  sing N N 269 
PRO CB  HB3  sing N N 270 
PRO CG  CD   sing N N 271 
PRO CG  HG2  sing N N 272 
PRO CG  HG3  sing N N 273 
PRO CD  HD2  sing N N 274 
PRO CD  HD3  sing N N 275 
PRO OXT HXT  sing N N 276 
SER N   CA   sing N N 277 
SER N   H    sing N N 278 
SER N   H2   sing N N 279 
SER CA  C    sing N N 280 
SER CA  CB   sing N N 281 
SER CA  HA   sing N N 282 
SER C   O    doub N N 283 
SER C   OXT  sing N N 284 
SER CB  OG   sing N N 285 
SER CB  HB2  sing N N 286 
SER CB  HB3  sing N N 287 
SER OG  HG   sing N N 288 
SER OXT HXT  sing N N 289 
THR N   CA   sing N N 290 
THR N   H    sing N N 291 
THR N   H2   sing N N 292 
THR CA  C    sing N N 293 
THR CA  CB   sing N N 294 
THR CA  HA   sing N N 295 
THR C   O    doub N N 296 
THR C   OXT  sing N N 297 
THR CB  OG1  sing N N 298 
THR CB  CG2  sing N N 299 
THR CB  HB   sing N N 300 
THR OG1 HG1  sing N N 301 
THR CG2 HG21 sing N N 302 
THR CG2 HG22 sing N N 303 
THR CG2 HG23 sing N N 304 
THR OXT HXT  sing N N 305 
TRP N   CA   sing N N 306 
TRP N   H    sing N N 307 
TRP N   H2   sing N N 308 
TRP CA  C    sing N N 309 
TRP CA  CB   sing N N 310 
TRP CA  HA   sing N N 311 
TRP C   O    doub N N 312 
TRP C   OXT  sing N N 313 
TRP CB  CG   sing N N 314 
TRP CB  HB2  sing N N 315 
TRP CB  HB3  sing N N 316 
TRP CG  CD1  doub Y N 317 
TRP CG  CD2  sing Y N 318 
TRP CD1 NE1  sing Y N 319 
TRP CD1 HD1  sing N N 320 
TRP CD2 CE2  doub Y N 321 
TRP CD2 CE3  sing Y N 322 
TRP NE1 CE2  sing Y N 323 
TRP NE1 HE1  sing N N 324 
TRP CE2 CZ2  sing Y N 325 
TRP CE3 CZ3  doub Y N 326 
TRP CE3 HE3  sing N N 327 
TRP CZ2 CH2  doub Y N 328 
TRP CZ2 HZ2  sing N N 329 
TRP CZ3 CH2  sing Y N 330 
TRP CZ3 HZ3  sing N N 331 
TRP CH2 HH2  sing N N 332 
TRP OXT HXT  sing N N 333 
TYR N   CA   sing N N 334 
TYR N   H    sing N N 335 
TYR N   H2   sing N N 336 
TYR CA  C    sing N N 337 
TYR CA  CB   sing N N 338 
TYR CA  HA   sing N N 339 
TYR C   O    doub N N 340 
TYR C   OXT  sing N N 341 
TYR CB  CG   sing N N 342 
TYR CB  HB2  sing N N 343 
TYR CB  HB3  sing N N 344 
TYR CG  CD1  doub Y N 345 
TYR CG  CD2  sing Y N 346 
TYR CD1 CE1  sing Y N 347 
TYR CD1 HD1  sing N N 348 
TYR CD2 CE2  doub Y N 349 
TYR CD2 HD2  sing N N 350 
TYR CE1 CZ   doub Y N 351 
TYR CE1 HE1  sing N N 352 
TYR CE2 CZ   sing Y N 353 
TYR CE2 HE2  sing N N 354 
TYR CZ  OH   sing N N 355 
TYR OH  HH   sing N N 356 
TYR OXT HXT  sing N N 357 
VAL N   CA   sing N N 358 
VAL N   H    sing N N 359 
VAL N   H2   sing N N 360 
VAL CA  C    sing N N 361 
VAL CA  CB   sing N N 362 
VAL CA  HA   sing N N 363 
VAL C   O    doub N N 364 
VAL C   OXT  sing N N 365 
VAL CB  CG1  sing N N 366 
VAL CB  CG2  sing N N 367 
VAL CB  HB   sing N N 368 
VAL CG1 HG11 sing N N 369 
VAL CG1 HG12 sing N N 370 
VAL CG1 HG13 sing N N 371 
VAL CG2 HG21 sing N N 372 
VAL CG2 HG22 sing N N 373 
VAL CG2 HG23 sing N N 374 
VAL OXT HXT  sing N N 375 
# 
_pdbx_audit_support.funding_organization   'National Science Foundation (China)' 
_pdbx_audit_support.country                China 
_pdbx_audit_support.grant_number           41706151 
_pdbx_audit_support.ordinal                1 
# 
_pdbx_initial_refinement_model.id               1 
_pdbx_initial_refinement_model.entity_id_list   ? 
_pdbx_initial_refinement_model.type             'experimental model' 
_pdbx_initial_refinement_model.source_name      PDB 
_pdbx_initial_refinement_model.accession_code   5ZU5 
_pdbx_initial_refinement_model.details          ? 
# 
_atom_sites.entry_id                    5ZU6 
_atom_sites.fract_transf_matrix[1][1]   -0.02264465 
_atom_sites.fract_transf_matrix[1][2]   0.00112968 
_atom_sites.fract_transf_matrix[1][3]   -0.00246112 
_atom_sites.fract_transf_matrix[2][1]   -0.00011203 
_atom_sites.fract_transf_matrix[2][2]   0.01456216 
_atom_sites.fract_transf_matrix[2][3]   0.00771501 
_atom_sites.fract_transf_matrix[3][1]   0.00177215 
_atom_sites.fract_transf_matrix[3][2]   0.00695974 
_atom_sites.fract_transf_matrix[3][3]   -0.01311084 
_atom_sites.fract_transf_vector[1]      0.643350 
_atom_sites.fract_transf_vector[2]      0.640005 
_atom_sites.fract_transf_vector[3]      0.168563 
# 
loop_
_atom_type.symbol 
C  
N  
NA 
O  
S  
# 
loop_
_atom_site.group_PDB 
_atom_site.id 
_atom_site.type_symbol 
_atom_site.label_atom_id 
_atom_site.label_alt_id 
_atom_site.label_comp_id 
_atom_site.label_asym_id 
_atom_site.label_entity_id 
_atom_site.label_seq_id 
_atom_site.pdbx_PDB_ins_code 
_atom_site.Cartn_x 
_atom_site.Cartn_y 
_atom_site.Cartn_z 
_atom_site.occupancy 
_atom_site.B_iso_or_equiv 
_atom_site.pdbx_formal_charge 
_atom_site.auth_seq_id 
_atom_site.auth_comp_id 
_atom_site.auth_asym_id 
_atom_site.auth_atom_id 
_atom_site.pdbx_PDB_model_num 
ATOM   1    N  N   . ASP A 1 20  ? -7.031  10.694  12.764  1.00 31.72 ? 1   ASP A N   1 
ATOM   2    C  CA  . ASP A 1 20  ? -8.178  10.497  13.728  1.00 28.51 ? 1   ASP A CA  1 
ATOM   3    C  C   . ASP A 1 20  ? -8.112  9.136   14.450  1.00 24.08 ? 1   ASP A C   1 
ATOM   4    O  O   . ASP A 1 20  ? -9.070  8.679   15.168  1.00 20.60 ? 1   ASP A O   1 
ATOM   5    C  CB  . ASP A 1 20  ? -9.509  10.644  13.006  1.00 34.46 ? 1   ASP A CB  1 
ATOM   6    C  CG  . ASP A 1 20  ? -9.381  11.377  11.687  1.00 40.51 ? 1   ASP A CG  1 
ATOM   7    O  OD1 . ASP A 1 20  ? -8.902  10.754  10.699  1.00 47.28 ? 1   ASP A OD1 1 
ATOM   8    O  OD2 . ASP A 1 20  ? -9.746  12.576  11.658  1.00 44.04 ? 1   ASP A OD2 1 
ATOM   9    N  N   . PHE A 1 21  ? -6.942  8.505   14.345  1.00 22.48 ? 2   PHE A N   1 
ATOM   10   C  CA  . PHE A 1 21  ? -6.708  7.303   15.054  1.00 22.26 ? 2   PHE A CA  1 
ATOM   11   C  C   . PHE A 1 21  ? -5.718  7.708   16.205  1.00 23.23 ? 2   PHE A C   1 
ATOM   12   O  O   . PHE A 1 21  ? -4.470  7.705   16.015  1.00 24.64 ? 2   PHE A O   1 
ATOM   13   C  CB  . PHE A 1 21  ? -6.134  6.251   14.045  1.00 19.98 ? 2   PHE A CB  1 
ATOM   14   C  CG  . PHE A 1 21  ? -7.066  5.874   12.899  1.00 16.84 ? 2   PHE A CG  1 
ATOM   15   C  CD1 . PHE A 1 21  ? -6.992  6.536   11.694  1.00 14.35 ? 2   PHE A CD1 1 
ATOM   16   C  CD2 . PHE A 1 21  ? -7.952  4.818   12.979  1.00 16.26 ? 2   PHE A CD2 1 
ATOM   17   C  CE1 . PHE A 1 21  ? -7.812  6.210   10.630  1.00 14.49 ? 2   PHE A CE1 1 
ATOM   18   C  CE2 . PHE A 1 21  ? -8.794  4.494   11.959  1.00 15.57 ? 2   PHE A CE2 1 
ATOM   19   C  CZ  . PHE A 1 21  ? -8.731  5.181   10.769  1.00 14.47 ? 2   PHE A CZ  1 
ATOM   20   N  N   . PRO A 1 22  ? -6.234  8.109   17.386  1.00 27.89 ? 3   PRO A N   1 
ATOM   21   C  CA  . PRO A 1 22  ? -5.371  8.743   18.423  1.00 28.03 ? 3   PRO A CA  1 
ATOM   22   C  C   . PRO A 1 22  ? -4.441  7.785   19.196  1.00 29.40 ? 3   PRO A C   1 
ATOM   23   O  O   . PRO A 1 22  ? -3.569  8.220   19.978  1.00 27.53 ? 3   PRO A O   1 
ATOM   24   C  CB  . PRO A 1 22  ? -6.392  9.430   19.350  1.00 27.94 ? 3   PRO A CB  1 
ATOM   25   C  CG  . PRO A 1 22  ? -7.607  8.577   19.239  1.00 28.78 ? 3   PRO A CG  1 
ATOM   26   C  CD  . PRO A 1 22  ? -7.649  8.062   17.817  1.00 28.99 ? 3   PRO A CD  1 
ATOM   27   N  N   . ASN A 1 23  ? -4.607  6.491   18.964  1.00 24.77 ? 4   ASN A N   1 
ATOM   28   C  CA  . ASN A 1 23  ? -3.772  5.523   19.618  1.00 23.77 ? 4   ASN A CA  1 
ATOM   29   C  C   . ASN A 1 23  ? -2.510  5.161   18.795  1.00 19.76 ? 4   ASN A C   1 
ATOM   30   O  O   . ASN A 1 23  ? -1.738  4.363   19.256  1.00 18.12 ? 4   ASN A O   1 
ATOM   31   C  CB  . ASN A 1 23  ? -4.574  4.282   19.966  1.00 26.21 ? 4   ASN A CB  1 
ATOM   32   C  CG  . ASN A 1 23  ? -5.761  4.616   20.851  1.00 30.61 ? 4   ASN A CG  1 
ATOM   33   O  OD1 . ASN A 1 23  ? -5.629  5.394   21.820  1.00 30.79 ? 4   ASN A OD1 1 
ATOM   34   N  ND2 . ASN A 1 23  ? -6.929  4.059   20.520  1.00 30.56 ? 4   ASN A ND2 1 
ATOM   35   N  N   . ASN A 1 24  ? -2.312  5.746   17.592  1.00 15.96 ? 5   ASN A N   1 
ATOM   36   C  CA  . ASN A 1 24  ? -1.062  5.569   16.817  1.00 13.58 ? 5   ASN A CA  1 
ATOM   37   C  C   . ASN A 1 24  ? 0.149   5.961   17.668  1.00 13.24 ? 5   ASN A C   1 
ATOM   38   O  O   . ASN A 1 24  ? 0.079   6.916   18.443  1.00 14.50 ? 5   ASN A O   1 
ATOM   39   C  CB  . ASN A 1 24  ? -1.099  6.447   15.581  1.00 11.80 ? 5   ASN A CB  1 
ATOM   40   C  CG  . ASN A 1 24  ? -2.067  5.951   14.515  1.00 10.65 ? 5   ASN A CG  1 
ATOM   41   O  OD1 . ASN A 1 24  ? -2.646  4.858   14.694  1.00 13.23 ? 5   ASN A OD1 1 
ATOM   42   N  ND2 . ASN A 1 24  ? -2.147  6.690   13.455  1.00 12.61 ? 5   ASN A ND2 1 
ATOM   43   N  N   . LYS A 1 25  ? 1.234   5.236   17.439  1.00 11.92 ? 6   LYS A N   1 
ATOM   44   C  CA  . LYS A 1 25  ? 2.504   5.458   18.142  1.00 11.98 ? 6   LYS A CA  1 
ATOM   45   C  C   . LYS A 1 25  ? 3.638   5.709   17.178  1.00 11.73 ? 6   LYS A C   1 
ATOM   46   O  O   . LYS A 1 25  ? 3.577   5.327   16.011  1.00 11.00 ? 6   LYS A O   1 
ATOM   47   C  CB  . LYS A 1 25  ? 2.840   4.259   19.020  1.00 15.85 ? 6   LYS A CB  1 
ATOM   48   C  CG  . LYS A 1 25  ? 1.867   4.058   20.184  1.00 20.43 ? 6   LYS A CG  1 
ATOM   49   C  CD  . LYS A 1 25  ? 2.158   2.840   21.036  1.00 25.13 ? 6   LYS A CD  1 
ATOM   50   C  CE  . LYS A 1 25  ? 1.257   2.887   22.281  1.00 28.58 ? 6   LYS A CE  1 
ATOM   51   N  NZ  . LYS A 1 25  ? 1.151   1.515   22.831  1.00 31.14 ? 6   LYS A NZ  1 
ATOM   52   N  N   . GLU A 1 26  ? 4.677   6.374   17.627  1.00 11.03 ? 7   GLU A N   1 
ATOM   53   C  CA  . GLU A 1 26  ? 5.791   6.696   16.778  1.00 10.66 ? 7   GLU A CA  1 
ATOM   54   C  C   . GLU A 1 26  ? 6.846   5.598   16.640  1.00 10.37 ? 7   GLU A C   1 
ATOM   55   O  O   . GLU A 1 26  ? 7.702   5.702   15.811  1.00 11.86 ? 7   GLU A O   1 
ATOM   56   C  CB  . GLU A 1 26  ? 6.466   7.964   17.318  1.00 11.10 ? 7   GLU A CB  1 
ATOM   57   C  CG  . GLU A 1 26  ? 5.571   9.181   17.207  1.00 12.29 ? 7   GLU A CG  1 
ATOM   58   C  CD  . GLU A 1 26  ? 5.280   9.566   15.754  1.00 12.48 ? 7   GLU A CD  1 
ATOM   59   O  OE1 . GLU A 1 26  ? 6.178   9.461   14.896  1.00 13.24 ? 7   GLU A OE1 1 
ATOM   60   O  OE2 . GLU A 1 26  ? 4.128   10.000  15.487  1.00 13.20 ? 7   GLU A OE2 1 
ATOM   61   N  N   . THR A 1 27  ? 6.701   4.534   17.395  1.00 10.14 ? 8   THR A N   1 
ATOM   62   C  CA  . THR A 1 27  ? 7.619   3.387   17.342  1.00 10.96 ? 8   THR A CA  1 
ATOM   63   C  C   . THR A 1 27  ? 6.855   2.119   17.460  1.00 10.57 ? 8   THR A C   1 
ATOM   64   O  O   . THR A 1 27  ? 5.693   2.141   17.987  1.00 11.50 ? 8   THR A O   1 
ATOM   65   C  CB  . THR A 1 27  ? 8.643   3.434   18.501  1.00 11.04 ? 8   THR A CB  1 
ATOM   66   O  OG1 . THR A 1 27  ? 7.977   3.342   19.756  1.00 13.18 ? 8   THR A OG1 1 
ATOM   67   C  CG2 . THR A 1 27  ? 9.491   4.646   18.405  1.00 11.56 ? 8   THR A CG2 1 
ATOM   68   N  N   . GLY A 1 28  ? 7.433   1.003   17.042  1.00 8.64  ? 9   GLY A N   1 
ATOM   69   C  CA  . GLY A 1 28  ? 6.848   -0.272  17.328  1.00 9.51  ? 9   GLY A CA  1 
ATOM   70   C  C   . GLY A 1 28  ? 7.713   -1.385  16.818  1.00 9.61  ? 9   GLY A C   1 
ATOM   71   O  O   . GLY A 1 28  ? 8.917   -1.220  16.496  1.00 9.67  ? 9   GLY A O   1 
ATOM   72   N  N   . GLU A 1 29  ? 7.107   -2.563  16.727  1.00 9.37  ? 10  GLU A N   1 
ATOM   73   C  CA  . GLU A 1 29  ? 7.803   -3.753  16.213  1.00 11.78 ? 10  GLU A CA  1 
ATOM   74   C  C   . GLU A 1 29  ? 8.127   -3.659  14.755  1.00 10.53 ? 10  GLU A C   1 
ATOM   75   O  O   . GLU A 1 29  ? 7.523   -2.892  14.005  1.00 10.38 ? 10  GLU A O   1 
ATOM   76   C  CB  . GLU A 1 29  ? 6.979   -5.032  16.393  1.00 14.99 ? 10  GLU A CB  1 
ATOM   77   C  CG  . GLU A 1 29  ? 6.705   -5.369  17.832  1.00 18.29 ? 10  GLU A CG  1 
ATOM   78   C  CD  . GLU A 1 29  ? 5.708   -6.527  18.028  1.00 21.77 ? 10  GLU A CD  1 
ATOM   79   O  OE1 . GLU A 1 29  ? 5.594   -7.390  17.117  1.00 23.45 ? 10  GLU A OE1 1 
ATOM   80   O  OE2 . GLU A 1 29  ? 5.105   -6.502  19.107  1.00 28.42 ? 10  GLU A OE2 1 
ATOM   81   N  N   . ALA A 1 30  ? 9.104   -4.456  14.316  1.00 13.31 ? 11  ALA A N   1 
ATOM   82   C  CA  . ALA A 1 30  ? 9.457   -4.431  12.955  1.00 13.02 ? 11  ALA A CA  1 
ATOM   83   C  C   . ALA A 1 30  ? 8.266   -4.798  12.032  1.00 12.24 ? 11  ALA A C   1 
ATOM   84   O  O   . ALA A 1 30  ? 7.487   -5.721  12.366  1.00 12.29 ? 11  ALA A O   1 
ATOM   85   C  CB  . ALA A 1 30  ? 10.579  -5.446  12.673  1.00 16.47 ? 11  ALA A CB  1 
ATOM   86   N  N   . LEU A 1 31  ? 8.161   -4.103  10.952  1.00 11.88 ? 12  LEU A N   1 
ATOM   87   C  CA  . LEU A 1 31  ? 7.230   -4.456  9.889   1.00 12.27 ? 12  LEU A CA  1 
ATOM   88   C  C   . LEU A 1 31  ? 7.510   -5.850  9.384   1.00 12.58 ? 12  LEU A C   1 
ATOM   89   O  O   . LEU A 1 31  ? 8.667   -6.275  9.334   1.00 13.42 ? 12  LEU A O   1 
ATOM   90   C  CB  . LEU A 1 31  ? 7.186   -3.451  8.734   1.00 13.91 ? 12  LEU A CB  1 
ATOM   91   C  CG  . LEU A 1 31  ? 6.834   -2.016  9.121   1.00 15.06 ? 12  LEU A CG  1 
ATOM   92   C  CD1 . LEU A 1 31  ? 6.585   -1.206  7.849   1.00 17.11 ? 12  LEU A CD1 1 
ATOM   93   C  CD2 . LEU A 1 31  ? 5.639   -1.888  10.059  1.00 18.20 ? 12  LEU A CD2 1 
ATOM   94   N  N   . LEU A 1 32  ? 6.469   -6.598  9.042   1.00 12.01 ? 13  LEU A N   1 
ATOM   95   C  CA  . LEU A 1 32  ? 6.674   -7.900  8.460   1.00 12.35 ? 13  LEU A CA  1 
ATOM   96   C  C   . LEU A 1 32  ? 7.190   -7.790  7.032   1.00 13.57 ? 13  LEU A C   1 
ATOM   97   O  O   . LEU A 1 32  ? 6.898   -6.843  6.311   1.00 14.81 ? 13  LEU A O   1 
ATOM   98   C  CB  . LEU A 1 32  ? 5.387   -8.653  8.473   1.00 12.42 ? 13  LEU A CB  1 
ATOM   99   C  CG  . LEU A 1 32  ? 4.688   -8.812  9.814   1.00 13.41 ? 13  LEU A CG  1 
ATOM   100  C  CD1 . LEU A 1 32  ? 3.360   -9.587  9.661   1.00 14.04 ? 13  LEU A CD1 1 
ATOM   101  C  CD2 . LEU A 1 32  ? 5.664   -9.548  10.760  1.00 14.70 ? 13  LEU A CD2 1 
ATOM   102  N  N   . THR A 1 33  ? 8.005   -8.773  6.658   1.00 14.30 ? 14  THR A N   1 
ATOM   103  C  CA  . THR A 1 33  ? 8.597   -8.881  5.308   1.00 15.99 ? 14  THR A CA  1 
ATOM   104  C  C   . THR A 1 33  ? 7.712   -9.797  4.471   1.00 14.00 ? 14  THR A C   1 
ATOM   105  O  O   . THR A 1 33  ? 7.535   -10.957 4.860   1.00 14.11 ? 14  THR A O   1 
ATOM   106  C  CB  . THR A 1 33  ? 10.029  -9.524  5.420   1.00 17.97 ? 14  THR A CB  1 
ATOM   107  O  OG1 . THR A 1 33  ? 10.854  -8.761  6.306   1.00 23.30 ? 14  THR A OG1 1 
ATOM   108  C  CG2 . THR A 1 33  ? 10.721  -9.595  4.065   1.00 19.79 ? 14  THR A CG2 1 
ATOM   109  N  N   . PRO A 1 34  ? 7.124   -9.344  3.377   1.00 13.47 ? 15  PRO A N   1 
ATOM   110  C  CA  . PRO A 1 34  ? 6.360   -10.260 2.520   1.00 13.98 ? 15  PRO A CA  1 
ATOM   111  C  C   . PRO A 1 34  ? 7.229   -11.376 1.949   1.00 13.23 ? 15  PRO A C   1 
ATOM   112  O  O   . PRO A 1 34  ? 8.411   -11.161 1.667   1.00 15.52 ? 15  PRO A O   1 
ATOM   113  C  CB  . PRO A 1 34  ? 5.880   -9.363  1.366   1.00 15.42 ? 15  PRO A CB  1 
ATOM   114  C  CG  . PRO A 1 34  ? 6.068   -7.966  1.851   1.00 15.65 ? 15  PRO A CG  1 
ATOM   115  C  CD  . PRO A 1 34  ? 7.195   -7.991  2.798   1.00 13.80 ? 15  PRO A CD  1 
ATOM   116  N  N   . VAL A 1 35  ? 6.625   -12.542 1.790   1.00 13.22 ? 16  VAL A N   1 
ATOM   117  C  CA  . VAL A 1 35  ? 7.313   -13.668 1.173   1.00 13.78 ? 16  VAL A CA  1 
ATOM   118  C  C   . VAL A 1 35  ? 7.250   -13.595 -0.338  1.00 14.14 ? 16  VAL A C   1 
ATOM   119  O  O   . VAL A 1 35  ? 8.031   -14.208 -0.984  1.00 16.22 ? 16  VAL A O   1 
ATOM   120  C  CB  . VAL A 1 35  ? 6.796   -15.066 1.641   1.00 14.79 ? 16  VAL A CB  1 
ATOM   121  C  CG1 . VAL A 1 35  ? 6.907   -15.230 3.143   1.00 15.76 ? 16  VAL A CG1 1 
ATOM   122  C  CG2 . VAL A 1 35  ? 5.396   -15.360 1.176   1.00 15.00 ? 16  VAL A CG2 1 
ATOM   123  N  N   . ASP A 1 36  ? 6.312   -12.826 -0.888  1.00 13.26 ? 17  ASP A N   1 
ATOM   124  C  CA  . ASP A 1 36  ? 6.210   -12.668 -2.321  1.00 12.85 ? 17  ASP A CA  1 
ATOM   125  C  C   . ASP A 1 36  ? 5.505   -11.365 -2.602  1.00 11.77 ? 17  ASP A C   1 
ATOM   126  O  O   . ASP A 1 36  ? 4.716   -10.916 -1.835  1.00 12.81 ? 17  ASP A O   1 
ATOM   127  C  CB  . ASP A 1 36  ? 5.449   -13.867 -2.934  1.00 14.02 ? 17  ASP A CB  1 
ATOM   128  C  CG  . ASP A 1 36  ? 5.703   -14.068 -4.476  1.00 17.81 ? 17  ASP A CG  1 
ATOM   129  O  OD1 . ASP A 1 36  ? 6.590   -13.459 -5.053  1.00 19.14 ? 17  ASP A OD1 1 
ATOM   130  O  OD2 . ASP A 1 36  ? 4.916   -14.833 -4.996  1.00 20.66 ? 17  ASP A OD2 1 
ATOM   131  N  N   . ALA A 1 37  ? 5.814   -10.816 -3.746  1.00 11.54 ? 18  ALA A N   1 
ATOM   132  C  CA  . ALA A 1 37  ? 5.163   -9.630  -4.290  1.00 11.56 ? 18  ALA A CA  1 
ATOM   133  C  C   . ALA A 1 37  ? 4.955   -9.879  -5.768  1.00 11.01 ? 18  ALA A C   1 
ATOM   134  O  O   . ALA A 1 37  ? 5.875   -10.175 -6.483  1.00 12.68 ? 18  ALA A O   1 
ATOM   135  C  CB  . ALA A 1 37  ? 5.985   -8.393  -4.073  1.00 12.20 ? 18  ALA A CB  1 
ATOM   136  N  N   . THR A 1 38  ? 3.704   -9.763  -6.171  1.00 9.80  ? 19  THR A N   1 
ATOM   137  C  CA  . THR A 1 38  ? 3.309   -10.069 -7.519  1.00 10.21 ? 19  THR A CA  1 
ATOM   138  C  C   . THR A 1 38  ? 2.407   -8.976  -8.069  1.00 10.30 ? 19  THR A C   1 
ATOM   139  O  O   . THR A 1 38  ? 2.000   -8.080  -7.326  1.00 10.00 ? 19  THR A O   1 
ATOM   140  C  CB  . THR A 1 38  ? 2.592   -11.419 -7.654  1.00 11.75 ? 19  THR A CB  1 
ATOM   141  O  OG1 . THR A 1 38  ? 1.412   -11.436 -6.784  1.00 11.72 ? 19  THR A OG1 1 
ATOM   142  C  CG2 . THR A 1 38  ? 3.529   -12.609 -7.336  1.00 12.36 ? 19  THR A CG2 1 
ATOM   143  N  N   . ALA A 1 39  ? 2.125   -8.981  -9.357  1.00 10.47 ? 20  ALA A N   1 
ATOM   144  C  CA  . ALA A 1 39  ? 1.296   -7.966  -9.985  1.00 10.44 ? 20  ALA A CA  1 
ATOM   145  C  C   . ALA A 1 39  ? 0.549   -8.528  -11.140 1.00 10.93 ? 20  ALA A C   1 
ATOM   146  O  O   . ALA A 1 39  ? 1.026   -9.544  -11.787 1.00 12.80 ? 20  ALA A O   1 
ATOM   147  C  CB  . ALA A 1 39  ? 2.139   -6.776  -10.414 1.00 11.40 ? 20  ALA A CB  1 
ATOM   148  N  N   . SER A 1 40  ? -0.525  -7.898  -11.520 1.00 10.22 ? 21  SER A N   1 
ATOM   149  C  CA  . SER A 1 40  ? -1.282  -8.353  -12.699 1.00 11.70 ? 21  SER A CA  1 
ATOM   150  C  C   . SER A 1 40  ? -0.411  -8.150  -13.928 1.00 12.70 ? 21  SER A C   1 
ATOM   151  O  O   . SER A 1 40  ? -0.463  -8.970  -14.889 1.00 13.62 ? 21  SER A O   1 
ATOM   152  C  CB  . SER A 1 40  ? -2.522  -7.523  -12.813 1.00 10.99 ? 21  SER A CB  1 
ATOM   153  O  OG  . SER A 1 40  ? -2.273  -6.118  -12.711 1.00 11.39 ? 21  SER A OG  1 
ATOM   154  N  N   . SER A 1 41  ? 0.315   -7.064  -13.992 1.00 11.93 ? 22  SER A N   1 
ATOM   155  C  CA  . SER A 1 41  ? 1.261   -6.731  -15.087 1.00 13.37 ? 22  SER A CA  1 
ATOM   156  C  C   . SER A 1 41  ? 2.199   -5.653  -14.668 1.00 12.30 ? 22  SER A C   1 
ATOM   157  O  O   . SER A 1 41  ? 1.950   -4.958  -13.628 1.00 11.73 ? 22  SER A O   1 
ATOM   158  C  CB  . SER A 1 41  ? 0.496   -6.195  -16.308 1.00 13.95 ? 22  SER A CB  1 
ATOM   159  O  OG  . SER A 1 41  ? -0.169  -4.991  -16.048 1.00 15.89 ? 22  SER A OG  1 
ATOM   160  N  N   . HIS A 1 42  ? 3.299   -5.470  -15.368 1.00 12.70 ? 23  HIS A N   1 
ATOM   161  C  CA  . HIS A 1 42  ? 4.118   -4.287  -15.201 1.00 13.18 ? 23  HIS A CA  1 
ATOM   162  C  C   . HIS A 1 42  ? 4.987   -4.066  -16.426 1.00 14.13 ? 23  HIS A C   1 
ATOM   163  O  O   . HIS A 1 42  ? 5.013   -4.931  -17.302 1.00 15.67 ? 23  HIS A O   1 
ATOM   164  C  CB  . HIS A 1 42  ? 4.923   -4.439  -13.951 1.00 12.76 ? 23  HIS A CB  1 
ATOM   165  C  CG  . HIS A 1 42  ? 6.021   -5.455  -14.018 1.00 12.86 ? 23  HIS A CG  1 
ATOM   166  N  ND1 . HIS A 1 42  ? 5.935   -6.764  -13.603 1.00 15.85 ? 23  HIS A ND1 1 
ATOM   167  C  CD2 . HIS A 1 42  ? 7.273   -5.311  -14.488 1.00 12.27 ? 23  HIS A CD2 1 
ATOM   168  C  CE1 . HIS A 1 42  ? 7.099   -7.360  -13.765 1.00 14.52 ? 23  HIS A CE1 1 
ATOM   169  N  NE2 . HIS A 1 42  ? 7.939   -6.476  -14.279 1.00 16.92 ? 23  HIS A NE2 1 
ATOM   170  N  N   . ASP A 1 43  ? 5.649   -2.926  -16.500 1.00 14.50 ? 24  ASP A N   1 
ATOM   171  C  CA  . ASP A 1 43  ? 6.405   -2.524  -17.712 1.00 14.71 ? 24  ASP A CA  1 
ATOM   172  C  C   . ASP A 1 43  ? 7.868   -2.827  -17.588 1.00 13.81 ? 24  ASP A C   1 
ATOM   173  O  O   . ASP A 1 43  ? 8.663   -2.283  -18.395 1.00 15.83 ? 24  ASP A O   1 
ATOM   174  C  CB  . ASP A 1 43  ? 6.146   -1.042  -17.969 1.00 14.79 ? 24  ASP A CB  1 
ATOM   175  C  CG  . ASP A 1 43  ? 6.821   -0.136  -16.952 1.00 15.72 ? 24  ASP A CG  1 
ATOM   176  O  OD1 . ASP A 1 43  ? 7.313   -0.614  -15.940 1.00 14.27 ? 24  ASP A OD1 1 
ATOM   177  O  OD2 . ASP A 1 43  ? 6.880   1.096   -17.238 1.00 18.51 ? 24  ASP A OD2 1 
ATOM   178  N  N   . GLY A 1 44  ? 8.290   -3.697  -16.679 1.00 13.02 ? 25  GLY A N   1 
ATOM   179  C  CA  . GLY A 1 44  ? 9.651   -3.957  -16.298 1.00 13.08 ? 25  GLY A CA  1 
ATOM   180  C  C   . GLY A 1 44  ? 10.049  -3.473  -14.909 1.00 11.15 ? 25  GLY A C   1 
ATOM   181  O  O   . GLY A 1 44  ? 10.939  -3.944  -14.242 1.00 13.47 ? 25  GLY A O   1 
ATOM   182  N  N   . ASN A 1 45  ? 9.313   -2.395  -14.507 1.00 12.18 ? 26  ASN A N   1 
ATOM   183  C  CA  . ASN A 1 45  ? 9.353   -1.894  -13.114 1.00 11.61 ? 26  ASN A CA  1 
ATOM   184  C  C   . ASN A 1 45  ? 8.377   -2.775  -12.306 1.00 11.25 ? 26  ASN A C   1 
ATOM   185  O  O   . ASN A 1 45  ? 7.170   -2.495  -12.287 1.00 11.26 ? 26  ASN A O   1 
ATOM   186  C  CB  . ASN A 1 45  ? 8.938   -0.422  -13.080 1.00 12.09 ? 26  ASN A CB  1 
ATOM   187  C  CG  . ASN A 1 45  ? 9.926   0.474   -13.785 1.00 13.49 ? 26  ASN A CG  1 
ATOM   188  O  OD1 . ASN A 1 45  ? 10.998  0.718   -13.294 1.00 15.33 ? 26  ASN A OD1 1 
ATOM   189  N  ND2 . ASN A 1 45  ? 9.559   0.933   -14.937 1.00 14.60 ? 26  ASN A ND2 1 
ATOM   190  N  N   . GLY A 1 46  ? 8.942   -3.832  -11.719 1.00 10.70 ? 27  GLY A N   1 
ATOM   191  C  CA  . GLY A 1 46  ? 8.125   -4.881  -11.150 1.00 11.32 ? 27  GLY A CA  1 
ATOM   192  C  C   . GLY A 1 46  ? 7.751   -4.708  -9.683  1.00 11.54 ? 27  GLY A C   1 
ATOM   193  O  O   . GLY A 1 46  ? 8.228   -3.786  -8.983  1.00 11.38 ? 27  GLY A O   1 
ATOM   194  N  N   . PRO A 1 47  ? 6.912   -5.595  -9.187  1.00 10.80 ? 28  PRO A N   1 
ATOM   195  C  CA  . PRO A 1 47  ? 6.339   -5.407  -7.836  1.00 10.65 ? 28  PRO A CA  1 
ATOM   196  C  C   . PRO A 1 47  ? 7.353   -5.678  -6.753  1.00 10.86 ? 28  PRO A C   1 
ATOM   197  O  O   . PRO A 1 47  ? 7.171   -5.231  -5.603  1.00 10.70 ? 28  PRO A O   1 
ATOM   198  C  CB  . PRO A 1 47  ? 5.212   -6.468  -7.803  1.00 11.87 ? 28  PRO A CB  1 
ATOM   199  C  CG  . PRO A 1 47  ? 5.603   -7.474  -8.842  1.00 12.15 ? 28  PRO A CG  1 
ATOM   200  C  CD  . PRO A 1 47  ? 6.212   -6.650  -9.963  1.00 12.16 ? 28  PRO A CD  1 
ATOM   201  N  N   . ASP A 1 48  ? 8.470   -6.336  -7.056  1.00 11.19 ? 29  ASP A N   1 
ATOM   202  C  CA  . ASP A 1 48  ? 9.578   -6.411  -6.101  1.00 11.97 ? 29  ASP A CA  1 
ATOM   203  C  C   . ASP A 1 48  ? 10.047  -5.014  -5.619  1.00 11.49 ? 29  ASP A C   1 
ATOM   204  O  O   . ASP A 1 48  ? 10.601  -4.880  -4.519  1.00 12.90 ? 29  ASP A O   1 
ATOM   205  C  CB  . ASP A 1 48  ? 10.774  -7.199  -6.731  1.00 13.66 ? 29  ASP A CB  1 
ATOM   206  C  CG  . ASP A 1 48  ? 11.280  -6.570  -7.977  1.00 15.03 ? 29  ASP A CG  1 
ATOM   207  O  OD1 . ASP A 1 48  ? 10.567  -6.497  -8.987  1.00 16.95 ? 29  ASP A OD1 1 
ATOM   208  O  OD2 . ASP A 1 48  ? 12.470  -6.159  -7.938  1.00 22.41 ? 29  ASP A OD2 1 
ATOM   209  N  N   . ARG A 1 49  ? 9.851   -4.031  -6.452  1.00 11.57 ? 30  ARG A N   1 
ATOM   210  C  CA  . ARG A 1 49  ? 10.290  -2.662  -6.163  1.00 12.24 ? 30  ARG A CA  1 
ATOM   211  C  C   . ARG A 1 49  ? 9.367   -1.930  -5.200  1.00 11.86 ? 30  ARG A C   1 
ATOM   212  O  O   . ARG A 1 49  ? 9.617   -0.755  -4.843  1.00 11.99 ? 30  ARG A O   1 
ATOM   213  C  CB  . ARG A 1 49  ? 10.514  -1.913  -7.473  1.00 12.73 ? 30  ARG A CB  1 
ATOM   214  C  CG  . ARG A 1 49  ? 11.650  -2.528  -8.282  1.00 14.90 ? 30  ARG A CG  1 
ATOM   215  C  CD  . ARG A 1 49  ? 11.577  -2.034  -9.718  1.00 15.98 ? 30  ARG A CD  1 
ATOM   216  N  NE  . ARG A 1 49  ? 12.644  -2.693  -10.499 1.00 19.17 ? 30  ARG A NE  1 
ATOM   217  C  CZ  . ARG A 1 49  ? 13.823  -2.153  -10.768 1.00 22.98 ? 30  ARG A CZ  1 
ATOM   218  N  NH1 . ARG A 1 49  ? 14.722  -2.898  -11.397 1.00 28.33 ? 30  ARG A NH1 1 
ATOM   219  N  NH2 . ARG A 1 49  ? 14.125  -0.916  -10.374 1.00 20.90 ? 30  ARG A NH2 1 
ATOM   220  N  N   . LEU A 1 50  ? 8.296   -2.622  -4.780  1.00 10.96 ? 31  LEU A N   1 
ATOM   221  C  CA  . LEU A 1 50  ? 7.425   -2.130  -3.705  1.00 10.14 ? 31  LEU A CA  1 
ATOM   222  C  C   . LEU A 1 50  ? 7.989   -2.352  -2.359  1.00 10.91 ? 31  LEU A C   1 
ATOM   223  O  O   . LEU A 1 50  ? 7.534   -1.713  -1.413  1.00 10.26 ? 31  LEU A O   1 
ATOM   224  C  CB  . LEU A 1 50  ? 6.029   -2.766  -3.816  1.00 10.18 ? 31  LEU A CB  1 
ATOM   225  C  CG  . LEU A 1 50  ? 5.255   -2.341  -5.073  1.00 10.37 ? 31  LEU A CG  1 
ATOM   226  C  CD1 . LEU A 1 50  ? 4.062   -3.253  -5.301  1.00 11.94 ? 31  LEU A CD1 1 
ATOM   227  C  CD2 . LEU A 1 50  ? 4.849   -0.908  -5.002  1.00 10.81 ? 31  LEU A CD2 1 
ATOM   228  N  N   . ILE A 1 51  ? 8.856   -3.347  -2.204  1.00 10.97 ? 32  ILE A N   1 
ATOM   229  C  CA  . ILE A 1 51  ? 9.257   -3.870  -0.918  1.00 12.59 ? 32  ILE A CA  1 
ATOM   230  C  C   . ILE A 1 51  ? 10.758  -3.714  -0.611  1.00 12.26 ? 32  ILE A C   1 
ATOM   231  O  O   . ILE A 1 51  ? 11.293  -4.467  0.238   1.00 13.64 ? 32  ILE A O   1 
ATOM   232  C  CB  . ILE A 1 51  ? 8.723   -5.268  -0.700  1.00 13.32 ? 32  ILE A CB  1 
ATOM   233  C  CG1 . ILE A 1 51  ? 9.294   -6.284  -1.656  1.00 14.93 ? 32  ILE A CG1 1 
ATOM   234  C  CG2 . ILE A 1 51  ? 7.178   -5.256  -0.804  1.00 14.96 ? 32  ILE A CG2 1 
ATOM   235  C  CD1 . ILE A 1 51  ? 8.968   -7.693  -1.285  1.00 16.34 ? 32  ILE A CD1 1 
ATOM   236  N  N   . ASP A 1 52  ? 11.383  -2.761  -1.297  1.00 12.90 ? 33  ASP A N   1 
ATOM   237  C  CA  . ASP A 1 52  ? 12.803  -2.570  -1.169  1.00 13.75 ? 33  ASP A CA  1 
ATOM   238  C  C   . ASP A 1 52  ? 13.187  -1.334  -0.400  1.00 14.55 ? 33  ASP A C   1 
ATOM   239  O  O   . ASP A 1 52  ? 14.416  -0.966  -0.359  1.00 16.11 ? 33  ASP A O   1 
ATOM   240  C  CB  . ASP A 1 52  ? 13.482  -2.612  -2.513  1.00 13.79 ? 33  ASP A CB  1 
ATOM   241  C  CG  . ASP A 1 52  ? 13.063  -1.513  -3.436  1.00 13.74 ? 33  ASP A CG  1 
ATOM   242  O  OD1 . ASP A 1 52  ? 12.183  -0.654  -3.103  1.00 13.06 ? 33  ASP A OD1 1 
ATOM   243  O  OD2 . ASP A 1 52  ? 13.631  -1.482  -4.563  1.00 16.04 ? 33  ASP A OD2 1 
ATOM   244  N  N   . GLN A 1 53  ? 12.226  -0.681  0.290   1.00 13.92 ? 34  GLN A N   1 
ATOM   245  C  CA  . GLN A 1 53  ? 12.554  0.543   1.065   1.00 15.05 ? 34  GLN A CA  1 
ATOM   246  C  C   . GLN A 1 53  ? 13.390  1.518   0.252   1.00 16.67 ? 34  GLN A C   1 
ATOM   247  O  O   . GLN A 1 53  ? 14.364  2.127   0.764   1.00 18.02 ? 34  GLN A O   1 
ATOM   248  C  CB  . GLN A 1 53  ? 13.213  0.182   2.398   1.00 15.77 ? 34  GLN A CB  1 
ATOM   249  C  CG  . GLN A 1 53  ? 12.349  -0.683  3.304   1.00 17.26 ? 34  GLN A CG  1 
ATOM   250  C  CD  . GLN A 1 53  ? 12.341  -2.139  2.875   1.00 17.33 ? 34  GLN A CD  1 
ATOM   251  O  OE1 . GLN A 1 53  ? 13.329  -2.673  2.362   1.00 20.03 ? 34  GLN A OE1 1 
ATOM   252  N  NE2 . GLN A 1 53  ? 11.234  -2.776  3.023   1.00 17.50 ? 34  GLN A NE2 1 
ATOM   253  N  N   . ASP A 1 54  ? 12.991  1.783   -0.978  1.00 14.26 ? 35  ASP A N   1 
ATOM   254  C  CA  . ASP A 1 54  ? 13.708  2.660   -1.871  1.00 14.23 ? 35  ASP A CA  1 
ATOM   255  C  C   . ASP A 1 54  ? 12.772  3.457   -2.709  1.00 14.12 ? 35  ASP A C   1 
ATOM   256  O  O   . ASP A 1 54  ? 12.015  2.894   -3.541  1.00 13.44 ? 35  ASP A O   1 
ATOM   257  C  CB  . ASP A 1 54  ? 14.586  1.788   -2.773  1.00 15.46 ? 35  ASP A CB  1 
ATOM   258  C  CG  . ASP A 1 54  ? 15.614  2.563   -3.560  1.00 16.66 ? 35  ASP A CG  1 
ATOM   259  O  OD1 . ASP A 1 54  ? 15.462  3.780   -3.763  1.00 16.76 ? 35  ASP A OD1 1 
ATOM   260  O  OD2 . ASP A 1 54  ? 16.574  1.858   -4.017  1.00 20.83 ? 35  ASP A OD2 1 
ATOM   261  N  N   . LEU A 1 55  ? 12.795  4.771   -2.552  1.00 13.49 ? 36  LEU A N   1 
ATOM   262  C  CA  . LEU A 1 55  ? 11.945  5.662   -3.260  1.00 13.37 ? 36  LEU A CA  1 
ATOM   263  C  C   . LEU A 1 55  ? 12.307  5.821   -4.723  1.00 13.24 ? 36  LEU A C   1 
ATOM   264  O  O   . LEU A 1 55  ? 11.544  6.347   -5.523  1.00 15.04 ? 36  LEU A O   1 
ATOM   265  C  CB  . LEU A 1 55  ? 11.984  7.058   -2.643  1.00 15.20 ? 36  LEU A CB  1 
ATOM   266  C  CG  . LEU A 1 55  ? 11.384  7.163   -1.262  1.00 16.07 ? 36  LEU A CG  1 
ATOM   267  C  CD1 . LEU A 1 55  ? 11.466  8.600   -0.790  1.00 18.99 ? 36  LEU A CD1 1 
ATOM   268  C  CD2 . LEU A 1 55  ? 9.958   6.659   -1.191  1.00 17.72 ? 36  LEU A CD2 1 
ATOM   269  N  N   . THR A 1 56  ? 13.512  5.342   -5.070  1.00 15.75 ? 37  THR A N   1 
ATOM   270  C  CA  . THR A 1 56  ? 14.036  5.516   -6.431  1.00 16.24 ? 37  THR A CA  1 
ATOM   271  C  C   . THR A 1 56  ? 13.673  4.379   -7.355  1.00 17.14 ? 37  THR A C   1 
ATOM   272  O  O   . THR A 1 56  ? 14.005  4.398   -8.526  1.00 18.75 ? 37  THR A O   1 
ATOM   273  C  CB  . THR A 1 56  ? 15.604  5.725   -6.480  1.00 17.78 ? 37  THR A CB  1 
ATOM   274  O  OG1 . THR A 1 56  ? 16.296  4.540   -6.150  1.00 18.16 ? 37  THR A OG1 1 
ATOM   275  C  CG2 . THR A 1 56  ? 16.058  6.800   -5.482  1.00 19.77 ? 37  THR A CG2 1 
ATOM   276  N  N   . THR A 1 57  ? 12.969  3.373   -6.820  1.00 14.88 ? 38  THR A N   1 
ATOM   277  C  CA  . THR A 1 57  ? 12.480  2.260   -7.632  1.00 13.40 ? 38  THR A CA  1 
ATOM   278  C  C   . THR A 1 57  ? 10.989  2.134   -7.484  1.00 12.62 ? 38  THR A C   1 
ATOM   279  O  O   . THR A 1 57  ? 10.447  2.490   -6.427  1.00 12.82 ? 38  THR A O   1 
ATOM   280  C  CB  . THR A 1 57  ? 13.062  0.934   -7.135  1.00 13.58 ? 38  THR A CB  1 
ATOM   281  O  OG1 . THR A 1 57  ? 12.654  0.645   -5.779  1.00 12.60 ? 38  THR A OG1 1 
ATOM   282  C  CG2 . THR A 1 57  ? 14.603  0.960   -7.268  1.00 14.94 ? 38  THR A CG2 1 
ATOM   283  N  N   . ARG A 1 58  ? 10.334  1.608   -8.509  1.00 11.82 ? 39  ARG A N   1 
ATOM   284  C  CA  . ARG A 1 58  ? 8.875   1.604   -8.525  1.00 11.55 ? 39  ARG A CA  1 
ATOM   285  C  C   . ARG A 1 58  ? 8.308   0.376   -9.172  1.00 10.62 ? 39  ARG A C   1 
ATOM   286  O  O   . ARG A 1 58  ? 9.001   -0.295  -9.991  1.00 10.40 ? 39  ARG A O   1 
ATOM   287  C  CB  . ARG A 1 58  ? 8.330   2.822   -9.252  1.00 11.94 ? 39  ARG A CB  1 
ATOM   288  C  CG  . ARG A 1 58  ? 8.593   2.818   -10.768 1.00 13.51 ? 39  ARG A CG  1 
ATOM   289  C  CD  . ARG A 1 58  ? 8.266   4.150   -11.422 1.00 16.37 ? 39  ARG A CD  1 
ATOM   290  N  NE  . ARG A 1 58  ? 8.506   4.063   -12.875 1.00 18.12 ? 39  ARG A NE  1 
ATOM   291  C  CZ  . ARG A 1 58  ? 9.676   4.300   -13.489 1.00 19.99 ? 39  ARG A CZ  1 
ATOM   292  N  NH1 . ARG A 1 58  ? 9.737   4.215   -14.809 1.00 21.34 ? 39  ARG A NH1 1 
ATOM   293  N  NH2 . ARG A 1 58  ? 10.760  4.632   -12.804 1.00 23.69 ? 39  ARG A NH2 1 
ATOM   294  N  N   . TRP A 1 59  ? 7.050   0.054   -8.865  1.00 9.24  ? 40  TRP A N   1 
ATOM   295  C  CA  . TRP A 1 59  ? 6.201   -0.777  -9.673  1.00 9.18  ? 40  TRP A CA  1 
ATOM   296  C  C   . TRP A 1 59  ? 5.406   0.133   -10.543 1.00 10.27 ? 40  TRP A C   1 
ATOM   297  O  O   . TRP A 1 59  ? 4.796   1.090   -10.073 1.00 10.59 ? 40  TRP A O   1 
ATOM   298  C  CB  . TRP A 1 59  ? 5.242   -1.618  -8.807  1.00 9.72  ? 40  TRP A CB  1 
ATOM   299  C  CG  . TRP A 1 59  ? 4.132   -2.239  -9.547  1.00 9.45  ? 40  TRP A CG  1 
ATOM   300  C  CD1 . TRP A 1 59  ? 4.228   -3.148  -10.568 1.00 9.31  ? 40  TRP A CD1 1 
ATOM   301  C  CD2 . TRP A 1 59  ? 2.746   -1.951  -9.413  1.00 8.97  ? 40  TRP A CD2 1 
ATOM   302  N  NE1 . TRP A 1 59  ? 2.983   -3.464  -11.024 1.00 9.28  ? 40  TRP A NE1 1 
ATOM   303  C  CE2 . TRP A 1 59  ? 2.039   -2.759  -10.334 1.00 9.88  ? 40  TRP A CE2 1 
ATOM   304  C  CE3 . TRP A 1 59  ? 1.992   -1.128  -8.537  1.00 9.21  ? 40  TRP A CE3 1 
ATOM   305  C  CZ2 . TRP A 1 59  ? 0.674   -2.744  -10.434 1.00 9.50  ? 40  TRP A CZ2 1 
ATOM   306  C  CZ3 . TRP A 1 59  ? 0.648   -1.105  -8.658  1.00 9.44  ? 40  TRP A CZ3 1 
ATOM   307  C  CH2 . TRP A 1 59  ? -0.012  -1.927  -9.586  1.00 9.91  ? 40  TRP A CH2 1 
ATOM   308  N  N   . SER A 1 60  ? 5.403   -0.110  -11.852 1.00 10.53 ? 41  SER A N   1 
ATOM   309  C  CA  . SER A 1 60  ? 4.577   0.663   -12.768 1.00 11.07 ? 41  SER A CA  1 
ATOM   310  C  C   . SER A 1 60  ? 3.729   -0.235  -13.652 1.00 10.67 ? 41  SER A C   1 
ATOM   311  O  O   . SER A 1 60  ? 4.306   -1.169  -14.288 1.00 12.29 ? 41  SER A O   1 
ATOM   312  C  CB  . SER A 1 60  ? 5.467   1.514   -13.702 1.00 12.74 ? 41  SER A CB  1 
ATOM   313  O  OG  . SER A 1 60  ? 6.003   2.621   -13.016 1.00 14.11 ? 41  SER A OG  1 
ATOM   314  N  N   . SER A 1 61  ? 2.442   0.041   -13.769 1.00 10.86 ? 42  SER A N   1 
ATOM   315  C  CA  . SER A 1 61  ? 1.552   -0.728  -14.621 1.00 11.35 ? 42  SER A CA  1 
ATOM   316  C  C   . SER A 1 61  ? 0.483   0.191   -15.082 1.00 10.93 ? 42  SER A C   1 
ATOM   317  O  O   . SER A 1 61  ? -0.104  0.937   -14.275 1.00 11.59 ? 42  SER A O   1 
ATOM   318  C  CB  . SER A 1 61  ? 0.932   -1.874  -13.818 1.00 13.13 ? 42  SER A CB  1 
ATOM   319  O  OG  . SER A 1 61  ? 0.145   -2.659  -14.659 1.00 16.44 ? 42  SER A OG  1 
ATOM   320  N  N   . ALA A 1 62  ? 0.161   0.231   -16.376 1.00 11.79 ? 43  ALA A N   1 
ATOM   321  C  CA  . ALA A 1 62  ? -0.864  1.159   -16.869 1.00 12.27 ? 43  ALA A CA  1 
ATOM   322  C  C   . ALA A 1 62  ? -2.251  0.526   -16.937 1.00 13.05 ? 43  ALA A C   1 
ATOM   323  O  O   . ALA A 1 62  ? -2.330  -0.629  -17.391 1.00 14.17 ? 43  ALA A O   1 
ATOM   324  C  CB  . ALA A 1 62  ? -0.521  1.770   -18.258 1.00 14.45 ? 43  ALA A CB  1 
ATOM   325  N  N   . GLY A 1 63  ? -3.280  1.242   -16.563 1.00 13.03 ? 44  GLY A N   1 
ATOM   326  C  CA  . GLY A 1 63  ? -4.624  0.790   -16.781 1.00 13.51 ? 44  GLY A CA  1 
ATOM   327  C  C   . GLY A 1 63  ? -5.445  0.608   -15.510 1.00 12.69 ? 44  GLY A C   1 
ATOM   328  O  O   . GLY A 1 63  ? -4.921  0.394   -14.457 1.00 12.72 ? 44  GLY A O   1 
ATOM   329  N  N   . ASP A 1 64  ? -6.751  0.679   -15.660 1.00 13.25 ? 45  ASP A N   1 
ATOM   330  C  CA  . ASP A 1 64  ? -7.672  0.558   -14.525 1.00 13.15 ? 45  ASP A CA  1 
ATOM   331  C  C   . ASP A 1 64  ? -7.728  -0.873  -14.037 1.00 13.79 ? 45  ASP A C   1 
ATOM   332  O  O   . ASP A 1 64  ? -7.825  -1.772  -14.789 1.00 15.22 ? 45  ASP A O   1 
ATOM   333  C  CB  . ASP A 1 64  ? -9.063  0.998   -14.923 1.00 15.00 ? 45  ASP A CB  1 
ATOM   334  C  CG  . ASP A 1 64  ? -9.989  1.039   -13.740 1.00 16.88 ? 45  ASP A CG  1 
ATOM   335  O  OD1 . ASP A 1 64  ? -9.705  1.858   -12.923 1.00 18.73 ? 45  ASP A OD1 1 
ATOM   336  O  OD2 . ASP A 1 64  ? -10.899 0.230   -13.669 1.00 22.31 ? 45  ASP A OD2 1 
ATOM   337  N  N   . GLY A 1 65  ? -7.553  -1.043  -12.737 1.00 12.04 ? 46  GLY A N   1 
ATOM   338  C  CA  . GLY A 1 65  ? -7.688  -2.333  -12.124 1.00 12.27 ? 46  GLY A CA  1 
ATOM   339  C  C   . GLY A 1 65  ? -6.441  -3.184  -12.047 1.00 13.15 ? 46  GLY A C   1 
ATOM   340  O  O   . GLY A 1 65  ? -6.497  -4.252  -11.587 1.00 14.63 ? 46  GLY A O   1 
ATOM   341  N  N   . GLU A 1 66  ? -5.336  -2.650  -12.524 1.00 12.06 ? 47  GLU A N   1 
ATOM   342  C  CA  . GLU A 1 66  ? -4.111  -3.391  -12.393 1.00 11.45 ? 47  GLU A CA  1 
ATOM   343  C  C   . GLU A 1 66  ? -3.803  -3.423  -10.908 1.00 10.41 ? 47  GLU A C   1 
ATOM   344  O  O   . GLU A 1 66  ? -4.099  -2.453  -10.180 1.00 11.01 ? 47  GLU A O   1 
ATOM   345  C  CB  . GLU A 1 66  ? -3.006  -2.676  -13.161 1.00 13.27 ? 47  GLU A CB  1 
ATOM   346  C  CG  . GLU A 1 66  ? -3.251  -2.650  -14.681 1.00 13.77 ? 47  GLU A CG  1 
ATOM   347  C  CD  . GLU A 1 66  ? -3.247  -3.982  -15.345 1.00 15.56 ? 47  GLU A CD  1 
ATOM   348  O  OE1 . GLU A 1 66  ? -2.551  -4.932  -14.954 1.00 16.08 ? 47  GLU A OE1 1 
ATOM   349  O  OE2 . GLU A 1 66  ? -4.003  -4.094  -16.320 1.00 20.59 ? 47  GLU A OE2 1 
ATOM   350  N  N   . TRP A 1 67  ? -3.139  -4.453  -10.489 1.00 9.13  ? 48  TRP A N   1 
ATOM   351  C  CA  . TRP A 1 67  ? -2.911  -4.672  -9.073  1.00 9.34  ? 48  TRP A CA  1 
ATOM   352  C  C   . TRP A 1 67  ? -1.525  -5.140  -8.769  1.00 9.12  ? 48  TRP A C   1 
ATOM   353  O  O   . TRP A 1 67  ? -0.849  -5.752  -9.580  1.00 9.06  ? 48  TRP A O   1 
ATOM   354  C  CB  . TRP A 1 67  ? -3.967  -5.628  -8.464  1.00 10.19 ? 48  TRP A CB  1 
ATOM   355  C  CG  . TRP A 1 67  ? -4.112  -6.975  -9.123  1.00 10.95 ? 48  TRP A CG  1 
ATOM   356  C  CD1 . TRP A 1 67  ? -5.086  -7.331  -10.002 1.00 12.24 ? 48  TRP A CD1 1 
ATOM   357  C  CD2 . TRP A 1 67  ? -3.235  -8.085  -8.990  1.00 10.10 ? 48  TRP A CD2 1 
ATOM   358  N  NE1 . TRP A 1 67  ? -4.862  -8.596  -10.405 1.00 12.09 ? 48  TRP A NE1 1 
ATOM   359  C  CE2 . TRP A 1 67  ? -3.749  -9.094  -9.812  1.00 12.01 ? 48  TRP A CE2 1 
ATOM   360  C  CE3 . TRP A 1 67  ? -2.075  -8.345  -8.240  1.00 10.02 ? 48  TRP A CE3 1 
ATOM   361  C  CZ2 . TRP A 1 67  ? -3.107  -10.351 -9.945  1.00 11.87 ? 48  TRP A CZ2 1 
ATOM   362  C  CZ3 . TRP A 1 67  ? -1.449  -9.574  -8.380  1.00 11.09 ? 48  TRP A CZ3 1 
ATOM   363  C  CH2 . TRP A 1 67  ? -1.974  -10.557 -9.245  1.00 12.07 ? 48  TRP A CH2 1 
ATOM   364  N  N   . ALA A 1 68  ? -1.107  -4.896  -7.566  1.00 8.05  ? 49  ALA A N   1 
ATOM   365  C  CA  . ALA A 1 68  ? 0.085   -5.435  -6.943  1.00 8.55  ? 49  ALA A CA  1 
ATOM   366  C  C   . ALA A 1 68  ? -0.308  -6.068  -5.624  1.00 8.92  ? 49  ALA A C   1 
ATOM   367  O  O   . ALA A 1 68  ? -1.103  -5.501  -4.857  1.00 10.10 ? 49  ALA A O   1 
ATOM   368  C  CB  . ALA A 1 68  ? 1.149   -4.375  -6.718  1.00 9.45  ? 49  ALA A CB  1 
ATOM   369  N  N   A MET A 1 69  ? 0.212   -7.249  -5.343  0.50 7.95  ? 50  MET A N   1 
ATOM   370  N  N   B MET A 1 69  ? 0.192   -7.267  -5.364  0.50 8.68  ? 50  MET A N   1 
ATOM   371  C  CA  A MET A 1 69  ? -0.205  -8.004  -4.174  0.50 8.02  ? 50  MET A CA  1 
ATOM   372  C  CA  B MET A 1 69  ? -0.231  -8.068  -4.224  0.50 9.27  ? 50  MET A CA  1 
ATOM   373  C  C   A MET A 1 69  ? 0.979   -8.479  -3.396  0.50 8.75  ? 50  MET A C   1 
ATOM   374  C  C   B MET A 1 69  ? 0.968   -8.496  -3.406  0.50 9.48  ? 50  MET A C   1 
ATOM   375  O  O   A MET A 1 69  ? 1.944   -9.004  -3.951  0.50 9.47  ? 50  MET A O   1 
ATOM   376  O  O   B MET A 1 69  ? 1.963   -8.984  -3.949  0.50 10.15 ? 50  MET A O   1 
ATOM   377  C  CB  . MET A 1 69  ? -0.985  -9.280  -4.700  1.00 10.91 ? 50  MET A CB  1 
ATOM   378  C  CG  . MET A 1 69  ? -1.758  -9.988  -3.557  1.00 11.64 ? 50  MET A CG  1 
ATOM   379  S  SD  . MET A 1 69  ? -2.481  -11.590 -4.093  1.00 22.34 ? 50  MET A SD  1 
ATOM   380  C  CE  . MET A 1 69  ? -1.050  -12.659 -4.312  1.00 18.07 ? 50  MET A CE  1 
ATOM   381  N  N   . LEU A 1 70  ? 0.875   -8.330  -2.084  1.00 8.47  ? 51  LEU A N   1 
ATOM   382  C  CA  . LEU A 1 70  ? 1.860   -8.811  -1.141  1.00 9.26  ? 51  LEU A CA  1 
ATOM   383  C  C   . LEU A 1 70  ? 1.331   -9.998  -0.424  1.00 9.38  ? 51  LEU A C   1 
ATOM   384  O  O   . LEU A 1 70  ? 0.251   -9.943  0.146   1.00 9.63  ? 51  LEU A O   1 
ATOM   385  C  CB  . LEU A 1 70  ? 2.190   -7.704  -0.123  1.00 9.56  ? 51  LEU A CB  1 
ATOM   386  C  CG  . LEU A 1 70  ? 2.644   -6.403  -0.745  1.00 10.94 ? 51  LEU A CG  1 
ATOM   387  C  CD1 . LEU A 1 70  ? 2.965   -5.398  0.324   1.00 11.94 ? 51  LEU A CD1 1 
ATOM   388  C  CD2 . LEU A 1 70  ? 3.817   -6.498  -1.683  1.00 12.28 ? 51  LEU A CD2 1 
ATOM   389  N  N   . ASP A 1 71  ? 2.141   -11.045 -0.421  1.00 8.83  ? 52  ASP A N   1 
ATOM   390  C  CA  . ASP A 1 71  ? 1.795   -12.278 0.301   1.00 10.28 ? 52  ASP A CA  1 
ATOM   391  C  C   . ASP A 1 71  ? 2.658   -12.299 1.560   1.00 9.95  ? 52  ASP A C   1 
ATOM   392  O  O   . ASP A 1 71  ? 3.873   -12.358 1.454   1.00 11.34 ? 52  ASP A O   1 
ATOM   393  C  CB  . ASP A 1 71  ? 2.187   -13.527 -0.512  1.00 11.15 ? 52  ASP A CB  1 
ATOM   394  C  CG  . ASP A 1 71  ? 1.802   -14.826 0.174   1.00 13.48 ? 52  ASP A CG  1 
ATOM   395  O  OD1 . ASP A 1 71  ? 1.390   -14.830 1.319   1.00 12.51 ? 52  ASP A OD1 1 
ATOM   396  O  OD2 . ASP A 1 71  ? 2.000   -15.876 -0.493  1.00 17.13 ? 52  ASP A OD2 1 
ATOM   397  N  N   . TYR A 1 72  ? 2.026   -12.272 2.753   1.00 9.72  ? 53  TYR A N   1 
ATOM   398  C  CA  . TYR A 1 72  ? 2.749   -12.287 4.014   1.00 10.85 ? 53  TYR A CA  1 
ATOM   399  C  C   . TYR A 1 72  ? 3.063   -13.713 4.508   1.00 11.97 ? 53  TYR A C   1 
ATOM   400  O  O   . TYR A 1 72  ? 3.738   -13.838 5.519   1.00 13.74 ? 53  TYR A O   1 
ATOM   401  C  CB  . TYR A 1 72  ? 2.034   -11.424 5.091   1.00 10.71 ? 53  TYR A CB  1 
ATOM   402  C  CG  . TYR A 1 72  ? 2.282   -9.963  4.787   1.00 10.96 ? 53  TYR A CG  1 
ATOM   403  C  CD1 . TYR A 1 72  ? 1.424   -9.221  3.984   1.00 10.01 ? 53  TYR A CD1 1 
ATOM   404  C  CD2 . TYR A 1 72  ? 3.410   -9.334  5.298   1.00 10.89 ? 53  TYR A CD2 1 
ATOM   405  C  CE1 . TYR A 1 72  ? 1.701   -7.934  3.664   1.00 10.27 ? 53  TYR A CE1 1 
ATOM   406  C  CE2 . TYR A 1 72  ? 3.709   -8.036  5.001   1.00 11.14 ? 53  TYR A CE2 1 
ATOM   407  C  CZ  . TYR A 1 72  ? 2.884   -7.322  4.159   1.00 10.40 ? 53  TYR A CZ  1 
ATOM   408  O  OH  . TYR A 1 72  ? 3.166   -6.028  3.827   1.00 11.79 ? 53  TYR A OH  1 
ATOM   409  N  N   . GLY A 1 73  ? 2.619   -14.708 3.773   1.00 12.05 ? 54  GLY A N   1 
ATOM   410  C  CA  . GLY A 1 73  ? 3.001   -16.126 4.044   1.00 13.63 ? 54  GLY A CA  1 
ATOM   411  C  C   . GLY A 1 73  ? 2.081   -16.831 5.026   1.00 15.27 ? 54  GLY A C   1 
ATOM   412  O  O   . GLY A 1 73  ? 2.063   -18.083 5.033   1.00 18.54 ? 54  GLY A O   1 
ATOM   413  N  N   . SER A 1 74  ? 1.383   -16.088 5.863   1.00 12.99 ? 55  SER A N   1 
ATOM   414  C  CA  . SER A 1 74  ? 0.460   -16.629 6.866   1.00 14.48 ? 55  SER A CA  1 
ATOM   415  C  C   . SER A 1 74  ? -0.539  -15.522 7.190   1.00 14.74 ? 55  SER A C   1 
ATOM   416  O  O   . SER A 1 74  ? -0.308  -14.332 6.830   1.00 12.97 ? 55  SER A O   1 
ATOM   417  C  CB  . SER A 1 74  ? 1.254   -17.063 8.102   1.00 14.93 ? 55  SER A CB  1 
ATOM   418  O  OG  . SER A 1 74  ? 1.851   -15.987 8.719   1.00 19.03 ? 55  SER A OG  1 
ATOM   419  N  N   . VAL A 1 75  ? -1.652  -15.825 7.841   1.00 13.30 ? 56  VAL A N   1 
ATOM   420  C  CA  . VAL A 1 75  ? -2.667  -14.854 8.158   1.00 12.69 ? 56  VAL A CA  1 
ATOM   421  C  C   . VAL A 1 75  ? -2.186  -13.976 9.291   1.00 13.11 ? 56  VAL A C   1 
ATOM   422  O  O   . VAL A 1 75  ? -1.808  -14.445 10.354  1.00 13.88 ? 56  VAL A O   1 
ATOM   423  C  CB  . VAL A 1 75  ? -3.996  -15.542 8.576   1.00 12.93 ? 56  VAL A CB  1 
ATOM   424  C  CG1 . VAL A 1 75  ? -4.952  -14.511 9.090   1.00 12.91 ? 56  VAL A CG1 1 
ATOM   425  C  CG2 . VAL A 1 75  ? -4.561  -16.289 7.417   1.00 13.17 ? 56  VAL A CG2 1 
ATOM   426  N  N   . GLN A 1 76  ? -2.136  -12.667 9.042   1.00 12.96 ? 57  GLN A N   1 
ATOM   427  C  CA  . GLN A 1 76  ? -1.768  -11.690 10.038  1.00 13.25 ? 57  GLN A CA  1 
ATOM   428  C  C   . GLN A 1 76  ? -2.902  -10.722 10.246  1.00 12.68 ? 57  GLN A C   1 
ATOM   429  O  O   . GLN A 1 76  ? -3.952  -10.857 9.652   1.00 14.17 ? 57  GLN A O   1 
ATOM   430  C  CB  . GLN A 1 76  ? -0.571  -10.875 9.496   1.00 16.74 ? 57  GLN A CB  1 
ATOM   431  C  CG  . GLN A 1 76  ? 0.519   -11.713 8.918   1.00 21.01 ? 57  GLN A CG  1 
ATOM   432  C  CD  . GLN A 1 76  ? 1.201   -12.473 10.007  1.00 20.13 ? 57  GLN A CD  1 
ATOM   433  O  OE1 . GLN A 1 76  ? 1.224   -12.072 11.189  1.00 22.32 ? 57  GLN A OE1 1 
ATOM   434  N  NE2 . GLN A 1 76  ? 1.738   -13.613 9.654   1.00 26.98 ? 57  GLN A NE2 1 
ATOM   435  N  N   . GLU A 1 77  ? -2.745  -9.751  11.130  1.00 13.57 ? 58  GLU A N   1 
ATOM   436  C  CA  . GLU A 1 77  ? -3.775  -8.724  11.334  1.00 13.08 ? 58  GLU A CA  1 
ATOM   437  C  C   . GLU A 1 77  ? -3.186  -7.371  10.893  1.00 10.84 ? 58  GLU A C   1 
ATOM   438  O  O   . GLU A 1 77  ? -2.048  -7.022  11.296  1.00 10.75 ? 58  GLU A O   1 
ATOM   439  C  CB  . GLU A 1 77  ? -4.255  -8.565  12.816  1.00 16.73 ? 58  GLU A CB  1 
ATOM   440  C  CG  . GLU A 1 77  ? -5.054  -9.756  13.355  1.00 19.99 ? 58  GLU A CG  1 
ATOM   441  C  CD  . GLU A 1 77  ? -5.899  -9.422  14.596  1.00 24.36 ? 58  GLU A CD  1 
ATOM   442  O  OE1 . GLU A 1 77  ? -5.747  -8.368  15.230  1.00 26.36 ? 58  GLU A OE1 1 
ATOM   443  O  OE2 . GLU A 1 77  ? -6.795  -10.222 14.928  1.00 33.69 ? 58  GLU A OE2 1 
ATOM   444  N  N   . PHE A 1 78  ? -3.944  -6.620  10.114  1.00 9.76  ? 59  PHE A N   1 
ATOM   445  C  CA  . PHE A 1 78  ? -3.441  -5.309  9.652   1.00 9.28  ? 59  PHE A CA  1 
ATOM   446  C  C   . PHE A 1 78  ? -4.568  -4.303  9.752   1.00 9.53  ? 59  PHE A C   1 
ATOM   447  O  O   . PHE A 1 78  ? -5.749  -4.651  9.519   1.00 9.20  ? 59  PHE A O   1 
ATOM   448  C  CB  . PHE A 1 78  ? -2.988  -5.359  8.200   1.00 9.22  ? 59  PHE A CB  1 
ATOM   449  C  CG  . PHE A 1 78  ? -1.895  -6.341  7.898   1.00 9.71  ? 59  PHE A CG  1 
ATOM   450  C  CD1 . PHE A 1 78  ? -0.655  -6.160  8.452   1.00 9.01  ? 59  PHE A CD1 1 
ATOM   451  C  CD2 . PHE A 1 78  ? -2.079  -7.385  7.036   1.00 10.15 ? 59  PHE A CD2 1 
ATOM   452  C  CE1 . PHE A 1 78  ? 0.395   -7.007  8.149   1.00 9.68  ? 59  PHE A CE1 1 
ATOM   453  C  CE2 . PHE A 1 78  ? -1.040  -8.251  6.745   1.00 10.63 ? 59  PHE A CE2 1 
ATOM   454  C  CZ  . PHE A 1 78  ? 0.198   -8.077  7.326   1.00 9.70  ? 59  PHE A CZ  1 
ATOM   455  N  N   . ASP A 1 79  ? -4.264  -3.056  10.039  1.00 7.94  ? 60  ASP A N   1 
ATOM   456  C  CA  . ASP A 1 79  ? -5.246  -1.964  10.011  1.00 8.54  ? 60  ASP A CA  1 
ATOM   457  C  C   . ASP A 1 79  ? -4.882  -0.800  9.145   1.00 8.31  ? 60  ASP A C   1 
ATOM   458  O  O   . ASP A 1 79  ? -5.523  0.250   9.151   1.00 8.45  ? 60  ASP A O   1 
ATOM   459  C  CB  . ASP A 1 79  ? -5.589  -1.498  11.404  1.00 8.75  ? 60  ASP A CB  1 
ATOM   460  C  CG  . ASP A 1 79  ? -4.427  -0.881  12.176  1.00 9.25  ? 60  ASP A CG  1 
ATOM   461  O  OD1 . ASP A 1 79  ? -3.321  -0.817  11.646  1.00 9.14  ? 60  ASP A OD1 1 
ATOM   462  O  OD2 . ASP A 1 79  ? -4.683  -0.462  13.326  1.00 11.15 ? 60  ASP A OD2 1 
ATOM   463  N  N   . ALA A 1 80  ? -3.839  -0.947  8.312   1.00 7.66  ? 61  ALA A N   1 
ATOM   464  C  CA  . ALA A 1 80  ? -3.409  0.145   7.484   1.00 7.92  ? 61  ALA A CA  1 
ATOM   465  C  C   . ALA A 1 80  ? -2.477  -0.354  6.384   1.00 8.08  ? 61  ALA A C   1 
ATOM   466  O  O   . ALA A 1 80  ? -1.871  -1.432  6.556   1.00 8.02  ? 61  ALA A O   1 
ATOM   467  C  CB  . ALA A 1 80  ? -2.702  1.242   8.287   1.00 8.18  ? 61  ALA A CB  1 
ATOM   468  N  N   . VAL A 1 81  ? -2.301  0.492   5.366   1.00 7.45  ? 62  VAL A N   1 
ATOM   469  C  CA  . VAL A 1 81  ? -1.115  0.376   4.517   1.00 7.58  ? 62  VAL A CA  1 
ATOM   470  C  C   . VAL A 1 81  ? -0.320  1.635   4.558   1.00 7.56  ? 62  VAL A C   1 
ATOM   471  O  O   . VAL A 1 81  ? -0.918  2.702   4.761   1.00 8.42  ? 62  VAL A O   1 
ATOM   472  C  CB  . VAL A 1 81  ? -1.409  -0.017  3.057   1.00 8.18  ? 62  VAL A CB  1 
ATOM   473  C  CG1 . VAL A 1 81  ? -2.057  -1.383  2.993   1.00 7.90  ? 62  VAL A CG1 1 
ATOM   474  C  CG2 . VAL A 1 81  ? -2.245  1.025   2.344   1.00 9.14  ? 62  VAL A CG2 1 
ATOM   475  N  N   . GLN A 1 82  ? 0.985   1.551   4.320   1.00 7.83  ? 63  GLN A N   1 
ATOM   476  C  CA  . GLN A 1 82  ? 1.775   2.708   4.002   1.00 8.32  ? 63  GLN A CA  1 
ATOM   477  C  C   . GLN A 1 82  ? 2.186   2.568   2.560   1.00 8.41  ? 63  GLN A C   1 
ATOM   478  O  O   . GLN A 1 82  ? 2.532   1.461   2.118   1.00 9.23  ? 63  GLN A O   1 
ATOM   479  C  CB  . GLN A 1 82  ? 2.925   2.909   4.982   1.00 11.04 ? 63  GLN A CB  1 
ATOM   480  C  CG  . GLN A 1 82  ? 3.866   1.753   5.038   1.00 11.84 ? 63  GLN A CG  1 
ATOM   481  C  CD  . GLN A 1 82  ? 5.022   1.895   6.054   1.00 13.64 ? 63  GLN A CD  1 
ATOM   482  O  OE1 . GLN A 1 82  ? 6.144   1.466   5.763   1.00 16.27 ? 63  GLN A OE1 1 
ATOM   483  N  NE2 . GLN A 1 82  ? 4.743   2.445   7.188   1.00 15.82 ? 63  GLN A NE2 1 
ATOM   484  N  N   . ALA A 1 83  ? 2.175   3.658   1.836   1.00 7.60  ? 64  ALA A N   1 
ATOM   485  C  CA  . ALA A 1 83  ? 2.546   3.602   0.421   1.00 7.75  ? 64  ALA A CA  1 
ATOM   486  C  C   . ALA A 1 83  ? 3.194   4.893   0.023   1.00 8.68  ? 64  ALA A C   1 
ATOM   487  O  O   . ALA A 1 83  ? 2.821   5.960   0.537   1.00 10.02 ? 64  ALA A O   1 
ATOM   488  C  CB  . ALA A 1 83  ? 1.355   3.377   -0.486  1.00 8.13  ? 64  ALA A CB  1 
ATOM   489  N  N   . SER A 1 84  ? 4.216   4.840   -0.834  1.00 8.27  ? 65  SER A N   1 
ATOM   490  C  CA  . SER A 1 84  ? 4.858   6.036   -1.398  1.00 9.08  ? 65  SER A CA  1 
ATOM   491  C  C   . SER A 1 84  ? 4.657   5.956   -2.892  1.00 8.97  ? 65  SER A C   1 
ATOM   492  O  O   . SER A 1 84  ? 4.635   4.846   -3.505  1.00 9.03  ? 65  SER A O   1 
ATOM   493  C  CB  . SER A 1 84  ? 6.301   6.054   -1.002  1.00 9.54  ? 65  SER A CB  1 
ATOM   494  O  OG  . SER A 1 84  ? 7.021   4.845   -1.335  1.00 9.93  ? 65  SER A OG  1 
ATOM   495  N  N   . PHE A 1 85  ? 4.444   7.103   -3.519  1.00 9.23  ? 66  PHE A N   1 
ATOM   496  C  CA  . PHE A 1 85  ? 3.907   7.175   -4.885  1.00 10.63 ? 66  PHE A CA  1 
ATOM   497  C  C   . PHE A 1 85  ? 4.947   7.796   -5.811  1.00 11.30 ? 66  PHE A C   1 
ATOM   498  O  O   . PHE A 1 85  ? 5.568   8.811   -5.455  1.00 12.77 ? 66  PHE A O   1 
ATOM   499  C  CB  . PHE A 1 85  ? 2.575   7.932   -4.884  1.00 10.93 ? 66  PHE A CB  1 
ATOM   500  C  CG  . PHE A 1 85  ? 1.521   7.211   -4.114  1.00 10.15 ? 66  PHE A CG  1 
ATOM   501  C  CD1 . PHE A 1 85  ? 0.772   6.233   -4.721  1.00 9.53  ? 66  PHE A CD1 1 
ATOM   502  C  CD2 . PHE A 1 85  ? 1.348   7.444   -2.794  1.00 10.22 ? 66  PHE A CD2 1 
ATOM   503  C  CE1 . PHE A 1 85  ? -0.177  5.507   -3.972  1.00 10.61 ? 66  PHE A CE1 1 
ATOM   504  C  CE2 . PHE A 1 85  ? 0.449   6.722   -2.059  1.00 9.80  ? 66  PHE A CE2 1 
ATOM   505  C  CZ  . PHE A 1 85  ? -0.342  5.787   -2.649  1.00 10.90 ? 66  PHE A CZ  1 
ATOM   506  N  N   A SER A 1 86  ? 5.186   7.204   -6.978  0.50 11.88 ? 67  SER A N   1 
ATOM   507  N  N   B SER A 1 86  ? 5.062   7.275   -7.026  0.50 11.31 ? 67  SER A N   1 
ATOM   508  C  CA  A SER A 1 86  ? 5.953   7.896   -8.021  0.50 12.58 ? 67  SER A CA  1 
ATOM   509  C  CA  B SER A 1 86  ? 5.978   7.875   -7.977  0.50 11.84 ? 67  SER A CA  1 
ATOM   510  C  C   A SER A 1 86  ? 5.345   9.242   -8.323  0.50 12.52 ? 67  SER A C   1 
ATOM   511  C  C   B SER A 1 86  ? 5.361   9.219   -8.350  0.50 12.15 ? 67  SER A C   1 
ATOM   512  O  O   A SER A 1 86  ? 4.132   9.394   -8.484  0.50 12.84 ? 67  SER A O   1 
ATOM   513  O  O   B SER A 1 86  ? 4.154   9.358   -8.524  0.50 12.58 ? 67  SER A O   1 
ATOM   514  C  CB  A SER A 1 86  ? 5.875   7.124   -9.322  0.50 13.05 ? 67  SER A CB  1 
ATOM   515  C  CB  B SER A 1 86  ? 6.099   6.986   -9.208  0.50 12.05 ? 67  SER A CB  1 
ATOM   516  O  OG  A SER A 1 86  ? 6.550   5.904   -9.178  0.50 14.75 ? 67  SER A OG  1 
ATOM   517  O  OG  B SER A 1 86  ? 7.107   7.472   -10.057 0.50 12.53 ? 67  SER A OG  1 
ATOM   518  N  N   . LYS A 1 87  ? 6.243   10.233  -8.435  1.00 13.20 ? 68  LYS A N   1 
ATOM   519  C  CA  . LYS A 1 87  ? 5.811   11.612  -8.737  1.00 15.84 ? 68  LYS A CA  1 
ATOM   520  C  C   . LYS A 1 87  ? 4.678   12.021  -7.775  1.00 14.74 ? 68  LYS A C   1 
ATOM   521  O  O   . LYS A 1 87  ? 3.721   12.716  -8.149  1.00 15.49 ? 68  LYS A O   1 
ATOM   522  C  CB  . LYS A 1 87  ? 5.378   11.708  -10.202 1.00 19.65 ? 68  LYS A CB  1 
ATOM   523  C  CG  . LYS A 1 87  ? 6.490   11.230  -11.110 1.00 23.44 ? 68  LYS A CG  1 
ATOM   524  C  CD  . LYS A 1 87  ? 6.142   11.512  -12.570 1.00 28.62 ? 68  LYS A CD  1 
ATOM   525  C  CE  . LYS A 1 87  ? 7.291   11.178  -13.514 1.00 31.77 ? 68  LYS A CE  1 
ATOM   526  N  NZ  . LYS A 1 87  ? 6.926   10.046  -14.414 1.00 36.32 ? 68  LYS A NZ  1 
ATOM   527  N  N   . GLY A 1 88  ? 4.815   11.549  -6.527  1.00 13.94 ? 69  GLY A N   1 
ATOM   528  C  CA  . GLY A 1 88  ? 3.783   11.725  -5.518  1.00 14.02 ? 69  GLY A CA  1 
ATOM   529  C  C   . GLY A 1 88  ? 3.532   13.160  -5.086  1.00 14.66 ? 69  GLY A C   1 
ATOM   530  O  O   . GLY A 1 88  ? 2.474   13.453  -4.523  1.00 14.56 ? 69  GLY A O   1 
ATOM   531  N  N   . ASN A 1 89  ? 4.506   14.031  -5.386  1.00 18.56 ? 70  ASN A N   1 
ATOM   532  C  CA  . ASN A 1 89  ? 4.337   15.498  -5.182  1.00 19.71 ? 70  ASN A CA  1 
ATOM   533  C  C   . ASN A 1 89  ? 3.753   16.228  -6.399  1.00 21.75 ? 70  ASN A C   1 
ATOM   534  O  O   . ASN A 1 89  ? 3.563   17.459  -6.338  1.00 21.64 ? 70  ASN A O   1 
ATOM   535  C  CB  . ASN A 1 89  ? 5.687   16.091  -4.761  1.00 19.95 ? 70  ASN A CB  1 
ATOM   536  C  CG  . ASN A 1 89  ? 6.783   15.881  -5.776  1.00 21.88 ? 70  ASN A CG  1 
ATOM   537  O  OD1 . ASN A 1 89  ? 6.729   14.944  -6.544  1.00 20.46 ? 70  ASN A OD1 1 
ATOM   538  N  ND2 . ASN A 1 89  ? 7.827   16.740  -5.760  1.00 23.11 ? 70  ASN A ND2 1 
ATOM   539  N  N   . GLU A 1 90  ? 3.434   15.522  -7.468  1.00 19.46 ? 71  GLU A N   1 
ATOM   540  C  CA  . GLU A 1 90  ? 2.876   16.112  -8.721  1.00 21.27 ? 71  GLU A CA  1 
ATOM   541  C  C   . GLU A 1 90  ? 1.482   15.711  -9.101  1.00 22.20 ? 71  GLU A C   1 
ATOM   542  O  O   . GLU A 1 90  ? 0.802   16.364  -9.918  1.00 23.13 ? 71  GLU A O   1 
ATOM   543  C  CB  . GLU A 1 90  ? 3.772   15.725  -9.900  1.00 24.43 ? 71  GLU A CB  1 
ATOM   544  C  CG  . GLU A 1 90  ? 5.243   16.034  -9.713  1.00 26.48 ? 71  GLU A CG  1 
ATOM   545  C  CD  . GLU A 1 90  ? 6.134   15.555  -10.882 1.00 30.25 ? 71  GLU A CD  1 
ATOM   546  O  OE1 . GLU A 1 90  ? 7.349   15.520  -10.693 1.00 33.48 ? 71  GLU A OE1 1 
ATOM   547  O  OE2 . GLU A 1 90  ? 5.628   15.144  -11.959 1.00 31.23 ? 71  GLU A OE2 1 
ATOM   548  N  N   . ARG A 1 91  ? 1.027   14.565  -8.605  1.00 17.63 ? 72  ARG A N   1 
ATOM   549  C  CA  . ARG A 1 91  ? -0.240  14.065  -8.975  1.00 17.29 ? 72  ARG A CA  1 
ATOM   550  C  C   . ARG A 1 91  ? -0.687  13.112  -7.885  1.00 15.10 ? 72  ARG A C   1 
ATOM   551  O  O   . ARG A 1 91  ? 0.148   12.715  -7.036  1.00 15.83 ? 72  ARG A O   1 
ATOM   552  C  CB  . ARG A 1 91  ? -0.148  13.328  -10.343 1.00 17.84 ? 72  ARG A CB  1 
ATOM   553  C  CG  . ARG A 1 91  ? 0.617   12.000  -10.269 1.00 18.54 ? 72  ARG A CG  1 
ATOM   554  C  CD  . ARG A 1 91  ? 1.175   11.587  -11.627 1.00 19.50 ? 72  ARG A CD  1 
ATOM   555  N  NE  . ARG A 1 91  ? 1.684   10.229  -11.552 1.00 21.61 ? 72  ARG A NE  1 
ATOM   556  C  CZ  . ARG A 1 91  ? 2.300   9.602   -12.554 1.00 24.56 ? 72  ARG A CZ  1 
ATOM   557  N  NH1 . ARG A 1 91  ? 2.503   10.214  -13.709 1.00 26.11 ? 72  ARG A NH1 1 
ATOM   558  N  NH2 . ARG A 1 91  ? 2.710   8.353   -12.377 1.00 25.14 ? 72  ARG A NH2 1 
ATOM   559  N  N   . GLN A 1 92  ? -1.971  12.873  -7.873  1.00 14.43 ? 73  GLN A N   1 
ATOM   560  C  CA  . GLN A 1 92  ? -2.587  11.974  -6.880  1.00 14.21 ? 73  GLN A CA  1 
ATOM   561  C  C   . GLN A 1 92  ? -2.922  10.639  -7.534  1.00 14.17 ? 73  GLN A C   1 
ATOM   562  O  O   . GLN A 1 92  ? -3.536  10.584  -8.610  1.00 14.91 ? 73  GLN A O   1 
ATOM   563  C  CB  . GLN A 1 92  ? -3.839  12.597  -6.308  1.00 14.96 ? 73  GLN A CB  1 
ATOM   564  C  CG  . GLN A 1 92  ? -3.595  13.942  -5.638  1.00 15.39 ? 73  GLN A CG  1 
ATOM   565  C  CD  . GLN A 1 92  ? -4.870  14.548  -5.192  1.00 19.73 ? 73  GLN A CD  1 
ATOM   566  O  OE1 . GLN A 1 92  ? -5.587  15.122  -6.009  1.00 18.82 ? 73  GLN A OE1 1 
ATOM   567  N  NE2 . GLN A 1 92  ? -5.210  14.404  -3.905  1.00 17.02 ? 73  GLN A NE2 1 
ATOM   568  N  N   . SER A 1 93  ? -2.522  9.544   -6.891  1.00 11.92 ? 74  SER A N   1 
ATOM   569  C  CA  . SER A 1 93  ? -2.854  8.207   -7.296  1.00 11.33 ? 74  SER A CA  1 
ATOM   570  C  C   . SER A 1 93  ? -4.153  7.737   -6.709  1.00 11.18 ? 74  SER A C   1 
ATOM   571  O  O   . SER A 1 93  ? -4.427  8.027   -5.552  1.00 11.91 ? 74  SER A O   1 
ATOM   572  C  CB  . SER A 1 93  ? -1.745  7.223   -6.943  1.00 11.67 ? 74  SER A CB  1 
ATOM   573  O  OG  . SER A 1 93  ? -0.522  7.548   -7.588  1.00 13.31 ? 74  SER A OG  1 
ATOM   574  N  N   . LYS A 1 94  ? -4.961  7.049   -7.473  1.00 12.28 ? 75  LYS A N   1 
ATOM   575  C  CA  . LYS A 1 94  ? -6.279  6.575   -7.071  1.00 11.72 ? 75  LYS A CA  1 
ATOM   576  C  C   . LYS A 1 94  ? -6.194  5.068   -6.922  1.00 11.65 ? 75  LYS A C   1 
ATOM   577  O  O   . LYS A 1 94  ? -5.614  4.359   -7.786  1.00 11.97 ? 75  LYS A O   1 
ATOM   578  C  CB  . LYS A 1 94  ? -7.308  6.897   -8.177  1.00 13.80 ? 75  LYS A CB  1 
ATOM   579  C  CG  . LYS A 1 94  ? -7.453  8.353   -8.453  1.00 18.05 ? 75  LYS A CG  1 
ATOM   580  C  CD  . LYS A 1 94  ? -8.386  8.504   -9.644  1.00 22.53 ? 75  LYS A CD  1 
ATOM   581  C  CE  . LYS A 1 94  ? -7.610  9.109   -10.763 1.00 28.11 ? 75  LYS A CE  1 
ATOM   582  N  NZ  . LYS A 1 94  ? -7.812  10.556  -10.472 1.00 34.62 ? 75  LYS A NZ  1 
ATOM   583  N  N   . PHE A 1 95  ? -6.779  4.502   -5.860  1.00 10.25 ? 76  PHE A N   1 
ATOM   584  C  CA  . PHE A 1 95  ? -6.598  3.099   -5.580  1.00 9.66  ? 76  PHE A CA  1 
ATOM   585  C  C   . PHE A 1 95  ? -7.589  2.582   -4.541  1.00 9.60  ? 76  PHE A C   1 
ATOM   586  O  O   . PHE A 1 95  ? -8.129  3.352   -3.735  1.00 10.35 ? 76  PHE A O   1 
ATOM   587  C  CB  . PHE A 1 95  ? -5.138  2.785   -5.135  1.00 9.56  ? 76  PHE A CB  1 
ATOM   588  C  CG  . PHE A 1 95  ? -4.758  3.416   -3.830  1.00 9.65  ? 76  PHE A CG  1 
ATOM   589  C  CD1 . PHE A 1 95  ? -4.289  4.725   -3.788  1.00 10.92 ? 76  PHE A CD1 1 
ATOM   590  C  CD2 . PHE A 1 95  ? -4.814  2.696   -2.638  1.00 9.71  ? 76  PHE A CD2 1 
ATOM   591  C  CE1 . PHE A 1 95  ? -3.934  5.291   -2.575  1.00 11.24 ? 76  PHE A CE1 1 
ATOM   592  C  CE2 . PHE A 1 95  ? -4.428  3.261   -1.434  1.00 9.46  ? 76  PHE A CE2 1 
ATOM   593  C  CZ  . PHE A 1 95  ? -3.976  4.527   -1.410  1.00 10.53 ? 76  PHE A CZ  1 
ATOM   594  N  N   . ASP A 1 96  ? -7.773  1.271   -4.510  1.00 9.24  ? 77  ASP A N   1 
ATOM   595  C  CA  . ASP A 1 96  ? -8.403  0.547   -3.424  1.00 9.30  ? 77  ASP A CA  1 
ATOM   596  C  C   . ASP A 1 96  ? -7.373  -0.391  -2.782  1.00 8.58  ? 77  ASP A C   1 
ATOM   597  O  O   . ASP A 1 96  ? -6.384  -0.746  -3.444  1.00 9.06  ? 77  ASP A O   1 
ATOM   598  C  CB  . ASP A 1 96  ? -9.589  -0.326  -3.891  1.00 10.20 ? 77  ASP A CB  1 
ATOM   599  C  CG  . ASP A 1 96  ? -10.530 0.389   -4.806  1.00 10.89 ? 77  ASP A CG  1 
ATOM   600  O  OD1 . ASP A 1 96  ? -10.883 1.536   -4.571  1.00 13.13 ? 77  ASP A OD1 1 
ATOM   601  O  OD2 . ASP A 1 96  ? -10.837 -0.243  -5.874  1.00 15.21 ? 77  ASP A OD2 1 
ATOM   602  N  N   . ILE A 1 97  ? -7.636  -0.806  -1.553  1.00 9.27  ? 78  ILE A N   1 
ATOM   603  C  CA  . ILE A 1 97  ? -6.890  -1.869  -0.935  1.00 8.14  ? 78  ILE A CA  1 
ATOM   604  C  C   . ILE A 1 97  ? -7.849  -2.977  -0.579  1.00 8.52  ? 78  ILE A C   1 
ATOM   605  O  O   . ILE A 1 97  ? -8.871  -2.732  0.056   1.00 9.48  ? 78  ILE A O   1 
ATOM   606  C  CB  . ILE A 1 97  ? -6.160  -1.401  0.355   1.00 8.04  ? 78  ILE A CB  1 
ATOM   607  C  CG1 . ILE A 1 97  ? -5.221  -0.232  0.115   1.00 8.49  ? 78  ILE A CG1 1 
ATOM   608  C  CG2 . ILE A 1 97  ? -5.425  -2.529  1.027   1.00 9.28  ? 78  ILE A CG2 1 
ATOM   609  C  CD1 . ILE A 1 97  ? -4.038  -0.518  -0.792  1.00 8.40  ? 78  ILE A CD1 1 
ATOM   610  N  N   . GLN A 1 98  ? -7.480  -4.193  -0.951  1.00 8.87  ? 79  GLN A N   1 
ATOM   611  C  CA  . GLN A 1 98  ? -8.170  -5.383  -0.627  1.00 9.66  ? 79  GLN A CA  1 
ATOM   612  C  C   . GLN A 1 98  ? -7.330  -6.341  0.156   1.00 9.86  ? 79  GLN A C   1 
ATOM   613  O  O   . GLN A 1 98  ? -6.104  -6.346  0.014   1.00 10.43 ? 79  GLN A O   1 
ATOM   614  C  CB  . GLN A 1 98  ? -8.661  -6.062  -1.910  1.00 10.27 ? 79  GLN A CB  1 
ATOM   615  C  CG  . GLN A 1 98  ? -9.568  -5.212  -2.752  1.00 11.82 ? 79  GLN A CG  1 
ATOM   616  C  CD  . GLN A 1 98  ? -10.119 -6.001  -3.895  1.00 14.36 ? 79  GLN A CD  1 
ATOM   617  O  OE1 . GLN A 1 98  ? -9.408  -6.622  -4.655  1.00 14.11 ? 79  GLN A OE1 1 
ATOM   618  N  NE2 . GLN A 1 98  ? -11.439 -6.139  -3.872  1.00 17.30 ? 79  GLN A NE2 1 
ATOM   619  N  N   . VAL A 1 99  ? -7.961  -7.234  0.902   1.00 10.54 ? 80  VAL A N   1 
ATOM   620  C  CA  . VAL A 1 99  ? -7.227  -8.251  1.647   1.00 10.79 ? 80  VAL A CA  1 
ATOM   621  C  C   . VAL A 1 99  ? -7.896  -9.586  1.457   1.00 10.56 ? 80  VAL A C   1 
ATOM   622  O  O   . VAL A 1 99  ? -9.052  -9.658  1.037   1.00 11.50 ? 80  VAL A O   1 
ATOM   623  C  CB  . VAL A 1 99  ? -7.121  -7.923  3.167   1.00 11.44 ? 80  VAL A CB  1 
ATOM   624  C  CG1 . VAL A 1 99  ? -6.559  -6.551  3.438   1.00 12.05 ? 80  VAL A CG1 1 
ATOM   625  C  CG2 . VAL A 1 99  ? -8.478  -8.042  3.849   1.00 11.65 ? 80  VAL A CG2 1 
ATOM   626  N  N   . SER A 1 100 ? -7.171  -10.615 1.765   1.00 9.94  ? 81  SER A N   1 
ATOM   627  C  CA  . SER A 1 100 ? -7.707  -11.962 1.639   1.00 10.84 ? 81  SER A CA  1 
ATOM   628  C  C   . SER A 1 100 ? -6.988  -12.884 2.586   1.00 10.96 ? 81  SER A C   1 
ATOM   629  O  O   . SER A 1 100 ? -5.809  -12.808 2.828   1.00 10.94 ? 81  SER A O   1 
ATOM   630  C  CB  . SER A 1 100 ? -7.483  -12.448 0.203   1.00 11.38 ? 81  SER A CB  1 
ATOM   631  O  OG  . SER A 1 100 ? -7.980  -13.795 0.026   1.00 12.61 ? 81  SER A OG  1 
ATOM   632  N  N   . VAL A 1 101 ? -7.754  -13.835 3.126   1.00 13.00 ? 82  VAL A N   1 
ATOM   633  C  CA  . VAL A 1 101 ? -7.217  -14.908 3.926   1.00 13.87 ? 82  VAL A CA  1 
ATOM   634  C  C   . VAL A 1 101 ? -6.643  -16.004 3.049   1.00 14.49 ? 82  VAL A C   1 
ATOM   635  O  O   . VAL A 1 101 ? -5.600  -16.549 3.317   1.00 16.47 ? 82  VAL A O   1 
ATOM   636  C  CB  . VAL A 1 101 ? -8.327  -15.492 4.858   1.00 15.45 ? 82  VAL A CB  1 
ATOM   637  C  CG1 . VAL A 1 101 ? -7.883  -16.798 5.448   1.00 16.59 ? 82  VAL A CG1 1 
ATOM   638  C  CG2 . VAL A 1 101 ? -8.617  -14.510 5.918   1.00 16.26 ? 82  VAL A CG2 1 
ATOM   639  N  N   . ASP A 1 102 ? -7.367  -16.355 1.984   1.00 16.51 ? 83  ASP A N   1 
ATOM   640  C  CA  . ASP A 1 102 ? -7.024  -17.507 1.151   1.00 18.82 ? 83  ASP A CA  1 
ATOM   641  C  C   . ASP A 1 102 ? -6.474  -17.222 -0.255  1.00 18.85 ? 83  ASP A C   1 
ATOM   642  O  O   . ASP A 1 102 ? -6.077  -18.148 -0.969  1.00 20.64 ? 83  ASP A O   1 
ATOM   643  C  CB  . ASP A 1 102 ? -8.230  -18.462 1.039   1.00 21.90 ? 83  ASP A CB  1 
ATOM   644  C  CG  . ASP A 1 102 ? -9.367  -17.883 0.238   1.00 24.20 ? 83  ASP A CG  1 
ATOM   645  O  OD1 . ASP A 1 102 ? -9.379  -16.675 -0.110  1.00 21.46 ? 83  ASP A OD1 1 
ATOM   646  O  OD2 . ASP A 1 102 ? -10.340 -18.615 -0.025  1.00 28.87 ? 83  ASP A OD2 1 
ATOM   647  N  N   . GLY A 1 103 ? -6.480  -15.958 -0.663  1.00 18.46 ? 84  GLY A N   1 
ATOM   648  C  CA  . GLY A 1 103 ? -5.967  -15.557 -1.959  1.00 20.34 ? 84  GLY A CA  1 
ATOM   649  C  C   . GLY A 1 103 ? -6.960  -15.676 -3.074  1.00 22.06 ? 84  GLY A C   1 
ATOM   650  O  O   . GLY A 1 103 ? -6.645  -15.330 -4.216  1.00 22.17 ? 84  GLY A O   1 
ATOM   651  N  N   . GLU A 1 104 ? -8.179  -16.071 -2.720  1.00 21.17 ? 85  GLU A N   1 
ATOM   652  C  CA  . GLU A 1 104 ? -9.269  -16.266 -3.673  1.00 22.45 ? 85  GLU A CA  1 
ATOM   653  C  C   . GLU A 1 104 ? -10.440 -15.345 -3.416  1.00 21.88 ? 85  GLU A C   1 
ATOM   654  O  O   . GLU A 1 104 ? -10.955 -14.729 -4.358  1.00 22.31 ? 85  GLU A O   1 
ATOM   655  C  CB  . GLU A 1 104 ? -9.730  -17.714 -3.607  1.00 26.59 ? 85  GLU A CB  1 
ATOM   656  C  CG  . GLU A 1 104 ? -8.666  -18.752 -3.927  1.00 32.97 ? 85  GLU A CG  1 
ATOM   657  C  CD  . GLU A 1 104 ? -8.161  -18.664 -5.359  1.00 40.19 ? 85  GLU A CD  1 
ATOM   658  O  OE1 . GLU A 1 104 ? -8.959  -18.270 -6.254  1.00 46.41 ? 85  GLU A OE1 1 
ATOM   659  O  OE2 . GLU A 1 104 ? -6.967  -18.986 -5.587  1.00 48.46 ? 85  GLU A OE2 1 
ATOM   660  N  N   . THR A 1 105 ? -10.893 -15.280 -2.155  1.00 19.84 ? 86  THR A N   1 
ATOM   661  C  CA  . THR A 1 105 ? -11.966 -14.390 -1.728  1.00 18.45 ? 86  THR A CA  1 
ATOM   662  C  C   . THR A 1 105 ? -11.388 -13.078 -1.144  1.00 17.20 ? 86  THR A C   1 
ATOM   663  O  O   . THR A 1 105 ? -10.583 -13.138 -0.183  1.00 17.13 ? 86  THR A O   1 
ATOM   664  C  CB  . THR A 1 105 ? -12.866 -15.027 -0.658  1.00 21.36 ? 86  THR A CB  1 
ATOM   665  O  OG1 . THR A 1 105 ? -13.586 -16.100 -1.259  1.00 25.42 ? 86  THR A OG1 1 
ATOM   666  C  CG2 . THR A 1 105 ? -13.843 -14.058 -0.129  1.00 23.05 ? 86  THR A CG2 1 
ATOM   667  N  N   . TRP A 1 106 ? -11.751 -11.944 -1.714  1.00 16.03 ? 87  TRP A N   1 
ATOM   668  C  CA  . TRP A 1 106 ? -11.195 -10.633 -1.339  1.00 15.58 ? 87  TRP A CA  1 
ATOM   669  C  C   . TRP A 1 106 ? -12.215 -9.747  -0.697  1.00 17.59 ? 87  TRP A C   1 
ATOM   670  O  O   . TRP A 1 106 ? -13.389 -9.694  -1.137  1.00 20.25 ? 87  TRP A O   1 
ATOM   671  C  CB  . TRP A 1 106 ? -10.661 -9.951  -2.597  1.00 16.82 ? 87  TRP A CB  1 
ATOM   672  C  CG  . TRP A 1 106 ? -9.503  -10.691 -3.185  1.00 16.35 ? 87  TRP A CG  1 
ATOM   673  C  CD1 . TRP A 1 106 ? -9.529  -11.718 -4.122  1.00 17.40 ? 87  TRP A CD1 1 
ATOM   674  C  CD2 . TRP A 1 106 ? -8.109  -10.526 -2.865  1.00 14.85 ? 87  TRP A CD2 1 
ATOM   675  N  NE1 . TRP A 1 106 ? -8.269  -12.195 -4.346  1.00 17.32 ? 87  TRP A NE1 1 
ATOM   676  C  CE2 . TRP A 1 106 ? -7.366  -11.489 -3.590  1.00 15.94 ? 87  TRP A CE2 1 
ATOM   677  C  CE3 . TRP A 1 106 ? -7.417  -9.699  -1.961  1.00 14.35 ? 87  TRP A CE3 1 
ATOM   678  C  CZ2 . TRP A 1 106 ? -5.963  -11.629 -3.477  1.00 15.44 ? 87  TRP A CZ2 1 
ATOM   679  C  CZ3 . TRP A 1 106 ? -6.067  -9.829  -1.877  1.00 14.40 ? 87  TRP A CZ3 1 
ATOM   680  C  CH2 . TRP A 1 106 ? -5.343  -10.789 -2.621  1.00 13.93 ? 87  TRP A CH2 1 
ATOM   681  N  N   . THR A 1 107 ? -11.788 -8.961  0.277   1.00 15.87 ? 88  THR A N   1 
ATOM   682  C  CA  . THR A 1 107 ? -12.569 -7.995  1.001   1.00 17.63 ? 88  THR A CA  1 
ATOM   683  C  C   . THR A 1 107 ? -11.924 -6.635  0.694   1.00 14.01 ? 88  THR A C   1 
ATOM   684  O  O   . THR A 1 107 ? -10.702 -6.517  0.864   1.00 14.43 ? 88  THR A O   1 
ATOM   685  C  CB  . THR A 1 107 ? -12.427 -8.290  2.566   1.00 18.60 ? 88  THR A CB  1 
ATOM   686  O  OG1 . THR A 1 107 ? -13.011 -9.575  2.848   1.00 25.81 ? 88  THR A OG1 1 
ATOM   687  C  CG2 . THR A 1 107 ? -13.154 -7.282  3.366   1.00 20.72 ? 88  THR A CG2 1 
ATOM   688  N  N   . THR A 1 108 ? -12.678 -5.599  0.382   1.00 12.52 ? 89  THR A N   1 
ATOM   689  C  CA  . THR A 1 108 ? -12.185 -4.270  0.206   1.00 12.89 ? 89  THR A CA  1 
ATOM   690  C  C   . THR A 1 108 ? -12.158 -3.612  1.562   1.00 12.91 ? 89  THR A C   1 
ATOM   691  O  O   . THR A 1 108 ? -13.203 -3.459  2.221   1.00 14.61 ? 89  THR A O   1 
ATOM   692  C  CB  . THR A 1 108 ? -13.008 -3.468  -0.822  1.00 13.71 ? 89  THR A CB  1 
ATOM   693  O  OG1 . THR A 1 108 ? -12.989 -4.235  -2.023  1.00 14.72 ? 89  THR A OG1 1 
ATOM   694  C  CG2 . THR A 1 108 ? -12.462 -2.080  -0.988  1.00 14.38 ? 89  THR A CG2 1 
ATOM   695  N  N   . VAL A 1 109 ? -10.986 -3.196  2.010   1.00 9.98  ? 90  VAL A N   1 
ATOM   696  C  CA  . VAL A 1 109 ? -10.814 -2.499  3.295   1.00 9.86  ? 90  VAL A CA  1 
ATOM   697  C  C   . VAL A 1 109 ? -10.667 -1.018  3.148   1.00 10.70 ? 90  VAL A C   1 
ATOM   698  O  O   . VAL A 1 109 ? -10.918 -0.276  4.104   1.00 12.63 ? 90  VAL A O   1 
ATOM   699  C  CB  . VAL A 1 109 ? -9.669  -3.072  4.142   1.00 10.61 ? 90  VAL A CB  1 
ATOM   700  C  CG1 . VAL A 1 109 ? -9.954  -4.501  4.414   1.00 11.62 ? 90  VAL A CG1 1 
ATOM   701  C  CG2 . VAL A 1 109 ? -8.322  -2.912  3.443   1.00 9.84  ? 90  VAL A CG2 1 
ATOM   702  N  N   . LEU A 1 110 ? -10.207 -0.517  1.994   1.00 10.34 ? 91  LEU A N   1 
ATOM   703  C  CA  . LEU A 1 110 ? -10.101 0.906   1.683   1.00 10.78 ? 91  LEU A CA  1 
ATOM   704  C  C   . LEU A 1 110 ? -10.594 1.047   0.259   1.00 12.51 ? 91  LEU A C   1 
ATOM   705  O  O   . LEU A 1 110 ? -10.064 0.355   -0.622  1.00 12.14 ? 91  LEU A O   1 
ATOM   706  C  CB  . LEU A 1 110 ? -8.674  1.397   1.832   1.00 11.82 ? 91  LEU A CB  1 
ATOM   707  C  CG  . LEU A 1 110 ? -8.151  1.443   3.308   1.00 11.76 ? 91  LEU A CG  1 
ATOM   708  C  CD1 . LEU A 1 110 ? -6.623  1.454   3.254   1.00 12.42 ? 91  LEU A CD1 1 
ATOM   709  C  CD2 . LEU A 1 110 ? -8.756  2.621   4.075   1.00 13.50 ? 91  LEU A CD2 1 
ATOM   710  N  N   . GLU A 1 111 ? -11.500 1.972   0.008   1.00 12.43 ? 92  GLU A N   1 
ATOM   711  C  CA  . GLU A 1 111 ? -12.054 2.178   -1.324  1.00 14.30 ? 92  GLU A CA  1 
ATOM   712  C  C   . GLU A 1 111 ? -11.895 3.613   -1.744  1.00 12.91 ? 92  GLU A C   1 
ATOM   713  O  O   . GLU A 1 111 ? -11.948 4.497   -0.929  1.00 13.08 ? 92  GLU A O   1 
ATOM   714  C  CB  . GLU A 1 111 ? -13.520 1.800   -1.291  1.00 18.43 ? 92  GLU A CB  1 
ATOM   715  C  CG  . GLU A 1 111 ? -14.251 1.656   -2.604  1.00 23.51 ? 92  GLU A CG  1 
ATOM   716  C  CD  . GLU A 1 111 ? -15.639 1.131   -2.302  1.00 29.01 ? 92  GLU A CD  1 
ATOM   717  O  OE1 . GLU A 1 111 ? -16.386 1.806   -1.567  1.00 35.82 ? 92  GLU A OE1 1 
ATOM   718  O  OE2 . GLU A 1 111 ? -15.923 0.005   -2.734  1.00 38.08 ? 92  GLU A OE2 1 
ATOM   719  N  N   . ASN A 1 112 ? -11.679 3.813   -3.027  1.00 13.54 ? 93  ASN A N   1 
ATOM   720  C  CA  . ASN A 1 112 ? -11.622 5.161   -3.573  1.00 15.98 ? 93  ASN A CA  1 
ATOM   721  C  C   . ASN A 1 112 ? -10.681 6.056   -2.777  1.00 14.34 ? 93  ASN A C   1 
ATOM   722  O  O   . ASN A 1 112 ? -10.979 7.203   -2.409  1.00 16.27 ? 93  ASN A O   1 
ATOM   723  C  CB  . ASN A 1 112 ? -13.015 5.880   -3.544  1.00 18.93 ? 93  ASN A CB  1 
ATOM   724  C  CG  . ASN A 1 112 ? -14.150 5.048   -4.037  1.00 22.86 ? 93  ASN A CG  1 
ATOM   725  O  OD1 . ASN A 1 112 ? -15.126 4.807   -3.312  1.00 30.46 ? 93  ASN A OD1 1 
ATOM   726  N  ND2 . ASN A 1 112 ? -14.050 4.599   -5.240  1.00 24.91 ? 93  ASN A ND2 1 
ATOM   727  N  N   . GLN A 1 113 ? -9.476  5.526   -2.539  1.00 12.23 ? 94  GLN A N   1 
ATOM   728  C  CA  . GLN A 1 113 ? -8.447  6.274   -1.892  1.00 12.08 ? 94  GLN A CA  1 
ATOM   729  C  C   . GLN A 1 113 ? -7.747  7.180   -2.869  1.00 12.40 ? 94  GLN A C   1 
ATOM   730  O  O   . GLN A 1 113 ? -7.693  6.883   -4.067  1.00 12.97 ? 94  GLN A O   1 
ATOM   731  C  CB  . GLN A 1 113 ? -7.415  5.337   -1.273  1.00 12.61 ? 94  GLN A CB  1 
ATOM   732  C  CG  . GLN A 1 113 ? -8.007  4.392   -0.279  1.00 11.40 ? 94  GLN A CG  1 
ATOM   733  C  CD  . GLN A 1 113 ? -8.612  5.092   0.883   1.00 14.17 ? 94  GLN A CD  1 
ATOM   734  O  OE1 . GLN A 1 113 ? -9.842  5.080   1.068   1.00 16.07 ? 94  GLN A OE1 1 
ATOM   735  N  NE2 . GLN A 1 113 ? -7.780  5.636   1.711   1.00 13.66 ? 94  GLN A NE2 1 
ATOM   736  N  N   . LEU A 1 114 ? -7.188  8.284   -2.403  1.00 11.84 ? 95  LEU A N   1 
ATOM   737  C  CA  . LEU A 1 114 ? -6.494  9.251   -3.185  1.00 13.30 ? 95  LEU A CA  1 
ATOM   738  C  C   . LEU A 1 114 ? -5.234  9.642   -2.462  1.00 12.13 ? 95  LEU A C   1 
ATOM   739  O  O   . LEU A 1 114 ? -5.321  10.126  -1.315  1.00 13.31 ? 95  LEU A O   1 
ATOM   740  C  CB  . LEU A 1 114 ? -7.445  10.453  -3.383  1.00 16.30 ? 95  LEU A CB  1 
ATOM   741  C  CG  . LEU A 1 114 ? -7.184  11.527  -4.387  1.00 20.24 ? 95  LEU A CG  1 
ATOM   742  C  CD1 . LEU A 1 114 ? -7.053  10.946  -5.794  1.00 20.81 ? 95  LEU A CD1 1 
ATOM   743  C  CD2 . LEU A 1 114 ? -8.312  12.568  -4.276  1.00 20.81 ? 95  LEU A CD2 1 
ATOM   744  N  N   . SER A 1 115 ? -4.049  9.497   -3.024  1.00 10.80 ? 96  SER A N   1 
ATOM   745  C  CA  . SER A 1 115 ? -2.866  9.937   -2.382  1.00 10.76 ? 96  SER A CA  1 
ATOM   746  C  C   . SER A 1 115 ? -2.815  11.458  -2.272  1.00 11.59 ? 96  SER A C   1 
ATOM   747  O  O   . SER A 1 115 ? -3.568  12.167  -2.938  1.00 12.47 ? 96  SER A O   1 
ATOM   748  C  CB  . SER A 1 115 ? -1.617  9.354   -3.073  1.00 11.07 ? 96  SER A CB  1 
ATOM   749  O  OG  . SER A 1 115 ? -1.316  10.043  -4.316  1.00 10.87 ? 96  SER A OG  1 
ATOM   750  N  N   . SER A 1 116 ? -1.891  11.936  -1.467  1.00 11.40 ? 97  SER A N   1 
ATOM   751  C  CA  . SER A 1 116 ? -1.890  13.386  -1.123  1.00 12.23 ? 97  SER A CA  1 
ATOM   752  C  C   . SER A 1 116 ? -1.641  14.272  -2.323  1.00 14.51 ? 97  SER A C   1 
ATOM   753  O  O   . SER A 1 116 ? -2.126  15.418  -2.359  1.00 15.15 ? 97  SER A O   1 
ATOM   754  C  CB  . SER A 1 116 ? -0.812  13.652  -0.058  1.00 12.72 ? 97  SER A CB  1 
ATOM   755  O  OG  . SER A 1 116 ? 0.500   13.548  -0.533  1.00 13.46 ? 97  SER A OG  1 
ATOM   756  N  N   . GLY A 1 117 ? -0.809  13.831  -3.237  1.00 13.49 ? 98  GLY A N   1 
ATOM   757  C  CA  . GLY A 1 117 ? -0.297  14.698  -4.322  1.00 14.63 ? 98  GLY A CA  1 
ATOM   758  C  C   . GLY A 1 117 ? 0.692   15.685  -3.810  1.00 16.14 ? 98  GLY A C   1 
ATOM   759  O  O   . GLY A 1 117 ? 1.140   16.572  -4.592  1.00 17.86 ? 98  GLY A O   1 
ATOM   760  N  N   . LYS A 1 118 ? 1.152   15.505  -2.583  1.00 14.04 ? 99  LYS A N   1 
ATOM   761  C  CA  . LYS A 1 118 ? 2.003   16.495  -1.918  1.00 16.74 ? 99  LYS A CA  1 
ATOM   762  C  C   . LYS A 1 118 ? 3.278   15.974  -1.356  1.00 17.12 ? 99  LYS A C   1 
ATOM   763  O  O   . LYS A 1 118 ? 3.966   16.665  -0.616  1.00 21.89 ? 99  LYS A O   1 
ATOM   764  C  CB  . LYS A 1 118 ? 1.207   17.179  -0.829  1.00 19.80 ? 99  LYS A CB  1 
ATOM   765  C  CG  . LYS A 1 118 ? 0.178   18.111  -1.440  1.00 23.04 ? 99  LYS A CG  1 
ATOM   766  C  CD  . LYS A 1 118 ? -0.626  18.766  -0.341  1.00 29.55 ? 99  LYS A CD  1 
ATOM   767  C  CE  . LYS A 1 118 ? -1.814  19.499  -0.917  1.00 34.62 ? 99  LYS A CE  1 
ATOM   768  N  NZ  . LYS A 1 118 ? -2.855  19.687  0.122   1.00 40.65 ? 99  LYS A NZ  1 
ATOM   769  N  N   . ALA A 1 119 ? 3.640   14.718  -1.652  1.00 15.04 ? 100 ALA A N   1 
ATOM   770  C  CA  . ALA A 1 119 ? 4.870   14.181  -1.149  1.00 15.40 ? 100 ALA A CA  1 
ATOM   771  C  C   . ALA A 1 119 ? 5.283   12.881  -1.846  1.00 13.71 ? 100 ALA A C   1 
ATOM   772  O  O   . ALA A 1 119 ? 4.419   12.175  -2.413  1.00 14.14 ? 100 ALA A O   1 
ATOM   773  C  CB  . ALA A 1 119 ? 4.805   13.962  0.315   1.00 19.16 ? 100 ALA A CB  1 
ATOM   774  N  N   . ILE A 1 120 ? 6.582   12.687  -1.894  1.00 13.07 ? 101 ILE A N   1 
ATOM   775  C  CA  . ILE A 1 120 ? 7.127   11.480  -2.465  1.00 14.64 ? 101 ILE A CA  1 
ATOM   776  C  C   . ILE A 1 120 ? 7.353   10.389  -1.435  1.00 14.62 ? 101 ILE A C   1 
ATOM   777  O  O   . ILE A 1 120 ? 7.568   9.250   -1.806  1.00 14.44 ? 101 ILE A O   1 
ATOM   778  C  CB  . ILE A 1 120 ? 8.418   11.680  -3.294  1.00 19.09 ? 101 ILE A CB  1 
ATOM   779  C  CG1 . ILE A 1 120 ? 9.521   12.195  -2.395  1.00 19.25 ? 101 ILE A CG1 1 
ATOM   780  C  CG2 . ILE A 1 120 ? 8.094   12.519  -4.572  1.00 19.67 ? 101 ILE A CG2 1 
ATOM   781  C  CD1 . ILE A 1 120 ? 10.916  11.952  -2.999  1.00 21.77 ? 101 ILE A CD1 1 
ATOM   782  N  N   . GLY A 1 121 ? 7.244   10.685  -0.141  1.00 11.64 ? 102 GLY A N   1 
ATOM   783  C  CA  . GLY A 1 121 ? 7.532   9.693   0.849   1.00 10.71 ? 102 GLY A CA  1 
ATOM   784  C  C   . GLY A 1 121 ? 6.272   8.867   1.238   1.00 9.29  ? 102 GLY A C   1 
ATOM   785  O  O   . GLY A 1 121 ? 5.247   8.970   0.613   1.00 10.44 ? 102 GLY A O   1 
ATOM   786  N  N   . LEU A 1 122 ? 6.439   8.111   2.281   1.00 10.00 ? 103 LEU A N   1 
ATOM   787  C  CA  . LEU A 1 122 ? 5.382   7.223   2.743   1.00 10.19 ? 103 LEU A CA  1 
ATOM   788  C  C   . LEU A 1 122 ? 4.162   7.993   3.245   1.00 10.26 ? 103 LEU A C   1 
ATOM   789  O  O   . LEU A 1 122 ? 4.288   8.936   4.064   1.00 11.59 ? 103 LEU A O   1 
ATOM   790  C  CB  . LEU A 1 122 ? 5.865   6.277   3.793   1.00 10.95 ? 103 LEU A CB  1 
ATOM   791  C  CG  . LEU A 1 122 ? 6.819   5.193   3.303   1.00 11.43 ? 103 LEU A CG  1 
ATOM   792  C  CD1 . LEU A 1 122 ? 7.511   4.533   4.516   1.00 14.17 ? 103 LEU A CD1 1 
ATOM   793  C  CD2 . LEU A 1 122 ? 6.114   4.123   2.472   1.00 11.73 ? 103 LEU A CD2 1 
ATOM   794  N  N   . GLU A 1 123 ? 2.988   7.533   2.862   1.00 9.40  ? 104 GLU A N   1 
ATOM   795  C  CA  . GLU A 1 123 ? 1.738   8.060   3.316   1.00 9.62  ? 104 GLU A CA  1 
ATOM   796  C  C   . GLU A 1 123 ? 0.933   6.905   3.850   1.00 9.36  ? 104 GLU A C   1 
ATOM   797  O  O   . GLU A 1 123 ? 0.927   5.820   3.208   1.00 9.40  ? 104 GLU A O   1 
ATOM   798  C  CB  . GLU A 1 123 ? 0.983   8.740   2.197   1.00 9.88  ? 104 GLU A CB  1 
ATOM   799  C  CG  . GLU A 1 123 ? -0.337  9.335   2.631   1.00 11.13 ? 104 GLU A CG  1 
ATOM   800  C  CD  . GLU A 1 123 ? -1.057  10.160  1.570   1.00 12.42 ? 104 GLU A CD  1 
ATOM   801  O  OE1 . GLU A 1 123 ? -0.648  10.146  0.355   1.00 11.94 ? 104 GLU A OE1 1 
ATOM   802  O  OE2 . GLU A 1 123 ? -2.047  10.859  1.940   1.00 13.58 ? 104 GLU A OE2 1 
ATOM   803  N  N   . ARG A 1 124 ? 0.219   7.082   4.948   1.00 8.46  ? 105 ARG A N   1 
ATOM   804  C  CA  . ARG A 1 124 ? -0.523  5.982   5.514   1.00 7.75  ? 105 ARG A CA  1 
ATOM   805  C  C   . ARG A 1 124 ? -2.052  6.100   5.251   1.00 8.21  ? 105 ARG A C   1 
ATOM   806  O  O   . ARG A 1 124 ? -2.600  7.151   5.254   1.00 10.81 ? 105 ARG A O   1 
ATOM   807  C  CB  . ARG A 1 124 ? -0.253  5.892   7.035   1.00 7.64  ? 105 ARG A CB  1 
ATOM   808  C  CG  . ARG A 1 124 ? -1.054  4.743   7.725   1.00 8.00  ? 105 ARG A CG  1 
ATOM   809  C  CD  . ARG A 1 124 ? -0.727  4.629   9.239   1.00 8.66  ? 105 ARG A CD  1 
ATOM   810  N  NE  . ARG A 1 124 ? -1.003  5.843   9.971   1.00 9.85  ? 105 ARG A NE  1 
ATOM   811  C  CZ  . ARG A 1 124 ? -0.111  6.745   10.326  1.00 10.15 ? 105 ARG A CZ  1 
ATOM   812  N  NH1 . ARG A 1 124 ? 1.149   6.557   10.080  1.00 9.97  ? 105 ARG A NH1 1 
ATOM   813  N  NH2 . ARG A 1 124 ? -0.518  7.823   10.933  1.00 11.90 ? 105 ARG A NH2 1 
ATOM   814  N  N   . PHE A 1 125 ? -2.651  4.966   5.023   1.00 8.60  ? 106 PHE A N   1 
ATOM   815  C  CA  . PHE A 1 125 ? -4.080  4.906   4.768   1.00 7.88  ? 106 PHE A CA  1 
ATOM   816  C  C   . PHE A 1 125 ? -4.625  3.840   5.701   1.00 7.99  ? 106 PHE A C   1 
ATOM   817  O  O   . PHE A 1 125 ? -4.302  2.659   5.618   1.00 8.53  ? 106 PHE A O   1 
ATOM   818  C  CB  . PHE A 1 125 ? -4.328  4.486   3.341   1.00 8.05  ? 106 PHE A CB  1 
ATOM   819  C  CG  . PHE A 1 125 ? -3.687  5.387   2.337   1.00 8.90  ? 106 PHE A CG  1 
ATOM   820  C  CD1 . PHE A 1 125 ? -2.355  5.241   1.990   1.00 9.08  ? 106 PHE A CD1 1 
ATOM   821  C  CD2 . PHE A 1 125 ? -4.364  6.454   1.772   1.00 9.12  ? 106 PHE A CD2 1 
ATOM   822  C  CE1 . PHE A 1 125 ? -1.698  6.117   1.144   1.00 9.74  ? 106 PHE A CE1 1 
ATOM   823  C  CE2 . PHE A 1 125 ? -3.702  7.324   0.937   1.00 9.49  ? 106 PHE A CE2 1 
ATOM   824  C  CZ  . PHE A 1 125 ? -2.390  7.153   0.590   1.00 9.70  ? 106 PHE A CZ  1 
ATOM   825  N  N   . GLN A 1 126 ? -5.339  4.272   6.759   1.00 8.54  ? 107 GLN A N   1 
ATOM   826  C  CA  . GLN A 1 126 ? -5.672  3.500   7.900   1.00 9.26  ? 107 GLN A CA  1 
ATOM   827  C  C   . GLN A 1 126 ? -7.206  3.319   8.046   1.00 9.06  ? 107 GLN A C   1 
ATOM   828  O  O   . GLN A 1 126 ? -7.948  4.162   7.547   1.00 10.89 ? 107 GLN A O   1 
ATOM   829  C  CB  . GLN A 1 126 ? -5.100  4.194   9.139   1.00 10.21 ? 107 GLN A CB  1 
ATOM   830  C  CG  . GLN A 1 126 ? -5.291  3.548   10.471  1.00 11.19 ? 107 GLN A CG  1 
ATOM   831  C  CD  . GLN A 1 126 ? -4.451  4.171   11.628  1.00 9.72  ? 107 GLN A CD  1 
ATOM   832  O  OE1 . GLN A 1 126 ? -3.762  5.118   11.406  1.00 13.15 ? 107 GLN A OE1 1 
ATOM   833  N  NE2 . GLN A 1 126 ? -4.521  3.553   12.750  1.00 13.58 ? 107 GLN A NE2 1 
ATOM   834  N  N   . PHE A 1 127 ? -7.567  2.232   8.626   1.00 9.16  ? 108 PHE A N   1 
ATOM   835  C  CA  . PHE A 1 127 ? -8.948  1.901   8.946   1.00 9.59  ? 108 PHE A CA  1 
ATOM   836  C  C   . PHE A 1 127 ? -8.968  1.234   10.319  1.00 10.67 ? 108 PHE A C   1 
ATOM   837  O  O   . PHE A 1 127 ? -7.933  0.991   10.972  1.00 10.19 ? 108 PHE A O   1 
ATOM   838  C  CB  . PHE A 1 127 ? -9.545  0.994   7.854   1.00 9.36  ? 108 PHE A CB  1 
ATOM   839  C  CG  . PHE A 1 127 ? -8.757  -0.243  7.628   1.00 9.05  ? 108 PHE A CG  1 
ATOM   840  C  CD1 . PHE A 1 127 ? -8.967  -1.405  8.325   1.00 10.02 ? 108 PHE A CD1 1 
ATOM   841  C  CD2 . PHE A 1 127 ? -7.783  -0.275  6.608   1.00 8.74  ? 108 PHE A CD2 1 
ATOM   842  C  CE1 . PHE A 1 127 ? -8.259  -2.573  8.150   1.00 9.65  ? 108 PHE A CE1 1 
ATOM   843  C  CE2 . PHE A 1 127 ? -7.063  -1.446  6.432   1.00 9.99  ? 108 PHE A CE2 1 
ATOM   844  C  CZ  . PHE A 1 127 ? -7.278  -2.568  7.142   1.00 9.57  ? 108 PHE A CZ  1 
ATOM   845  N  N   . GLU A 1 128 ? -10.188 0.973   10.836  1.00 10.32 ? 109 GLU A N   1 
ATOM   846  C  CA  . GLU A 1 128 ? -10.324 0.172   12.020  1.00 11.20 ? 109 GLU A CA  1 
ATOM   847  C  C   . GLU A 1 128 ? -11.588 -0.652  11.896  1.00 10.64 ? 109 GLU A C   1 
ATOM   848  O  O   . GLU A 1 128 ? -12.500 -0.307  11.131  1.00 12.21 ? 109 GLU A O   1 
ATOM   849  C  CB  . GLU A 1 128 ? -10.319 0.962   13.301  1.00 13.88 ? 109 GLU A CB  1 
ATOM   850  C  CG  . GLU A 1 128 ? -11.517 1.779   13.605  1.00 16.17 ? 109 GLU A CG  1 
ATOM   851  C  CD  . GLU A 1 128 ? -11.376 2.560   14.922  1.00 19.38 ? 109 GLU A CD  1 
ATOM   852  O  OE1 . GLU A 1 128 ? -10.274 3.001   15.385  1.00 19.32 ? 109 GLU A OE1 1 
ATOM   853  O  OE2 . GLU A 1 128 ? -12.447 2.832   15.485  1.00 21.73 ? 109 GLU A OE2 1 
ATOM   854  N  N   . PRO A 1 129 ? -11.631 -1.765  12.562  1.00 10.35 ? 110 PRO A N   1 
ATOM   855  C  CA  . PRO A 1 129 ? -10.568 -2.392  13.336  1.00 11.20 ? 110 PRO A CA  1 
ATOM   856  C  C   . PRO A 1 129 ? -9.601  -3.069  12.395  1.00 11.51 ? 110 PRO A C   1 
ATOM   857  O  O   . PRO A 1 129 ? -9.830  -3.146  11.172  1.00 11.11 ? 110 PRO A O   1 
ATOM   858  C  CB  . PRO A 1 129 ? -11.343 -3.419  14.143  1.00 12.49 ? 110 PRO A CB  1 
ATOM   859  C  CG  . PRO A 1 129 ? -12.415 -3.890  13.252  1.00 11.94 ? 110 PRO A CG  1 
ATOM   860  C  CD  . PRO A 1 129 ? -12.842 -2.633  12.515  1.00 11.10 ? 110 PRO A CD  1 
ATOM   861  N  N   . ALA A 1 130 ? -8.544  -3.687  12.931  1.00 11.29 ? 111 ALA A N   1 
ATOM   862  C  CA  . ALA A 1 130 ? -7.676  -4.518  12.136  1.00 10.84 ? 111 ALA A CA  1 
ATOM   863  C  C   . ALA A 1 130 ? -8.403  -5.702  11.670  1.00 10.92 ? 111 ALA A C   1 
ATOM   864  O  O   . ALA A 1 130 ? -9.335  -6.182  12.342  1.00 14.85 ? 111 ALA A O   1 
ATOM   865  C  CB  . ALA A 1 130 ? -6.487  -4.944  12.996  1.00 11.96 ? 111 ALA A CB  1 
ATOM   866  N  N   . VAL A 1 131 ? -8.003  -6.201  10.505  1.00 10.09 ? 112 VAL A N   1 
ATOM   867  C  CA  . VAL A 1 131 ? -8.584  -7.403  9.939   1.00 12.39 ? 112 VAL A CA  1 
ATOM   868  C  C   . VAL A 1 131 ? -7.575  -8.435  9.621   1.00 12.06 ? 112 VAL A C   1 
ATOM   869  O  O   . VAL A 1 131 ? -6.404  -8.157  9.503   1.00 10.72 ? 112 VAL A O   1 
ATOM   870  C  CB  . VAL A 1 131 ? -9.406  -7.086  8.712   1.00 16.04 ? 112 VAL A CB  1 
ATOM   871  C  CG1 . VAL A 1 131 ? -10.577 -6.163  9.127   1.00 19.26 ? 112 VAL A CG1 1 
ATOM   872  C  CG2 . VAL A 1 131 ? -8.557  -6.534  7.629   1.00 17.57 ? 112 VAL A CG2 1 
ATOM   873  N  N   A LYS A 1 132 ? -8.042  -9.661  9.514   0.50 11.55 ? 113 LYS A N   1 
ATOM   874  N  N   B LYS A 1 132 ? -8.027  -9.678  9.522   0.50 11.77 ? 113 LYS A N   1 
ATOM   875  C  CA  A LYS A 1 132 ? -7.245  -10.786 9.152   0.50 12.13 ? 113 LYS A CA  1 
ATOM   876  C  CA  B LYS A 1 132 ? -7.171  -10.791 9.188   0.50 12.48 ? 113 LYS A CA  1 
ATOM   877  C  C   A LYS A 1 132 ? -6.892  -10.747 7.669   0.50 11.91 ? 113 LYS A C   1 
ATOM   878  C  C   B LYS A 1 132 ? -6.889  -10.805 7.679   0.50 12.17 ? 113 LYS A C   1 
ATOM   879  O  O   A LYS A 1 132 ? -7.738  -10.418 6.818   0.50 13.08 ? 113 LYS A O   1 
ATOM   880  O  O   B LYS A 1 132 ? -7.760  -10.584 6.820   0.50 13.63 ? 113 LYS A O   1 
ATOM   881  C  CB  A LYS A 1 132 ? -8.104  -12.036 9.398   0.50 13.00 ? 113 LYS A CB  1 
ATOM   882  C  CB  B LYS A 1 132 ? -7.824  -12.138 9.592   0.50 13.85 ? 113 LYS A CB  1 
ATOM   883  C  CG  A LYS A 1 132 ? -8.646  -12.166 10.798  0.50 13.41 ? 113 LYS A CG  1 
ATOM   884  C  CG  B LYS A 1 132 ? -8.009  -12.395 11.070  0.50 14.09 ? 113 LYS A CG  1 
ATOM   885  C  CD  A LYS A 1 132 ? -7.533  -12.374 11.781  0.50 13.16 ? 113 LYS A CD  1 
ATOM   886  C  CD  B LYS A 1 132 ? -6.737  -12.372 11.863  0.50 15.99 ? 113 LYS A CD  1 
ATOM   887  C  CE  A LYS A 1 132 ? -8.101  -12.660 13.166  0.50 13.62 ? 113 LYS A CE  1 
ATOM   888  C  CE  B LYS A 1 132 ? -7.070  -12.713 13.298  0.50 17.19 ? 113 LYS A CE  1 
ATOM   889  N  NZ  A LYS A 1 132 ? -9.024  -13.850 13.249  0.50 12.91 ? 113 LYS A NZ  1 
ATOM   890  N  NZ  B LYS A 1 132 ? -5.868  -13.045 14.083  0.50 19.78 ? 113 LYS A NZ  1 
ATOM   891  N  N   . ALA A 1 133 ? -5.639  -11.059 7.344   1.00 10.44 ? 114 ALA A N   1 
ATOM   892  C  CA  . ALA A 1 133 ? -5.199  -11.091 5.943   1.00 11.81 ? 114 ALA A CA  1 
ATOM   893  C  C   . ALA A 1 133 ? -3.871  -11.812 5.846   1.00 10.98 ? 114 ALA A C   1 
ATOM   894  O  O   . ALA A 1 133 ? -2.938  -11.529 6.653   1.00 10.96 ? 114 ALA A O   1 
ATOM   895  C  CB  . ALA A 1 133 ? -5.013  -9.652  5.469   1.00 12.45 ? 114 ALA A CB  1 
ATOM   896  N  N   . ARG A 1 134 ? -3.775  -12.742 4.935   1.00 11.01 ? 115 ARG A N   1 
ATOM   897  C  CA  . ARG A 1 134 ? -2.481  -13.215 4.470   1.00 11.05 ? 115 ARG A CA  1 
ATOM   898  C  C   . ARG A 1 134 ? -1.965  -12.392 3.271   1.00 10.09 ? 115 ARG A C   1 
ATOM   899  O  O   . ARG A 1 134 ? -0.816  -12.188 3.134   1.00 9.91  ? 115 ARG A O   1 
ATOM   900  C  CB  . ARG A 1 134 ? -2.534  -14.717 4.105   1.00 11.80 ? 115 ARG A CB  1 
ATOM   901  C  CG  . ARG A 1 134 ? -1.284  -15.157 3.365   1.00 12.68 ? 115 ARG A CG  1 
ATOM   902  C  CD  . ARG A 1 134 ? -1.109  -16.668 3.322   1.00 14.10 ? 115 ARG A CD  1 
ATOM   903  N  NE  . ARG A 1 134 ? -0.035  -16.970 2.402   1.00 15.81 ? 115 ARG A NE  1 
ATOM   904  C  CZ  . ARG A 1 134 ? 0.381   -18.176 2.094   1.00 18.99 ? 115 ARG A CZ  1 
ATOM   905  N  NH1 . ARG A 1 134 ? -0.177  -19.221 2.654   1.00 22.28 ? 115 ARG A NH1 1 
ATOM   906  N  NH2 . ARG A 1 134 ? 1.339   -18.307 1.256   1.00 17.83 ? 115 ARG A NH2 1 
ATOM   907  N  N   . TYR A 1 135 ? -2.907  -11.975 2.423   1.00 9.48  ? 116 TYR A N   1 
ATOM   908  C  CA  . TYR A 1 135 ? -2.611  -11.302 1.172   1.00 9.86  ? 116 TYR A CA  1 
ATOM   909  C  C   . TYR A 1 135 ? -3.227  -9.920  1.204   1.00 8.94  ? 116 TYR A C   1 
ATOM   910  O  O   . TYR A 1 135 ? -4.338  -9.774  1.626   1.00 9.73  ? 116 TYR A O   1 
ATOM   911  C  CB  . TYR A 1 135 ? -3.170  -12.089 -0.046  1.00 10.56 ? 116 TYR A CB  1 
ATOM   912  C  CG  . TYR A 1 135 ? -2.837  -13.558 -0.056  1.00 13.32 ? 116 TYR A CG  1 
ATOM   913  C  CD1 . TYR A 1 135 ? -3.638  -14.453 0.594   1.00 14.27 ? 116 TYR A CD1 1 
ATOM   914  C  CD2 . TYR A 1 135 ? -1.759  -14.026 -0.735  1.00 13.12 ? 116 TYR A CD2 1 
ATOM   915  C  CE1 . TYR A 1 135 ? -3.347  -15.804 0.593   1.00 16.57 ? 116 TYR A CE1 1 
ATOM   916  C  CE2 . TYR A 1 135 ? -1.480  -15.388 -0.765  1.00 15.06 ? 116 TYR A CE2 1 
ATOM   917  C  CZ  . TYR A 1 135 ? -2.291  -16.244 -0.080  1.00 15.65 ? 116 TYR A CZ  1 
ATOM   918  O  OH  . TYR A 1 135 ? -2.042  -17.577 -0.033  1.00 19.40 ? 116 TYR A OH  1 
ATOM   919  N  N   . VAL A 1 136 ? -2.447  -8.950  0.786   1.00 8.28  ? 117 VAL A N   1 
ATOM   920  C  CA  . VAL A 1 136 ? -2.904  -7.593  0.709   1.00 8.60  ? 117 VAL A CA  1 
ATOM   921  C  C   . VAL A 1 136 ? -2.623  -7.073  -0.694  1.00 8.78  ? 117 VAL A C   1 
ATOM   922  O  O   . VAL A 1 136 ? -1.542  -7.191  -1.188  1.00 9.86  ? 117 VAL A O   1 
ATOM   923  C  CB  . VAL A 1 136 ? -2.174  -6.709  1.748   1.00 8.96  ? 117 VAL A CB  1 
ATOM   924  C  CG1 . VAL A 1 136 ? -2.645  -5.265  1.647   1.00 9.00  ? 117 VAL A CG1 1 
ATOM   925  C  CG2 . VAL A 1 136 ? -2.387  -7.227  3.190   1.00 9.18  ? 117 VAL A CG2 1 
ATOM   926  N  N   . ARG A 1 137 ? -3.634  -6.458  -1.288  1.00 8.83  ? 118 ARG A N   1 
ATOM   927  C  CA  . ARG A 1 137 ? -3.451  -5.963  -2.640  1.00 11.00 ? 118 ARG A CA  1 
ATOM   928  C  C   . ARG A 1 137 ? -3.935  -4.541  -2.889  1.00 9.83  ? 118 ARG A C   1 
ATOM   929  O  O   . ARG A 1 137 ? -4.912  -4.128  -2.398  1.00 9.96  ? 118 ARG A O   1 
ATOM   930  C  CB  . ARG A 1 137 ? -3.884  -6.976  -3.657  1.00 15.53 ? 118 ARG A CB  1 
ATOM   931  C  CG  . ARG A 1 137 ? -5.278  -6.936  -4.055  1.00 15.36 ? 118 ARG A CG  1 
ATOM   932  C  CD  . ARG A 1 137 ? -5.521  -7.844  -5.271  1.00 16.84 ? 118 ARG A CD  1 
ATOM   933  N  NE  . ARG A 1 137 ? -6.933  -7.964  -5.427  1.00 15.69 ? 118 ARG A NE  1 
ATOM   934  C  CZ  . ARG A 1 137 ? -7.503  -8.932  -6.109  1.00 17.14 ? 118 ARG A CZ  1 
ATOM   935  N  NH1 . ARG A 1 137 ? -6.777  -9.847  -6.692  1.00 17.06 ? 118 ARG A NH1 1 
ATOM   936  N  NH2 . ARG A 1 137 ? -8.813  -8.928  -6.218  1.00 16.88 ? 118 ARG A NH2 1 
ATOM   937  N  N   . TYR A 1 138 ? -3.116  -3.863  -3.663  1.00 8.98  ? 119 TYR A N   1 
ATOM   938  C  CA  . TYR A 1 138 ? -3.366  -2.506  -4.146  1.00 8.45  ? 119 TYR A CA  1 
ATOM   939  C  C   . TYR A 1 138 ? -4.014  -2.662  -5.512  1.00 9.54  ? 119 TYR A C   1 
ATOM   940  O  O   . TYR A 1 138 ? -3.426  -3.228  -6.367  1.00 8.93  ? 119 TYR A O   1 
ATOM   941  C  CB  . TYR A 1 138 ? -2.007  -1.776  -4.256  1.00 8.81  ? 119 TYR A CB  1 
ATOM   942  C  CG  . TYR A 1 138 ? -2.003  -0.369  -4.804  1.00 8.34  ? 119 TYR A CG  1 
ATOM   943  C  CD1 . TYR A 1 138 ? -2.138  -0.131  -6.174  1.00 8.03  ? 119 TYR A CD1 1 
ATOM   944  C  CD2 . TYR A 1 138 ? -1.887  0.717   -3.970  1.00 8.24  ? 119 TYR A CD2 1 
ATOM   945  C  CE1 . TYR A 1 138 ? -2.116  1.170   -6.662  1.00 8.82  ? 119 TYR A CE1 1 
ATOM   946  C  CE2 . TYR A 1 138 ? -1.865  1.978   -4.456  1.00 8.79  ? 119 TYR A CE2 1 
ATOM   947  C  CZ  . TYR A 1 138 ? -1.975  2.196   -5.817  1.00 8.53  ? 119 TYR A CZ  1 
ATOM   948  O  OH  . TYR A 1 138 ? -1.975  3.479   -6.290  1.00 9.92  ? 119 TYR A OH  1 
ATOM   949  N  N   . VAL A 1 139 ? -5.239  -2.149  -5.638  1.00 8.72  ? 120 VAL A N   1 
ATOM   950  C  CA  . VAL A 1 139 ? -5.954  -2.153  -6.912  1.00 9.38  ? 120 VAL A CA  1 
ATOM   951  C  C   . VAL A 1 139 ? -5.914  -0.720  -7.446  1.00 9.39  ? 120 VAL A C   1 
ATOM   952  O  O   . VAL A 1 139 ? -6.501  0.153   -6.839  1.00 9.65  ? 120 VAL A O   1 
ATOM   953  C  CB  . VAL A 1 139 ? -7.369  -2.630  -6.742  1.00 10.02 ? 120 VAL A CB  1 
ATOM   954  C  CG1 . VAL A 1 139 ? -8.046  -2.660  -8.119  1.00 10.83 ? 120 VAL A CG1 1 
ATOM   955  C  CG2 . VAL A 1 139 ? -7.363  -4.003  -6.110  1.00 10.42 ? 120 VAL A CG2 1 
ATOM   956  N  N   . GLY A 1 140 ? -5.173  -0.486  -8.519  1.00 10.02 ? 121 GLY A N   1 
ATOM   957  C  CA  . GLY A 1 140 ? -4.985  0.855   -9.039  1.00 9.47  ? 121 GLY A CA  1 
ATOM   958  C  C   . GLY A 1 140 ? -6.085  1.336   -9.914  1.00 10.18 ? 121 GLY A C   1 
ATOM   959  O  O   . GLY A 1 140 ? -6.688  0.543   -10.679 1.00 11.49 ? 121 GLY A O   1 
ATOM   960  N  N   . HIS A 1 141 ? -6.309  2.630   -9.905  1.00 11.16 ? 122 HIS A N   1 
ATOM   961  C  CA  . HIS A 1 141 ? -7.265  3.300   -10.800 1.00 11.95 ? 122 HIS A CA  1 
ATOM   962  C  C   . HIS A 1 141 ? -6.549  4.471   -11.420 1.00 11.94 ? 122 HIS A C   1 
ATOM   963  O  O   . HIS A 1 141 ? -7.177  5.541   -11.620 1.00 14.76 ? 122 HIS A O   1 
ATOM   964  C  CB  . HIS A 1 141 ? -8.524  3.680   -10.052 1.00 13.22 ? 122 HIS A CB  1 
ATOM   965  C  CG  . HIS A 1 141 ? -9.229  2.511   -9.477  1.00 13.14 ? 122 HIS A CG  1 
ATOM   966  N  ND1 . HIS A 1 141 ? -9.823  1.534   -10.227 1.00 14.17 ? 122 HIS A ND1 1 
ATOM   967  C  CD2 . HIS A 1 141 ? -9.421  2.144   -8.187  1.00 13.17 ? 122 HIS A CD2 1 
ATOM   968  C  CE1 . HIS A 1 141 ? -10.321 0.605   -9.449  1.00 13.40 ? 122 HIS A CE1 1 
ATOM   969  N  NE2 . HIS A 1 141 ? -10.103 0.975   -8.193  1.00 13.05 ? 122 HIS A NE2 1 
ATOM   970  N  N   . GLY A 1 142 ? -5.260  4.330   -11.759 1.00 11.90 ? 123 GLY A N   1 
ATOM   971  C  CA  . GLY A 1 142 ? -4.487  5.415   -12.342 1.00 12.13 ? 123 GLY A CA  1 
ATOM   972  C  C   . GLY A 1 142 ? -4.279  6.561   -11.404 1.00 13.11 ? 123 GLY A C   1 
ATOM   973  O  O   . GLY A 1 142 ? -4.225  6.396   -10.174 1.00 13.72 ? 123 GLY A O   1 
ATOM   974  N  N   . ASN A 1 143 ? -4.044  7.720   -11.988 1.00 13.17 ? 124 ASN A N   1 
ATOM   975  C  CA  . ASN A 1 143 ? -3.761  8.922   -11.239 1.00 14.05 ? 124 ASN A CA  1 
ATOM   976  C  C   . ASN A 1 143 ? -4.504  10.085  -11.850 1.00 14.86 ? 124 ASN A C   1 
ATOM   977  O  O   . ASN A 1 143 ? -5.274  9.918   -12.790 1.00 16.83 ? 124 ASN A O   1 
ATOM   978  C  CB  . ASN A 1 143 ? -2.284  9.108   -11.138 1.00 14.19 ? 124 ASN A CB  1 
ATOM   979  C  CG  . ASN A 1 143 ? -1.622  9.383   -12.468 1.00 13.90 ? 124 ASN A CG  1 
ATOM   980  O  OD1 . ASN A 1 143 ? -1.763  10.499  -12.976 1.00 15.41 ? 124 ASN A OD1 1 
ATOM   981  N  ND2 . ASN A 1 143 ? -0.896  8.444   -13.032 1.00 13.61 ? 124 ASN A ND2 1 
ATOM   982  N  N   . THR A 1 144 ? -4.350  11.238  -11.238 1.00 16.17 ? 125 THR A N   1 
ATOM   983  C  CA  . THR A 1 144 ? -5.120  12.400  -11.657 1.00 18.36 ? 125 THR A CA  1 
ATOM   984  C  C   . THR A 1 144 ? -4.671  12.959  -12.993 1.00 19.47 ? 125 THR A C   1 
ATOM   985  O  O   . THR A 1 144 ? -5.412  13.800  -13.520 1.00 22.46 ? 125 THR A O   1 
ATOM   986  C  CB  . THR A 1 144 ? -5.145  13.475  -10.542 1.00 19.34 ? 125 THR A CB  1 
ATOM   987  O  OG1 . THR A 1 144 ? -3.810  13.741  -10.159 1.00 18.24 ? 125 THR A OG1 1 
ATOM   988  C  CG2 . THR A 1 144 ? -6.028  13.070  -9.395  1.00 20.36 ? 125 THR A CG2 1 
ATOM   989  N  N   . LYS A 1 145 ? -3.499  12.596  -13.512 1.00 18.63 ? 126 LYS A N   1 
ATOM   990  C  CA  . LYS A 1 145 ? -2.981  13.069  -14.808 1.00 21.00 ? 126 LYS A CA  1 
ATOM   991  C  C   . LYS A 1 145 ? -3.195  12.022  -15.907 1.00 20.20 ? 126 LYS A C   1 
ATOM   992  O  O   . LYS A 1 145 ? -3.486  12.384  -17.052 1.00 22.48 ? 126 LYS A O   1 
ATOM   993  C  CB  . LYS A 1 145 ? -1.491  13.389  -14.720 1.00 23.56 ? 126 LYS A CB  1 
ATOM   994  C  CG  . LYS A 1 145 ? -1.177  14.691  -13.981 1.00 29.32 ? 126 LYS A CG  1 
ATOM   995  C  CD  . LYS A 1 145 ? 0.321   14.987  -13.967 1.00 34.69 ? 126 LYS A CD  1 
ATOM   996  C  CE  . LYS A 1 145 ? 0.674   16.299  -13.271 1.00 40.88 ? 126 LYS A CE  1 
ATOM   997  N  NZ  . LYS A 1 145 ? -0.177  17.435  -13.722 1.00 45.68 ? 126 LYS A NZ  1 
ATOM   998  N  N   . ASN A 1 146 ? -2.993  10.728  -15.612 1.00 17.18 ? 127 ASN A N   1 
ATOM   999  C  CA  . ASN A 1 146 ? -3.082  9.683   -16.635 1.00 16.60 ? 127 ASN A CA  1 
ATOM   1000 C  C   . ASN A 1 146 ? -3.316  8.343   -15.988 1.00 15.62 ? 127 ASN A C   1 
ATOM   1001 O  O   . ASN A 1 146 ? -3.510  8.266   -14.772 1.00 15.91 ? 127 ASN A O   1 
ATOM   1002 C  CB  . ASN A 1 146 ? -1.799  9.688   -17.468 1.00 17.77 ? 127 ASN A CB  1 
ATOM   1003 C  CG  . ASN A 1 146 ? -0.543  9.436   -16.663 1.00 18.50 ? 127 ASN A CG  1 
ATOM   1004 O  OD1 . ASN A 1 146 ? -0.512  8.514   -15.867 1.00 16.38 ? 127 ASN A OD1 1 
ATOM   1005 N  ND2 . ASN A 1 146 ? 0.530   10.172  -16.912 1.00 20.14 ? 127 ASN A ND2 1 
ATOM   1006 N  N   . GLY A 1 147 ? -3.298  7.305   -16.776 1.00 13.73 ? 128 GLY A N   1 
ATOM   1007 C  CA  . GLY A 1 147 ? -3.665  5.952   -16.368 1.00 11.99 ? 128 GLY A CA  1 
ATOM   1008 C  C   . GLY A 1 147 ? -2.600  5.170   -15.658 1.00 12.61 ? 128 GLY A C   1 
ATOM   1009 O  O   . GLY A 1 147 ? -2.838  4.001   -15.354 1.00 12.51 ? 128 GLY A O   1 
ATOM   1010 N  N   . TRP A 1 148 ? -1.416  5.708   -15.448 1.00 11.63 ? 129 TRP A N   1 
ATOM   1011 C  CA  . TRP A 1 148 ? -0.346  4.958   -14.795 1.00 12.01 ? 129 TRP A CA  1 
ATOM   1012 C  C   . TRP A 1 148 ? -0.644  4.720   -13.315 1.00 11.40 ? 129 TRP A C   1 
ATOM   1013 O  O   . TRP A 1 148 ? -1.060  5.619   -12.542 1.00 12.56 ? 129 TRP A O   1 
ATOM   1014 C  CB  . TRP A 1 148 ? 1.008   5.620   -14.945 1.00 12.96 ? 129 TRP A CB  1 
ATOM   1015 C  CG  . TRP A 1 148 ? 1.612   5.439   -16.266 1.00 13.65 ? 129 TRP A CG  1 
ATOM   1016 C  CD1 . TRP A 1 148 ? 1.727   6.379   -17.228 1.00 14.30 ? 129 TRP A CD1 1 
ATOM   1017 C  CD2 . TRP A 1 148 ? 2.229   4.259   -16.748 1.00 13.22 ? 129 TRP A CD2 1 
ATOM   1018 N  NE1 . TRP A 1 148 ? 2.337   5.815   -18.312 1.00 13.36 ? 129 TRP A NE1 1 
ATOM   1019 C  CE2 . TRP A 1 148 ? 2.683   4.521   -18.059 1.00 13.06 ? 129 TRP A CE2 1 
ATOM   1020 C  CE3 . TRP A 1 148 ? 2.485   2.984   -16.192 1.00 14.67 ? 129 TRP A CE3 1 
ATOM   1021 C  CZ2 . TRP A 1 148 ? 3.313   3.553   -18.824 1.00 13.38 ? 129 TRP A CZ2 1 
ATOM   1022 C  CZ3 . TRP A 1 148 ? 3.096   2.039   -16.935 1.00 14.89 ? 129 TRP A CZ3 1 
ATOM   1023 C  CH2 . TRP A 1 148 ? 3.535   2.324   -18.261 1.00 14.40 ? 129 TRP A CH2 1 
ATOM   1024 N  N   . ASN A 1 149 ? -0.391  3.476   -12.906 1.00 11.05 ? 130 ASN A N   1 
ATOM   1025 C  CA  . ASN A 1 149 ? -0.244  3.113   -11.489 1.00 10.00 ? 130 ASN A CA  1 
ATOM   1026 C  C   . ASN A 1 149 ? 1.225   2.968   -11.231 1.00 10.08 ? 130 ASN A C   1 
ATOM   1027 O  O   . ASN A 1 149 ? 1.835   2.042   -11.735 1.00 11.89 ? 130 ASN A O   1 
ATOM   1028 C  CB  . ASN A 1 149 ? -0.926  1.797   -11.251 1.00 9.68  ? 130 ASN A CB  1 
ATOM   1029 C  CG  . ASN A 1 149 ? -2.366  1.831   -11.672 1.00 10.25 ? 130 ASN A CG  1 
ATOM   1030 O  OD1 . ASN A 1 149 ? -3.201  2.442   -11.040 1.00 11.04 ? 130 ASN A OD1 1 
ATOM   1031 N  ND2 . ASN A 1 149 ? -2.678  1.139   -12.808 1.00 10.11 ? 130 ASN A ND2 1 
ATOM   1032 N  N   A SER A 1 150 ? 1.868   3.892   -10.478 0.50 9.73  ? 131 SER A N   1 
ATOM   1033 N  N   B SER A 1 150 ? 1.795   3.835   -10.407 0.50 10.64 ? 131 SER A N   1 
ATOM   1034 C  CA  A SER A 1 150 ? 3.317   3.891   -10.260 0.50 9.59  ? 131 SER A CA  1 
ATOM   1035 C  CA  B SER A 1 150 ? 3.194   3.904   -10.271 0.50 10.71 ? 131 SER A CA  1 
ATOM   1036 C  C   A SER A 1 150 ? 3.643   4.189   -8.803  0.50 8.89  ? 131 SER A C   1 
ATOM   1037 C  C   B SER A 1 150 ? 3.467   4.160   -8.811  0.50 9.56  ? 131 SER A C   1 
ATOM   1038 O  O   A SER A 1 150 ? 3.566   5.324   -8.314  0.50 9.18  ? 131 SER A O   1 
ATOM   1039 O  O   B SER A 1 150 ? 3.087   5.262   -8.331  0.50 9.22  ? 131 SER A O   1 
ATOM   1040 C  CB  A SER A 1 150 ? 4.049   4.872   -11.183 0.50 9.59  ? 131 SER A CB  1 
ATOM   1041 C  CB  B SER A 1 150 ? 3.720   5.021   -11.168 0.50 11.72 ? 131 SER A CB  1 
ATOM   1042 O  OG  A SER A 1 150 ? 3.905   4.471   -12.546 0.50 9.93  ? 131 SER A OG  1 
ATOM   1043 O  OG  B SER A 1 150 ? 5.039   4.711   -11.493 0.50 14.27 ? 131 SER A OG  1 
ATOM   1044 N  N   . VAL A 1 151 ? 4.005   3.139   -8.109  1.00 9.06  ? 132 VAL A N   1 
ATOM   1045 C  CA  . VAL A 1 151 ? 4.119   3.137   -6.659  1.00 8.42  ? 132 VAL A CA  1 
ATOM   1046 C  C   . VAL A 1 151 ? 5.516   2.738   -6.290  1.00 8.71  ? 132 VAL A C   1 
ATOM   1047 O  O   . VAL A 1 151 ? 6.014   1.699   -6.805  1.00 9.01  ? 132 VAL A O   1 
ATOM   1048 C  CB  . VAL A 1 151 ? 3.068   2.139   -6.098  1.00 8.28  ? 132 VAL A CB  1 
ATOM   1049 C  CG1 . VAL A 1 151 ? 3.084   2.088   -4.587  1.00 8.84  ? 132 VAL A CG1 1 
ATOM   1050 C  CG2 . VAL A 1 151 ? 1.702   2.544   -6.587  1.00 9.02  ? 132 VAL A CG2 1 
ATOM   1051 N  N   . THR A 1 152 ? 6.155   3.500   -5.392  1.00 8.52  ? 133 THR A N   1 
ATOM   1052 C  CA  . THR A 1 152 ? 7.501   3.244   -5.030  1.00 8.62  ? 133 THR A CA  1 
ATOM   1053 C  C   . THR A 1 152 ? 7.754   2.401   -3.779  1.00 8.54  ? 133 THR A C   1 
ATOM   1054 O  O   . THR A 1 152 ? 8.824   1.876   -3.532  1.00 10.13 ? 133 THR A O   1 
ATOM   1055 C  CB  . THR A 1 152 ? 8.306   4.550   -4.939  1.00 9.99  ? 133 THR A CB  1 
ATOM   1056 O  OG1 . THR A 1 152 ? 7.701   5.344   -3.896  1.00 10.45 ? 133 THR A OG1 1 
ATOM   1057 C  CG2 . THR A 1 152 ? 8.384   5.296   -6.169  1.00 10.23 ? 133 THR A CG2 1 
ATOM   1058 N  N   . GLY A 1 153 ? 6.653   2.235   -3.012  1.00 8.32  ? 134 GLY A N   1 
ATOM   1059 C  CA  . GLY A 1 153 ? 6.701   1.471   -1.782  1.00 7.91  ? 134 GLY A CA  1 
ATOM   1060 C  C   . GLY A 1 153 ? 5.278   1.130   -1.292  1.00 8.12  ? 134 GLY A C   1 
ATOM   1061 O  O   . GLY A 1 153 ? 4.367   1.931   -1.497  1.00 8.16  ? 134 GLY A O   1 
ATOM   1062 N  N   . LEU A 1 154 ? 5.125   -0.083  -0.774  1.00 8.01  ? 135 LEU A N   1 
ATOM   1063 C  CA  . LEU A 1 154 ? 3.867   -0.536  -0.215  1.00 8.14  ? 135 LEU A CA  1 
ATOM   1064 C  C   . LEU A 1 154 ? 4.172   -1.487  0.879   1.00 8.23  ? 135 LEU A C   1 
ATOM   1065 O  O   . LEU A 1 154 ? 4.915   -2.419  0.711   1.00 8.66  ? 135 LEU A O   1 
ATOM   1066 C  CB  . LEU A 1 154 ? 3.006   -1.202  -1.325  1.00 8.36  ? 135 LEU A CB  1 
ATOM   1067 C  CG  . LEU A 1 154 ? 1.636   -1.704  -0.873  1.00 8.67  ? 135 LEU A CG  1 
ATOM   1068 C  CD1 . LEU A 1 154 ? 0.701   -0.562  -0.508  1.00 9.12  ? 135 LEU A CD1 1 
ATOM   1069 C  CD2 . LEU A 1 154 ? 1.022   -2.542  -1.985  1.00 9.52  ? 135 LEU A CD2 1 
ATOM   1070 N  N   . ALA A 1 155 ? 3.484   -1.337  2.019   1.00 8.31  ? 136 ALA A N   1 
ATOM   1071 C  CA  . ALA A 1 155 ? 3.563   -2.289  3.134   1.00 8.91  ? 136 ALA A CA  1 
ATOM   1072 C  C   . ALA A 1 155 ? 2.258   -2.269  3.917   1.00 8.58  ? 136 ALA A C   1 
ATOM   1073 O  O   . ALA A 1 155 ? 1.725   -1.210  4.179   1.00 9.45  ? 136 ALA A O   1 
ATOM   1074 C  CB  . ALA A 1 155 ? 4.707   -1.939  4.080   1.00 8.86  ? 136 ALA A CB  1 
ATOM   1075 N  N   . ALA A 1 156 ? 1.791   -3.437  4.320   1.00 7.70  ? 137 ALA A N   1 
ATOM   1076 C  CA  . ALA A 1 156 ? 0.724   -3.547  5.308   1.00 7.84  ? 137 ALA A CA  1 
ATOM   1077 C  C   . ALA A 1 156 ? 1.280   -3.433  6.695   1.00 8.40  ? 137 ALA A C   1 
ATOM   1078 O  O   . ALA A 1 156 ? 2.352   -3.939  7.036   1.00 10.13 ? 137 ALA A O   1 
ATOM   1079 C  CB  . ALA A 1 156 ? 0.015   -4.855  5.147   1.00 8.18  ? 137 ALA A CB  1 
ATOM   1080 N  N   . VAL A 1 157 ? 0.520   -2.757  7.561   1.00 7.84  ? 138 VAL A N   1 
ATOM   1081 C  CA  . VAL A 1 157 ? 0.948   -2.465  8.900   1.00 8.95  ? 138 VAL A CA  1 
ATOM   1082 C  C   . VAL A 1 157 ? -0.184  -2.631  9.876   1.00 9.16  ? 138 VAL A C   1 
ATOM   1083 O  O   . VAL A 1 157 ? -1.362  -2.656  9.501   1.00 8.36  ? 138 VAL A O   1 
ATOM   1084 C  CB  . VAL A 1 157 ? 1.600   -1.150  9.065   1.00 12.13 ? 138 VAL A CB  1 
ATOM   1085 C  CG1 . VAL A 1 157 ? 2.797   -0.987  8.122   1.00 13.39 ? 138 VAL A CG1 1 
ATOM   1086 C  CG2 . VAL A 1 157 ? 0.677   -0.067  8.954   1.00 12.71 ? 138 VAL A CG2 1 
ATOM   1087 N  N   . ASN A 1 158 ? 0.175   -2.724  11.167  1.00 7.78  ? 139 ASN A N   1 
ATOM   1088 C  CA  . ASN A 1 158 ? -0.807  -2.840  12.259  1.00 8.87  ? 139 ASN A CA  1 
ATOM   1089 C  C   . ASN A 1 158 ? -0.437  -1.788  13.266  1.00 8.04  ? 139 ASN A C   1 
ATOM   1090 O  O   . ASN A 1 158 ? 0.536   -2.000  14.018  1.00 7.91  ? 139 ASN A O   1 
ATOM   1091 C  CB  . ASN A 1 158 ? -0.768  -4.252  12.831  1.00 9.67  ? 139 ASN A CB  1 
ATOM   1092 C  CG  . ASN A 1 158 ? -1.836  -4.459  13.870  1.00 10.99 ? 139 ASN A CG  1 
ATOM   1093 O  OD1 . ASN A 1 158 ? -2.191  -3.539  14.588  1.00 11.69 ? 139 ASN A OD1 1 
ATOM   1094 N  ND2 . ASN A 1 158 ? -2.345  -5.661  13.946  1.00 14.68 ? 139 ASN A ND2 1 
ATOM   1095 N  N   . CYS A 1 159 ? -1.186  -0.709  13.318  1.00 8.39  ? 140 CYS A N   1 
ATOM   1096 C  CA  . CYS A 1 159 ? -0.887  0.383   14.217  1.00 8.16  ? 140 CYS A CA  1 
ATOM   1097 C  C   . CYS A 1 159 ? -0.977  0.042   15.704  1.00 9.27  ? 140 CYS A C   1 
ATOM   1098 O  O   . CYS A 1 159 ? -0.587  0.838   16.525  1.00 11.65 ? 140 CYS A O   1 
ATOM   1099 C  CB  . CYS A 1 159 ? -1.741  1.559   13.879  1.00 8.84  ? 140 CYS A CB  1 
ATOM   1100 S  SG  . CYS A 1 159 ? -1.403  2.239   12.224  1.00 9.09  ? 140 CYS A SG  1 
ATOM   1101 N  N   A SER A 1 160 ? -1.506  -1.115  16.050  0.50 9.30  ? 141 SER A N   1 
ATOM   1102 N  N   B SER A 1 160 ? -1.497  -1.126  16.054  0.50 9.61  ? 141 SER A N   1 
ATOM   1103 C  CA  A SER A 1 160 ? -1.536  -1.501  17.469  0.50 10.24 ? 141 SER A CA  1 
ATOM   1104 C  CA  B SER A 1 160 ? -1.532  -1.588  17.477  0.50 10.73 ? 141 SER A CA  1 
ATOM   1105 C  C   A SER A 1 160 ? -0.149  -1.917  17.898  0.50 10.91 ? 141 SER A C   1 
ATOM   1106 C  C   B SER A 1 160 ? -0.207  -2.152  17.923  0.50 11.19 ? 141 SER A C   1 
ATOM   1107 O  O   A SER A 1 160 ? 0.212   -1.676  19.081  0.50 12.08 ? 141 SER A O   1 
ATOM   1108 O  O   B SER A 1 160 ? 0.052   -2.334  19.142  0.50 11.55 ? 141 SER A O   1 
ATOM   1109 C  CB  A SER A 1 160 ? -2.589  -2.569  17.755  0.50 11.13 ? 141 SER A CB  1 
ATOM   1110 C  CB  B SER A 1 160 ? -2.610  -2.650  17.664  0.50 12.10 ? 141 SER A CB  1 
ATOM   1111 O  OG  A SER A 1 160 ? -2.218  -3.835  17.284  0.50 11.91 ? 141 SER A OG  1 
ATOM   1112 O  OG  B SER A 1 160 ? -3.889  -2.042  17.590  0.50 14.36 ? 141 SER A OG  1 
ATOM   1113 N  N   . ILE A 1 161 ? 0.656   -2.474  16.963  1.00 9.78  ? 142 ILE A N   1 
ATOM   1114 C  CA  . ILE A 1 161 ? 1.987   -3.039  17.316  1.00 10.95 ? 142 ILE A CA  1 
ATOM   1115 C  C   . ILE A 1 161 ? 3.123   -2.393  16.554  1.00 10.07 ? 142 ILE A C   1 
ATOM   1116 O  O   . ILE A 1 161 ? 4.289   -2.525  17.017  1.00 11.10 ? 142 ILE A O   1 
ATOM   1117 C  CB  . ILE A 1 161 ? 2.040   -4.541  17.153  1.00 12.95 ? 142 ILE A CB  1 
ATOM   1118 C  CG1 . ILE A 1 161 ? 1.726   -4.955  15.721  1.00 12.49 ? 142 ILE A CG1 1 
ATOM   1119 C  CG2 . ILE A 1 161 ? 1.077   -5.247  18.149  1.00 14.64 ? 142 ILE A CG2 1 
ATOM   1120 C  CD1 . ILE A 1 161 ? 2.040   -6.381  15.365  1.00 15.83 ? 142 ILE A CD1 1 
ATOM   1121 N  N   . ASN A 1 162 ? 2.874   -1.759  15.409  1.00 8.34  ? 143 ASN A N   1 
ATOM   1122 C  CA  . ASN A 1 162 ? 3.911   -1.108  14.608  1.00 8.04  ? 143 ASN A CA  1 
ATOM   1123 C  C   . ASN A 1 162 ? 3.814   0.382   14.753  1.00 7.50  ? 143 ASN A C   1 
ATOM   1124 O  O   . ASN A 1 162 ? 2.758   0.908   15.100  1.00 9.22  ? 143 ASN A O   1 
ATOM   1125 C  CB  . ASN A 1 162 ? 3.736   -1.438  13.117  1.00 8.18  ? 143 ASN A CB  1 
ATOM   1126 C  CG  . ASN A 1 162 ? 3.698   -2.911  12.832  1.00 8.96  ? 143 ASN A CG  1 
ATOM   1127 O  OD1 . ASN A 1 162 ? 2.769   -3.388  12.165  1.00 9.14  ? 143 ASN A OD1 1 
ATOM   1128 N  ND2 . ASN A 1 162 ? 4.707   -3.668  13.274  1.00 9.21  ? 143 ASN A ND2 1 
ATOM   1129 N  N   . ALA A 1 163 ? 4.901   1.076   14.460  1.00 7.81  ? 144 ALA A N   1 
ATOM   1130 C  CA  . ALA A 1 163 ? 4.852   2.521   14.373  1.00 7.86  ? 144 ALA A CA  1 
ATOM   1131 C  C   . ALA A 1 163 ? 3.858   2.940   13.286  1.00 7.60  ? 144 ALA A C   1 
ATOM   1132 O  O   . ALA A 1 163 ? 3.862   2.359   12.206  1.00 9.01  ? 144 ALA A O   1 
ATOM   1133 C  CB  . ALA A 1 163 ? 6.200   3.075   14.027  1.00 8.49  ? 144 ALA A CB  1 
ATOM   1134 N  N   . CYS A 1 164 ? 3.107   3.978   13.595  1.00 7.60  ? 145 CYS A N   1 
ATOM   1135 C  CA  . CYS A 1 164 ? 2.260   4.659   12.621  1.00 8.51  ? 145 CYS A CA  1 
ATOM   1136 C  C   . CYS A 1 164 ? 2.535   6.155   12.766  1.00 8.54  ? 145 CYS A C   1 
ATOM   1137 O  O   . CYS A 1 164 ? 1.772   6.863   13.442  1.00 9.40  ? 145 CYS A O   1 
ATOM   1138 C  CB  . CYS A 1 164 ? 0.784   4.272   12.813  1.00 8.38  ? 145 CYS A CB  1 
ATOM   1139 S  SG  . CYS A 1 164 ? 0.609   2.574   12.170  1.00 7.89  ? 145 CYS A SG  1 
ATOM   1140 N  N   . PRO A 1 165 ? 3.676   6.582   12.209  1.00 9.10  ? 146 PRO A N   1 
ATOM   1141 C  CA  . PRO A 1 165 ? 4.140   7.958   12.524  1.00 9.58  ? 146 PRO A CA  1 
ATOM   1142 C  C   . PRO A 1 165 ? 3.186   9.048   12.025  1.00 9.00  ? 146 PRO A C   1 
ATOM   1143 O  O   . PRO A 1 165 ? 2.565   8.947   10.952  1.00 9.59  ? 146 PRO A O   1 
ATOM   1144 C  CB  . PRO A 1 165 ? 5.438   8.066   11.743  1.00 10.70 ? 146 PRO A CB  1 
ATOM   1145 C  CG  . PRO A 1 165 ? 5.937   6.641   11.608  1.00 11.47 ? 146 PRO A CG  1 
ATOM   1146 C  CD  . PRO A 1 165 ? 4.674   5.830   11.438  1.00 10.15 ? 146 PRO A CD  1 
ATOM   1147 N  N   . ALA A 1 166 ? 3.120   10.129  12.808  1.00 9.50  ? 147 ALA A N   1 
ATOM   1148 C  CA  . ALA A 1 166 ? 2.325   11.277  12.409  1.00 9.67  ? 147 ALA A CA  1 
ATOM   1149 C  C   . ALA A 1 166 ? 2.801   11.903  11.105  1.00 9.37  ? 147 ALA A C   1 
ATOM   1150 O  O   . ALA A 1 166 ? 2.011   12.465  10.340  1.00 10.78 ? 147 ALA A O   1 
ATOM   1151 C  CB  . ALA A 1 166 ? 2.299   12.318  13.527  1.00 9.56  ? 147 ALA A CB  1 
ATOM   1152 N  N   . SER A 1 167 ? 4.091   11.752  10.806  1.00 9.84  ? 148 SER A N   1 
ATOM   1153 C  CA  . SER A 1 167 ? 4.617   12.300  9.589   1.00 10.76 ? 148 SER A CA  1 
ATOM   1154 C  C   . SER A 1 167 ? 4.122   11.644  8.290   1.00 11.67 ? 148 SER A C   1 
ATOM   1155 O  O   . SER A 1 167 ? 4.368   12.146  7.199   1.00 13.31 ? 148 SER A O   1 
ATOM   1156 C  CB  . SER A 1 167 ? 6.153   12.326  9.606   1.00 12.14 ? 148 SER A CB  1 
ATOM   1157 O  OG  . SER A 1 167 ? 6.659   10.987  9.735   1.00 13.31 ? 148 SER A OG  1 
ATOM   1158 N  N   . GLN A 1 168 ? 3.424   10.505  8.421   1.00 11.04 ? 149 GLN A N   1 
ATOM   1159 C  CA  . GLN A 1 168 ? 2.852   9.852   7.246   1.00 11.00 ? 149 GLN A CA  1 
ATOM   1160 C  C   . GLN A 1 168 ? 1.406   10.275  7.048   1.00 10.64 ? 149 GLN A C   1 
ATOM   1161 O  O   . GLN A 1 168 ? 0.750   9.742   6.127   1.00 11.37 ? 149 GLN A O   1 
ATOM   1162 C  CB  . GLN A 1 168 ? 2.959   8.367   7.376   1.00 11.64 ? 149 GLN A CB  1 
ATOM   1163 C  CG  . GLN A 1 168 ? 4.397   7.830   7.349   1.00 12.93 ? 149 GLN A CG  1 
ATOM   1164 C  CD  . GLN A 1 168 ? 4.403   6.328   7.259   1.00 15.93 ? 149 GLN A CD  1 
ATOM   1165 O  OE1 . GLN A 1 168 ? 3.400   5.727   6.877   1.00 22.24 ? 149 GLN A OE1 1 
ATOM   1166 N  NE2 . GLN A 1 168 ? 5.486   5.716   7.605   1.00 19.95 ? 149 GLN A NE2 1 
ATOM   1167 N  N   . ILE A 1 169 ? 0.950   11.298  7.773   1.00 11.51 ? 150 ILE A N   1 
ATOM   1168 C  CA  . ILE A 1 169 ? -0.308  11.990  7.455   1.00 13.33 ? 150 ILE A CA  1 
ATOM   1169 C  C   . ILE A 1 169 ? 0.073   13.282  6.825   1.00 15.88 ? 150 ILE A C   1 
ATOM   1170 O  O   . ILE A 1 169 ? 0.654   14.121  7.507   1.00 15.75 ? 150 ILE A O   1 
ATOM   1171 C  CB  . ILE A 1 169 ? -1.130  12.236  8.756   1.00 16.73 ? 150 ILE A CB  1 
ATOM   1172 C  CG1 . ILE A 1 169 ? -1.287  10.968  9.618   1.00 17.08 ? 150 ILE A CG1 1 
ATOM   1173 C  CG2 . ILE A 1 169 ? -2.513  12.805  8.398   1.00 17.11 ? 150 ILE A CG2 1 
ATOM   1174 C  CD1 . ILE A 1 169 ? -1.771  11.225  11.063  1.00 20.05 ? 150 ILE A CD1 1 
ATOM   1175 N  N   . ILE A 1 170 ? -0.264  13.441  5.542   1.00 17.08 ? 151 ILE A N   1 
ATOM   1176 C  CA  . ILE A 1 170 ? 0.284   14.474  4.675   1.00 19.45 ? 151 ILE A CA  1 
ATOM   1177 C  C   . ILE A 1 170 ? -0.822  15.540  4.522   1.00 27.92 ? 151 ILE A C   1 
ATOM   1178 O  O   . ILE A 1 170 ? -1.937  15.207  4.138   1.00 30.71 ? 151 ILE A O   1 
ATOM   1179 C  CB  . ILE A 1 170 ? 0.648   13.920  3.276   1.00 19.88 ? 151 ILE A CB  1 
ATOM   1180 C  CG1 . ILE A 1 170 ? 1.409   12.625  3.357   1.00 22.00 ? 151 ILE A CG1 1 
ATOM   1181 C  CG2 . ILE A 1 170 ? 1.481   14.932  2.469   1.00 19.99 ? 151 ILE A CG2 1 
ATOM   1182 C  CD1 . ILE A 1 170 ? 2.741   12.697  3.997   1.00 23.84 ? 151 ILE A CD1 1 
ATOM   1183 N  N   . THR A 1 171 ? -0.504  16.802  4.808   1.00 33.39 ? 152 THR A N   1 
ATOM   1184 C  CA  . THR A 1 171 ? -1.499  17.900  4.758   1.00 40.30 ? 152 THR A CA  1 
ATOM   1185 C  C   . THR A 1 171 ? -0.912  19.164  5.383   1.00 39.89 ? 152 THR A C   1 
ATOM   1186 O  O   . THR A 1 171 ? -0.422  19.154  6.527   1.00 39.38 ? 152 THR A O   1 
ATOM   1187 C  CB  . THR A 1 171 ? -2.811  17.515  5.465   1.00 41.16 ? 152 THR A CB  1 
HETATM 1188 NA NA  . NA  B 2 .   ? 10.883  1.088   -4.434  1.00 12.09 ? 201 NA  A NA  1 
HETATM 1189 O  O   . HOH C 3 .   ? 9.246   7.047   -9.441  1.00 28.93 ? 301 HOH A O   1 
HETATM 1190 O  O   . HOH C 3 .   ? 16.625  -1.632  0.040   1.00 30.43 ? 302 HOH A O   1 
HETATM 1191 O  O   . HOH C 3 .   ? 13.980  -6.048  -5.950  1.00 26.59 ? 303 HOH A O   1 
HETATM 1192 O  O   . HOH C 3 .   ? 10.270  -15.363 -0.746  1.00 27.47 ? 304 HOH A O   1 
HETATM 1193 O  O   . HOH C 3 .   ? 10.375  -10.928 0.082   1.00 34.87 ? 305 HOH A O   1 
HETATM 1194 O  O   . HOH C 3 .   ? 5.310   -8.117  14.706  1.00 24.93 ? 306 HOH A O   1 
HETATM 1195 O  O   . HOH C 3 .   ? 8.520   -1.881  -20.909 1.00 32.36 ? 307 HOH A O   1 
HETATM 1196 O  O   . HOH C 3 .   ? -5.085  16.609  -8.036  1.00 31.69 ? 308 HOH A O   1 
HETATM 1197 O  O   . HOH C 3 .   ? -12.500 1.592   4.965   1.00 31.70 ? 309 HOH A O   1 
HETATM 1198 O  O   . HOH C 3 .   ? -10.969 -10.878 3.781   1.00 27.95 ? 310 HOH A O   1 
HETATM 1199 O  O   . HOH C 3 .   ? -8.681  -5.356  -10.697 1.00 33.44 ? 311 HOH A O   1 
HETATM 1200 O  O   . HOH C 3 .   ? 11.734  4.374   -10.400 1.00 30.37 ? 312 HOH A O   1 
HETATM 1201 O  O   . HOH C 3 .   ? -6.396  1.510   13.341  1.00 14.33 ? 313 HOH A O   1 
HETATM 1202 O  O   . HOH C 3 .   ? 7.288   -0.318  13.614  1.00 12.75 ? 314 HOH A O   1 
HETATM 1203 O  O   . HOH C 3 .   ? 2.769   15.344  8.455   1.00 25.94 ? 315 HOH A O   1 
HETATM 1204 O  O   . HOH C 3 .   ? 7.031   2.017   -19.693 1.00 27.82 ? 316 HOH A O   1 
HETATM 1205 O  O   . HOH C 3 .   ? -4.382  -6.230  15.917  1.00 21.63 ? 317 HOH A O   1 
HETATM 1206 O  O   . HOH C 3 .   ? -13.553 -3.136  -4.343  1.00 27.18 ? 318 HOH A O   1 
HETATM 1207 O  O   . HOH C 3 .   ? 8.615   11.054  11.492  1.00 17.34 ? 319 HOH A O   1 
HETATM 1208 O  O   . HOH C 3 .   ? -7.999  6.924   3.997   1.00 29.15 ? 320 HOH A O   1 
HETATM 1209 O  O   . HOH C 3 .   ? -4.338  11.479  0.798   1.00 15.53 ? 321 HOH A O   1 
HETATM 1210 O  O   . HOH C 3 .   ? -4.088  13.741  4.549   1.00 34.68 ? 322 HOH A O   1 
HETATM 1211 O  O   . HOH C 3 .   ? 7.892   8.064   -4.137  1.00 11.66 ? 323 HOH A O   1 
HETATM 1212 O  O   . HOH C 3 .   ? 2.506   4.240   8.866   1.00 17.47 ? 324 HOH A O   1 
HETATM 1213 O  O   . HOH C 3 .   ? 0.305   17.504  -6.919  1.00 29.24 ? 325 HOH A O   1 
HETATM 1214 O  O   . HOH C 3 .   ? 2.040   8.058   -9.443  1.00 24.99 ? 326 HOH A O   1 
HETATM 1215 O  O   . HOH C 3 .   ? 0.172   -11.908 -12.628 1.00 26.71 ? 327 HOH A O   1 
HETATM 1216 O  O   . HOH C 3 .   ? -0.272  -3.586  21.456  1.00 41.55 ? 328 HOH A O   1 
HETATM 1217 O  O   . HOH C 3 .   ? 1.545   10.829  -0.971  1.00 13.38 ? 329 HOH A O   1 
HETATM 1218 O  O   . HOH C 3 .   ? 11.095  -5.317  8.820   1.00 25.52 ? 330 HOH A O   1 
HETATM 1219 O  O   . HOH C 3 .   ? 14.900  -3.446  -5.853  1.00 23.93 ? 331 HOH A O   1 
HETATM 1220 O  O   . HOH C 3 .   ? 5.951   10.838  4.951   1.00 20.12 ? 332 HOH A O   1 
HETATM 1221 O  O   . HOH C 3 .   ? 6.619   7.142   -12.669 1.00 31.43 ? 333 HOH A O   1 
HETATM 1222 O  O   . HOH C 3 .   ? 8.329   7.962   14.348  1.00 16.64 ? 334 HOH A O   1 
HETATM 1223 O  O   . HOH C 3 .   ? 3.852   -17.751 -0.977  1.00 28.11 ? 335 HOH A O   1 
HETATM 1224 O  O   . HOH C 3 .   ? 15.953  -2.197  2.661   1.00 27.99 ? 336 HOH A O   1 
HETATM 1225 O  O   . HOH C 3 .   ? 12.076  1.167   -10.877 1.00 33.84 ? 337 HOH A O   1 
HETATM 1226 O  O   . HOH C 3 .   ? -4.092  -14.694 -4.756  1.00 29.28 ? 338 HOH A O   1 
HETATM 1227 O  O   . HOH C 3 .   ? -12.023 3.153   -6.395  1.00 20.21 ? 339 HOH A O   1 
HETATM 1228 O  O   . HOH C 3 .   ? -13.279 0.705   16.909  1.00 30.04 ? 340 HOH A O   1 
HETATM 1229 O  O   . HOH C 3 .   ? -11.107 -2.927  -5.722  1.00 24.43 ? 341 HOH A O   1 
HETATM 1230 O  O   . HOH C 3 .   ? 4.895   -2.518  19.650  1.00 20.78 ? 342 HOH A O   1 
HETATM 1231 O  O   . HOH C 3 .   ? -2.127  9.577   6.352   1.00 22.74 ? 343 HOH A O   1 
HETATM 1232 O  O   . HOH C 3 .   ? 2.038   8.340   15.925  1.00 17.00 ? 344 HOH A O   1 
HETATM 1233 O  O   . HOH C 3 .   ? 4.923   -6.521  12.715  1.00 11.78 ? 345 HOH A O   1 
HETATM 1234 O  O   . HOH C 3 .   ? 2.653   -5.946  11.274  1.00 11.39 ? 346 HOH A O   1 
HETATM 1235 O  O   . HOH C 3 .   ? 0.136   6.097   -9.785  1.00 18.23 ? 347 HOH A O   1 
HETATM 1236 O  O   . HOH C 3 .   ? 0.843   11.469  -3.495  1.00 12.82 ? 348 HOH A O   1 
HETATM 1237 O  O   . HOH C 3 .   ? 10.192  8.702   -5.550  1.00 16.82 ? 349 HOH A O   1 
HETATM 1238 O  O   . HOH C 3 .   ? 16.390  -0.833  -4.333  1.00 22.24 ? 350 HOH A O   1 
HETATM 1239 O  O   . HOH C 3 .   ? 12.589  -6.342  -3.382  1.00 18.05 ? 351 HOH A O   1 
HETATM 1240 O  O   . HOH C 3 .   ? -2.778  -5.846  19.024  1.00 33.96 ? 352 HOH A O   1 
HETATM 1241 O  O   . HOH C 3 .   ? 12.948  2.322   -14.302 1.00 33.55 ? 353 HOH A O   1 
HETATM 1242 O  O   . HOH C 3 .   ? 3.070   11.817  17.214  1.00 28.05 ? 354 HOH A O   1 
HETATM 1243 O  O   . HOH C 3 .   ? -2.327  11.629  4.535   1.00 16.82 ? 355 HOH A O   1 
HETATM 1244 O  O   . HOH C 3 .   ? 3.591   -19.849 3.633   1.00 34.14 ? 356 HOH A O   1 
HETATM 1245 O  O   . HOH C 3 .   ? 8.412   14.059  -8.493  1.00 29.59 ? 357 HOH A O   1 
HETATM 1246 O  O   . HOH C 3 .   ? -4.556  -18.875 4.282   1.00 17.08 ? 358 HOH A O   1 
HETATM 1247 O  O   . HOH C 3 .   ? -4.938  -2.512  15.110  1.00 35.82 ? 359 HOH A O   1 
HETATM 1248 O  O   . HOH C 3 .   ? 1.023   2.944   15.867  1.00 10.27 ? 360 HOH A O   1 
HETATM 1249 O  O   . HOH C 3 .   ? -5.994  -2.356  -17.029 1.00 27.45 ? 361 HOH A O   1 
HETATM 1250 O  O   . HOH C 3 .   ? -2.805  4.040   -8.853  1.00 12.79 ? 362 HOH A O   1 
HETATM 1251 O  O   . HOH C 3 .   ? 10.045  1.545   -1.102  1.00 13.48 ? 363 HOH A O   1 
HETATM 1252 O  O   . HOH C 3 .   ? -0.174  -13.453 -7.749  1.00 22.84 ? 364 HOH A O   1 
HETATM 1253 O  O   . HOH C 3 .   ? 6.621   17.344  -0.536  1.00 19.09 ? 365 HOH A O   1 
HETATM 1254 O  O   . HOH C 3 .   ? 0.928   9.862   -7.344  1.00 17.31 ? 366 HOH A O   1 
HETATM 1255 O  O   . HOH C 3 .   ? -7.798  1.866   15.720  1.00 17.96 ? 367 HOH A O   1 
HETATM 1256 O  O   . HOH C 3 .   ? -10.456 -10.551 6.304   1.00 18.76 ? 368 HOH A O   1 
HETATM 1257 O  O   . HOH C 3 .   ? 2.188   -12.018 -4.213  1.00 12.64 ? 369 HOH A O   1 
HETATM 1258 O  O   . HOH C 3 .   ? 7.728   7.288   7.357   1.00 22.75 ? 370 HOH A O   1 
HETATM 1259 O  O   . HOH C 3 .   ? 4.056   9.497   -1.809  1.00 10.81 ? 371 HOH A O   1 
HETATM 1260 O  O   . HOH C 3 .   ? -0.113  -10.077 12.534  1.00 26.11 ? 372 HOH A O   1 
HETATM 1261 O  O   . HOH C 3 .   ? 1.462   -20.174 6.718   1.00 33.32 ? 373 HOH A O   1 
HETATM 1262 O  O   . HOH C 3 .   ? 8.031   -8.013  13.795  1.00 31.55 ? 374 HOH A O   1 
HETATM 1263 O  O   . HOH C 3 .   ? -10.560 5.003   7.259   1.00 21.91 ? 375 HOH A O   1 
HETATM 1264 O  O   . HOH C 3 .   ? -0.777  0.047   20.999  1.00 39.10 ? 376 HOH A O   1 
HETATM 1265 O  O   . HOH C 3 .   ? -9.156  4.887   17.073  1.00 34.37 ? 377 HOH A O   1 
HETATM 1266 O  O   . HOH C 3 .   ? 0.584   -7.535  11.979  1.00 17.50 ? 378 HOH A O   1 
HETATM 1267 O  O   . HOH C 3 .   ? 4.406   -16.088 6.997   1.00 38.63 ? 379 HOH A O   1 
HETATM 1268 O  O   . HOH C 3 .   ? -1.398  -17.078 11.135  1.00 20.22 ? 380 HOH A O   1 
HETATM 1269 O  O   . HOH C 3 .   ? 8.637   -9.913  -6.253  1.00 23.17 ? 381 HOH A O   1 
HETATM 1270 O  O   . HOH C 3 .   ? 5.653   -12.002 6.626   1.00 21.88 ? 382 HOH A O   1 
HETATM 1271 O  O   . HOH C 3 .   ? -5.555  3.491   -15.696 1.00 27.58 ? 383 HOH A O   1 
HETATM 1272 O  O   . HOH C 3 .   ? -4.259  3.257   16.304  1.00 19.04 ? 384 HOH A O   1 
HETATM 1273 O  O   . HOH C 3 .   ? -10.463 -14.139 2.417   1.00 19.56 ? 385 HOH A O   1 
HETATM 1274 O  O   . HOH C 3 .   ? -0.150  9.034   13.419  1.00 22.94 ? 386 HOH A O   1 
HETATM 1275 O  O   . HOH C 3 .   ? 6.106   11.475  12.962  1.00 14.50 ? 387 HOH A O   1 
HETATM 1276 O  O   . HOH C 3 .   ? 2.238   -14.709 -4.209  1.00 25.04 ? 388 HOH A O   1 
HETATM 1277 O  O   . HOH C 3 .   ? 3.887   -5.401  8.858   1.00 13.25 ? 389 HOH A O   1 
HETATM 1278 O  O   . HOH C 3 .   ? 4.943   -4.896  5.836   1.00 21.00 ? 390 HOH A O   1 
HETATM 1279 O  O   . HOH C 3 .   ? 7.481   -2.095  1.783   1.00 16.58 ? 391 HOH A O   1 
HETATM 1280 O  O   . HOH C 3 .   ? 11.331  5.944   -8.289  1.00 25.60 ? 392 HOH A O   1 
HETATM 1281 O  O   . HOH C 3 .   ? -0.862  1.698   19.233  1.00 28.83 ? 393 HOH A O   1 
HETATM 1282 O  O   . HOH C 3 .   ? 7.444   10.018  7.220   1.00 27.08 ? 394 HOH A O   1 
HETATM 1283 O  O   . HOH C 3 .   ? 14.199  -5.135  1.329   1.00 25.06 ? 395 HOH A O   1 
HETATM 1284 O  O   . HOH C 3 .   ? -13.916 -4.299  4.806   1.00 21.88 ? 396 HOH A O   1 
HETATM 1285 O  O   . HOH C 3 .   ? -2.721  17.359  -4.303  1.00 24.03 ? 397 HOH A O   1 
HETATM 1286 O  O   . HOH C 3 .   ? -8.005  -3.527  15.685  1.00 25.34 ? 398 HOH A O   1 
HETATM 1287 O  O   . HOH C 3 .   ? 11.441  -5.173  -11.309 1.00 17.10 ? 399 HOH A O   1 
HETATM 1288 O  O   . HOH C 3 .   ? 15.173  6.364   -10.162 1.00 37.27 ? 400 HOH A O   1 
HETATM 1289 O  O   . HOH C 3 .   ? -2.972  -13.766 12.822  1.00 28.60 ? 401 HOH A O   1 
HETATM 1290 O  O   . HOH C 3 .   ? 3.554   -9.135  -12.955 1.00 18.92 ? 402 HOH A O   1 
HETATM 1291 O  O   . HOH C 3 .   ? -9.746  6.546   -12.206 1.00 29.52 ? 403 HOH A O   1 
HETATM 1292 O  O   . HOH C 3 .   ? -9.933  7.248   -5.746  1.00 19.80 ? 404 HOH A O   1 
HETATM 1293 O  O   . HOH C 3 .   ? 9.413   -0.553  0.573   1.00 12.83 ? 405 HOH A O   1 
HETATM 1294 O  O   . HOH C 3 .   ? -4.835  8.644   4.364   1.00 25.09 ? 406 HOH A O   1 
HETATM 1295 O  O   . HOH C 3 .   ? 7.770   12.845  1.620   1.00 24.63 ? 407 HOH A O   1 
HETATM 1296 O  O   . HOH C 3 .   ? 11.127  -0.879  -18.286 1.00 29.18 ? 408 HOH A O   1 
HETATM 1297 O  O   . HOH C 3 .   ? 7.293   0.281   3.455   1.00 28.29 ? 409 HOH A O   1 
HETATM 1298 O  O   . HOH C 3 .   ? 9.001   9.683   -7.980  1.00 23.58 ? 410 HOH A O   1 
HETATM 1299 O  O   . HOH C 3 .   ? 16.861  0.755   0.848   1.00 33.78 ? 411 HOH A O   1 
HETATM 1300 O  O   . HOH C 3 .   ? 0.341   14.427  11.564  1.00 30.21 ? 412 HOH A O   1 
HETATM 1301 O  O   . HOH C 3 .   ? -13.602 0.282   -6.354  1.00 31.50 ? 413 HOH A O   1 
HETATM 1302 O  O   . HOH C 3 .   ? -13.293 -12.110 -4.112  1.00 26.23 ? 414 HOH A O   1 
HETATM 1303 O  O   . HOH C 3 .   ? 8.664   -10.836 8.536   1.00 25.69 ? 415 HOH A O   1 
HETATM 1304 O  O   . HOH C 3 .   ? 5.608   2.325   9.929   1.00 29.68 ? 416 HOH A O   1 
HETATM 1305 O  O   . HOH C 3 .   ? -15.504 -6.080  0.262   1.00 24.60 ? 417 HOH A O   1 
HETATM 1306 O  O   . HOH C 3 .   ? 4.076   -16.230 -7.368  1.00 23.72 ? 418 HOH A O   1 
HETATM 1307 O  O   . HOH C 3 .   ? -10.787 -10.095 10.287  1.00 21.12 ? 419 HOH A O   1 
HETATM 1308 O  O   . HOH C 3 .   ? 14.754  5.964   -0.803  1.00 21.64 ? 420 HOH A O   1 
HETATM 1309 O  O   . HOH C 3 .   ? 1.597   9.276   19.115  1.00 36.46 ? 421 HOH A O   1 
HETATM 1310 O  O   . HOH C 3 .   ? 9.444   -13.118 5.040   1.00 30.39 ? 422 HOH A O   1 
HETATM 1311 O  O   . HOH C 3 .   ? -12.851 3.138   2.284   1.00 19.30 ? 423 HOH A O   1 
HETATM 1312 O  O   . HOH C 3 .   ? 9.069   3.744   0.388   1.00 15.25 ? 424 HOH A O   1 
HETATM 1313 O  O   . HOH C 3 .   ? 9.180   7.844   3.175   1.00 21.71 ? 425 HOH A O   1 
HETATM 1314 O  O   . HOH C 3 .   ? 4.532   7.347   20.359  1.00 19.52 ? 426 HOH A O   1 
HETATM 1315 O  O   . HOH C 3 .   ? 8.662   2.085   7.071   1.00 23.32 ? 427 HOH A O   1 
HETATM 1316 O  O   . HOH C 3 .   ? -3.973  -10.578 -6.491  1.00 17.97 ? 428 HOH A O   1 
HETATM 1317 O  O   . HOH C 3 .   ? -12.473 3.304   18.352  1.00 31.71 ? 429 HOH A O   1 
HETATM 1318 O  O   . HOH C 3 .   ? -5.815  -4.055  16.723  1.00 28.52 ? 430 HOH A O   1 
HETATM 1319 O  O   . HOH C 3 .   ? -11.730 9.835   15.495  1.00 30.21 ? 431 HOH A O   1 
HETATM 1320 O  O   . HOH C 3 .   ? -3.581  7.954   10.739  1.00 21.39 ? 432 HOH A O   1 
HETATM 1321 O  O   . HOH C 3 .   ? 3.484   18.235  1.808   1.00 21.93 ? 433 HOH A O   1 
HETATM 1322 O  O   . HOH C 3 .   ? -6.508  5.195   17.152  1.00 26.00 ? 434 HOH A O   1 
HETATM 1323 O  O   . HOH C 3 .   ? 14.060  3.105   -11.158 1.00 27.44 ? 435 HOH A O   1 
HETATM 1324 O  O   . HOH C 3 .   ? 3.167   0.460   17.973  1.00 19.38 ? 436 HOH A O   1 
HETATM 1325 O  O   . HOH C 3 .   ? 8.204   15.096  -1.463  1.00 23.00 ? 437 HOH A O   1 
HETATM 1326 O  O   . HOH C 3 .   ? -12.465 7.362   0.119   1.00 26.77 ? 438 HOH A O   1 
HETATM 1327 O  O   . HOH C 3 .   ? -4.364  0.720   16.009  1.00 16.30 ? 439 HOH A O   1 
HETATM 1328 O  O   . HOH C 3 .   ? -10.328 -10.970 -7.719  1.00 34.28 ? 440 HOH A O   1 
HETATM 1329 O  O   . HOH C 3 .   ? -3.547  -19.459 1.674   1.00 28.54 ? 441 HOH A O   1 
HETATM 1330 O  O   . HOH C 3 .   ? 3.504   7.145   -20.679 1.00 24.94 ? 442 HOH A O   1 
HETATM 1331 O  O   . HOH C 3 .   ? -4.529  9.125   12.580  1.00 31.80 ? 443 HOH A O   1 
HETATM 1332 O  O   . HOH C 3 .   ? 7.414   3.932   8.974   1.00 32.46 ? 444 HOH A O   1 
HETATM 1333 O  O   . HOH C 3 .   ? -7.826  -14.089 -6.649  1.00 35.13 ? 445 HOH A O   1 
HETATM 1334 O  O   . HOH C 3 .   ? 16.986  3.382   -8.811  1.00 34.41 ? 446 HOH A O   1 
HETATM 1335 O  O   . HOH C 3 .   ? 10.002  -6.694  16.108  1.00 22.51 ? 447 HOH A O   1 
HETATM 1336 O  O   . HOH C 3 .   ? -7.618  8.432   0.596   1.00 19.15 ? 448 HOH A O   1 
HETATM 1337 O  O   . HOH C 3 .   ? -6.005  7.217   6.825   1.00 26.02 ? 449 HOH A O   1 
HETATM 1338 O  O   . HOH C 3 .   ? 9.045   -1.671  4.789   1.00 32.16 ? 450 HOH A O   1 
HETATM 1339 O  O   . HOH C 3 .   ? 3.345   -7.557  -17.571 1.00 17.85 ? 451 HOH A O   1 
HETATM 1340 O  O   . HOH C 3 .   ? 4.231   -10.710 -10.710 1.00 17.39 ? 452 HOH A O   1 
HETATM 1341 O  O   . HOH C 3 .   ? -10.880 5.932   3.813   1.00 27.82 ? 453 HOH A O   1 
HETATM 1342 O  O   . HOH C 3 .   ? 16.792  3.755   -0.163  1.00 38.81 ? 454 HOH A O   1 
HETATM 1343 O  O   . HOH C 3 .   ? -6.188  -6.574  -13.579 1.00 36.27 ? 455 HOH A O   1 
HETATM 1344 O  O   . HOH C 3 .   ? -2.159  -18.782 8.605   1.00 12.78 ? 456 HOH A O   1 
HETATM 1345 O  O   . HOH C 3 .   ? -14.545 -9.788  5.532   1.00 29.65 ? 457 HOH A O   1 
HETATM 1346 O  O   . HOH C 3 .   ? -0.015  12.626  -18.739 1.00 30.79 ? 458 HOH A O   1 
HETATM 1347 O  O   . HOH C 3 .   ? -9.569  5.253   21.678  1.00 33.91 ? 459 HOH A O   1 
HETATM 1348 O  O   . HOH C 3 .   ? -6.935  1.793   18.369  1.00 28.77 ? 460 HOH A O   1 
HETATM 1349 O  O   . HOH C 3 .   ? -7.461  12.149  -0.200  1.00 35.12 ? 461 HOH A O   1 
HETATM 1350 O  O   . HOH C 3 .   ? 15.593  -3.151  -8.375  1.00 36.53 ? 462 HOH A O   1 
HETATM 1351 O  O   . HOH C 3 .   ? 2.229   -1.539  -18.028 1.00 15.71 ? 463 HOH A O   1 
HETATM 1352 O  O   . HOH C 3 .   ? -7.977  15.383  -2.647  1.00 38.50 ? 464 HOH A O   1 
HETATM 1353 O  O   . HOH C 3 .   ? 1.307   -17.788 11.321  1.00 27.39 ? 465 HOH A O   1 
HETATM 1354 O  O   . HOH C 3 .   ? -14.615 0.637   14.486  1.00 19.14 ? 466 HOH A O   1 
HETATM 1355 O  O   . HOH C 3 .   ? 6.816   -10.536 -9.570  1.00 31.23 ? 467 HOH A O   1 
HETATM 1356 O  O   . HOH C 3 .   ? 13.527  -6.648  -0.829  1.00 29.19 ? 468 HOH A O   1 
HETATM 1357 O  O   . HOH C 3 .   ? -2.168  9.811   17.341  1.00 36.00 ? 469 HOH A O   1 
HETATM 1358 O  O   . HOH C 3 .   ? 7.914   12.226  15.789  1.00 22.78 ? 470 HOH A O   1 
HETATM 1359 O  O   . HOH C 3 .   ? -2.012  -19.205 5.569   1.00 18.52 ? 471 HOH A O   1 
HETATM 1360 O  O   . HOH C 3 .   ? -8.994  1.280   20.336  1.00 29.85 ? 472 HOH A O   1 
HETATM 1361 O  O   . HOH C 3 .   ? 9.275   10.048  16.360  1.00 20.98 ? 473 HOH A O   1 
HETATM 1362 O  O   . HOH C 3 .   ? 2.877   16.378  6.051   1.00 37.98 ? 474 HOH A O   1 
HETATM 1363 O  O   . HOH C 3 .   ? 7.779   -2.579  20.184  1.00 21.31 ? 475 HOH A O   1 
HETATM 1364 O  O   . HOH C 3 .   ? 16.370  -4.053  -0.520  1.00 34.03 ? 476 HOH A O   1 
HETATM 1365 O  O   . HOH C 3 .   ? 9.402   -10.955 -2.888  1.00 41.23 ? 477 HOH A O   1 
HETATM 1366 O  O   . HOH C 3 .   ? 12.477  9.975   -5.597  1.00 27.35 ? 478 HOH A O   1 
HETATM 1367 O  O   . HOH C 3 .   ? -2.312  -11.970 14.574  1.00 36.02 ? 479 HOH A O   1 
HETATM 1368 O  O   . HOH C 3 .   ? -6.080  9.864   2.398   1.00 22.13 ? 480 HOH A O   1 
HETATM 1369 O  O   . HOH C 3 .   ? 4.417   -9.479  -15.805 1.00 36.91 ? 481 HOH A O   1 
HETATM 1370 O  O   . HOH C 3 .   ? -7.422  1.114   22.895  1.00 34.56 ? 482 HOH A O   1 
HETATM 1371 O  O   . HOH C 3 .   ? -6.621  9.176   -17.144 1.00 33.75 ? 483 HOH A O   1 
HETATM 1372 O  O   . HOH C 3 .   ? -10.449 5.223   -7.513  1.00 22.40 ? 484 HOH A O   1 
HETATM 1373 O  O   . HOH C 3 .   ? -16.579 -8.117  4.215   1.00 32.85 ? 485 HOH A O   1 
HETATM 1374 O  O   . HOH C 3 .   ? 0.738   -15.511 -6.383  1.00 30.34 ? 486 HOH A O   1 
HETATM 1375 O  O   . HOH C 3 .   ? -10.340 7.560   7.317   1.00 27.27 ? 487 HOH A O   1 
HETATM 1376 O  O   . HOH C 3 .   ? 3.254   -9.862  14.716  1.00 37.95 ? 488 HOH A O   1 
HETATM 1377 O  O   . HOH C 3 .   ? -12.386 -8.744  6.900   1.00 21.45 ? 489 HOH A O   1 
HETATM 1378 O  O   . HOH C 3 .   ? -10.890 -10.037 13.288  1.00 35.21 ? 490 HOH A O   1 
HETATM 1379 O  O   . HOH C 3 .   ? -0.151  10.541  15.485  1.00 26.25 ? 491 HOH A O   1 
HETATM 1380 O  O   . HOH C 3 .   ? -8.537  -0.756  16.365  1.00 33.84 ? 492 HOH A O   1 
HETATM 1381 O  O   . HOH C 3 .   ? 13.150  6.110   1.647   1.00 29.82 ? 493 HOH A O   1 
HETATM 1382 O  O   . HOH C 3 .   ? -16.819 -8.292  1.264   1.00 30.07 ? 494 HOH A O   1 
HETATM 1383 O  O   . HOH C 3 .   ? 9.243   1.718   2.374   1.00 19.06 ? 495 HOH A O   1 
HETATM 1384 O  O   . HOH C 3 .   ? 1.267   -8.410  -18.864 1.00 30.97 ? 496 HOH A O   1 
HETATM 1385 O  O   . HOH C 3 .   ? 9.098   6.781   9.837   1.00 26.64 ? 497 HOH A O   1 
HETATM 1386 O  O   . HOH C 3 .   ? 12.018  -8.790  0.616   1.00 32.62 ? 498 HOH A O   1 
HETATM 1387 O  O   . HOH C 3 .   ? 10.647  10.418  2.678   1.00 32.37 ? 499 HOH A O   1 
HETATM 1388 O  O   . HOH C 3 .   ? 9.543   8.550   12.063  1.00 22.38 ? 500 HOH A O   1 
HETATM 1389 O  O   . HOH C 3 .   ? -11.334 -12.684 8.475   1.00 26.75 ? 501 HOH A O   1 
HETATM 1390 O  O   . HOH C 3 .   ? -11.425 5.723   -9.965  1.00 26.05 ? 502 HOH A O   1 
HETATM 1391 O  O   . HOH C 3 .   ? 7.434   12.659  3.915   1.00 34.60 ? 503 HOH A O   1 
HETATM 1392 O  O   . HOH C 3 .   ? 15.402  8.386   -1.764  1.00 29.60 ? 504 HOH A O   1 
HETATM 1393 O  O   . HOH C 3 .   ? 6.604   -12.597 8.990   1.00 32.73 ? 505 HOH A O   1 
HETATM 1394 O  O   . HOH C 3 .   ? -10.974 -1.158  17.327  1.00 33.03 ? 506 HOH A O   1 
HETATM 1395 O  O   . HOH C 3 .   ? 10.659  1.964   4.821   1.00 35.58 ? 507 HOH A O   1 
HETATM 1396 O  O   . HOH C 3 .   ? 9.772   14.664  0.906   1.00 22.87 ? 508 HOH A O   1 
HETATM 1397 O  O   . HOH C 3 .   ? -3.356  -13.159 -6.948  1.00 32.84 ? 509 HOH A O   1 
HETATM 1398 O  O   . HOH C 3 .   ? 10.608  5.487   1.955   1.00 22.26 ? 510 HOH A O   1 
HETATM 1399 O  O   . HOH C 3 .   ? 14.414  10.035  -3.743  1.00 29.87 ? 511 HOH A O   1 
HETATM 1400 O  O   . HOH C 3 .   ? -2.433  -14.081 -8.758  1.00 28.34 ? 512 HOH A O   1 
HETATM 1401 O  O   . HOH C 3 .   ? -2.700  -13.586 -11.350 1.00 36.19 ? 513 HOH A O   1 
HETATM 1402 O  O   . HOH C 3 .   ? -7.912  11.014  4.105   1.00 40.51 ? 514 HOH A O   1 
# 
